data_6BZA
#
_entry.id   6BZA
#
_cell.length_a   64.242
_cell.length_b   156.980
_cell.length_c   213.710
_cell.angle_alpha   90.00
_cell.angle_beta   90.00
_cell.angle_gamma   90.00
#
_symmetry.space_group_name_H-M   'P 21 21 21'
#
loop_
_entity.id
_entity.type
_entity.pdbx_description
1 polymer 'Halogenase PltM'
2 non-polymer benzene-1,3,5-triol
3 non-polymer 'FLAVIN-ADENINE DINUCLEOTIDE'
4 non-polymer 'CHLORIDE ION'
5 water water
#
_entity_poly.entity_id   1
_entity_poly.type   'polypeptide(L)'
_entity_poly.pdbx_seq_one_letter_code
;MGSSHHHHHHSSGLVPRGSHMNQYDVIIIGSGIAGALTGAVLAKSGLNVLILDSAQHPRFSVGEAATPESGFLLRLLSKR
FDIPEIAYLSHPDKIIQHVGSSACGIKLGFSFAWHQENAPSSPDHLVAPPLKVPEAHLFRQDIDYFALMIALKHGAESRQ
NIKIESISLNDDGVEVALSNAAPVKAAFIIDAAAQGSPLSRQLGLRTTEGLATDTCSFFTHMLNVKSYEDALAPLSRTRS
PIELFKSTLHHIFEEGWLWVIPFNNHPQGTNQLCSIGFQFNNAKYRPTEAPEIEFRKLLKKYPAIGEHFKDAVNAREWIY
APRINYRSVQNVGDRFCLLPQATGFIDPLFSRGLITTFESILRLAPKVLDAARSNRWQREQFIEVERHCLNAVATNDQLV
SCSYEAFSDFHLWNVWHRVWLSGSNLGSAFLQKLLHDLEHSGDARQFDAALEAVRFPGCLSLDSPAYESLFRQSCQVMQQ
AREQARPVAETANALHELIKEHEAELLPLGYSRISNRFILKV
;
_entity_poly.pdbx_strand_id   A,B,C,D
#
# COMPACT_ATOMS: atom_id res chain seq x y z
N ASN A 22 -20.35 -7.37 34.80
CA ASN A 22 -20.18 -6.75 33.45
C ASN A 22 -20.87 -7.55 32.32
N GLN A 23 -22.02 -7.05 31.87
CA GLN A 23 -22.80 -7.65 30.78
C GLN A 23 -22.05 -7.78 29.44
N TYR A 24 -21.20 -6.78 29.17
CA TYR A 24 -20.43 -6.71 27.92
C TYR A 24 -18.94 -6.53 28.16
N ASP A 25 -18.17 -6.65 27.10
CA ASP A 25 -16.72 -6.42 27.11
C ASP A 25 -16.35 -5.00 26.67
N VAL A 26 -16.97 -4.53 25.59
CA VAL A 26 -16.77 -3.16 25.10
C VAL A 26 -18.13 -2.51 24.85
N ILE A 27 -18.26 -1.23 25.19
CA ILE A 27 -19.38 -0.40 24.75
C ILE A 27 -18.84 0.66 23.76
N ILE A 28 -19.53 0.81 22.63
CA ILE A 28 -19.18 1.79 21.61
C ILE A 28 -20.30 2.82 21.51
N ILE A 29 -19.95 4.10 21.65
CA ILE A 29 -20.89 5.20 21.40
C ILE A 29 -20.73 5.62 19.94
N GLY A 30 -21.86 5.82 19.25
CA GLY A 30 -21.86 6.15 17.82
C GLY A 30 -21.87 4.90 16.95
N SER A 31 -22.82 4.83 16.03
CA SER A 31 -23.01 3.67 15.15
C SER A 31 -22.80 4.00 13.67
N GLY A 32 -22.10 5.10 13.40
CA GLY A 32 -21.61 5.41 12.06
C GLY A 32 -20.44 4.52 11.69
N ILE A 33 -19.73 4.86 10.60
CA ILE A 33 -18.72 3.96 10.04
C ILE A 33 -17.58 3.61 11.02
N ALA A 34 -17.14 4.57 11.83
CA ALA A 34 -16.08 4.33 12.81
C ALA A 34 -16.48 3.29 13.86
N GLY A 35 -17.54 3.57 14.60
CA GLY A 35 -18.03 2.66 15.64
C GLY A 35 -18.52 1.32 15.11
N ALA A 36 -19.06 1.32 13.90
CA ALA A 36 -19.55 0.10 13.26
C ALA A 36 -18.42 -0.85 12.93
N LEU A 37 -17.39 -0.34 12.26
CA LEU A 37 -16.20 -1.14 11.93
C LEU A 37 -15.41 -1.59 13.17
N THR A 38 -15.33 -0.72 14.16
CA THR A 38 -14.73 -1.06 15.45
C THR A 38 -15.50 -2.22 16.10
N GLY A 39 -16.82 -2.15 16.08
CA GLY A 39 -17.65 -3.23 16.58
C GLY A 39 -17.51 -4.50 15.78
N ALA A 40 -17.42 -4.37 14.46
CA ALA A 40 -17.23 -5.51 13.58
C ALA A 40 -15.95 -6.28 13.90
N VAL A 41 -14.81 -5.59 13.98
CA VAL A 41 -13.51 -6.26 14.20
C VAL A 41 -13.40 -6.90 15.59
N LEU A 42 -13.97 -6.22 16.59
CA LEU A 42 -13.96 -6.72 17.95
C LEU A 42 -14.90 -7.91 18.16
N ALA A 43 -16.11 -7.81 17.64
CA ALA A 43 -17.09 -8.92 17.69
C ALA A 43 -16.56 -10.18 16.98
N LYS A 44 -16.03 -9.99 15.77
CA LYS A 44 -15.30 -11.02 15.04
C LYS A 44 -14.21 -11.71 15.89
N SER A 45 -13.46 -10.91 16.62
CA SER A 45 -12.37 -11.39 17.48
C SER A 45 -12.81 -12.04 18.80
N GLY A 46 -14.11 -12.06 19.09
CA GLY A 46 -14.67 -12.82 20.21
C GLY A 46 -15.11 -12.03 21.44
N LEU A 47 -15.19 -10.70 21.33
CA LEU A 47 -15.73 -9.85 22.39
C LEU A 47 -17.23 -9.62 22.21
N ASN A 48 -17.93 -9.47 23.33
CA ASN A 48 -19.34 -9.09 23.35
C ASN A 48 -19.42 -7.57 23.31
N VAL A 49 -19.80 -7.05 22.16
CA VAL A 49 -19.84 -5.60 21.92
C VAL A 49 -21.28 -5.11 22.03
N LEU A 50 -21.42 -3.91 22.59
CA LEU A 50 -22.67 -3.17 22.56
C LEU A 50 -22.45 -1.80 21.92
N ILE A 51 -23.00 -1.60 20.73
CA ILE A 51 -22.99 -0.30 20.05
C ILE A 51 -24.22 0.53 20.48
N LEU A 52 -23.98 1.74 20.96
CA LEU A 52 -25.02 2.67 21.43
C LEU A 52 -25.06 3.91 20.53
N ASP A 53 -26.27 4.43 20.28
CA ASP A 53 -26.46 5.65 19.48
C ASP A 53 -27.74 6.37 19.86
N SER A 54 -27.67 7.71 19.90
CA SER A 54 -28.84 8.57 20.16
C SER A 54 -29.62 8.88 18.89
N ALA A 55 -28.92 8.97 17.76
CA ALA A 55 -29.55 8.99 16.44
C ALA A 55 -29.93 7.57 16.01
N GLN A 56 -30.60 7.46 14.87
CA GLN A 56 -30.99 6.16 14.33
C GLN A 56 -30.86 6.15 12.81
N HIS A 57 -30.49 4.99 12.27
CA HIS A 57 -30.36 4.82 10.83
C HIS A 57 -31.74 4.69 10.15
N PRO A 58 -31.91 5.19 8.92
CA PRO A 58 -30.90 5.93 8.18
C PRO A 58 -30.75 7.35 8.72
N ARG A 59 -29.55 7.90 8.62
CA ARG A 59 -29.35 9.31 8.86
C ARG A 59 -28.24 9.89 8.01
N PHE A 60 -28.31 11.20 7.88
CA PHE A 60 -27.39 11.97 7.06
C PHE A 60 -26.06 12.14 7.78
N SER A 61 -25.00 12.23 6.99
CA SER A 61 -23.66 12.46 7.52
C SER A 61 -22.73 13.01 6.43
N VAL A 62 -21.73 13.77 6.86
CA VAL A 62 -20.70 14.34 5.97
C VAL A 62 -19.35 13.69 6.29
N GLY A 63 -18.33 14.01 5.47
CA GLY A 63 -17.05 13.32 5.49
C GLY A 63 -17.15 12.29 4.39
N GLU A 64 -17.25 12.81 3.17
CA GLU A 64 -17.68 12.04 2.00
C GLU A 64 -16.53 11.63 1.08
N ALA A 65 -15.53 12.50 0.97
CA ALA A 65 -14.41 12.29 0.05
C ALA A 65 -13.47 11.20 0.56
N ALA A 66 -13.46 10.07 -0.14
CA ALA A 66 -12.49 9.01 0.10
C ALA A 66 -11.14 9.47 -0.45
N THR A 67 -10.07 8.87 0.04
CA THR A 67 -8.70 9.14 -0.43
C THR A 67 -7.98 7.81 -0.62
N PRO A 68 -6.87 7.79 -1.38
CA PRO A 68 -6.14 6.51 -1.52
C PRO A 68 -5.70 5.90 -0.19
N GLU A 69 -5.32 6.75 0.77
CA GLU A 69 -4.93 6.29 2.11
C GLU A 69 -6.07 5.54 2.80
N SER A 70 -7.24 6.16 2.84
CA SER A 70 -8.41 5.53 3.48
C SER A 70 -8.85 4.27 2.72
N GLY A 71 -8.57 4.24 1.42
CA GLY A 71 -8.73 3.04 0.61
C GLY A 71 -7.86 1.89 1.09
N PHE A 72 -6.57 2.14 1.27
CA PHE A 72 -5.64 1.10 1.74
C PHE A 72 -5.93 0.69 3.19
N LEU A 73 -6.19 1.68 4.04
CA LEU A 73 -6.52 1.43 5.45
C LEU A 73 -7.76 0.56 5.64
N LEU A 74 -8.77 0.74 4.79
CA LEU A 74 -9.95 -0.14 4.79
C LEU A 74 -9.61 -1.57 4.37
N ARG A 75 -8.82 -1.71 3.32
CA ARG A 75 -8.34 -3.02 2.87
C ARG A 75 -7.40 -3.69 3.88
N LEU A 76 -6.67 -2.87 4.64
CA LEU A 76 -5.83 -3.36 5.75
C LEU A 76 -6.68 -3.88 6.92
N LEU A 77 -7.68 -3.10 7.32
CA LEU A 77 -8.66 -3.55 8.34
C LEU A 77 -9.30 -4.88 7.94
N SER A 78 -9.72 -4.93 6.67
CA SER A 78 -10.34 -6.12 6.09
C SER A 78 -9.44 -7.35 6.19
N LYS A 79 -8.17 -7.20 5.83
CA LYS A 79 -7.23 -8.32 5.81
C LYS A 79 -6.75 -8.72 7.20
N ARG A 80 -6.41 -7.73 8.04
CA ARG A 80 -5.96 -7.95 9.42
C ARG A 80 -6.94 -8.76 10.27
N PHE A 81 -8.24 -8.50 10.11
CA PHE A 81 -9.28 -9.14 10.92
C PHE A 81 -10.15 -10.14 10.16
N ASP A 82 -9.84 -10.36 8.88
CA ASP A 82 -10.53 -11.35 8.03
C ASP A 82 -12.04 -11.07 7.94
N ILE A 83 -12.37 -9.88 7.43
CA ILE A 83 -13.75 -9.44 7.21
C ILE A 83 -13.80 -8.84 5.80
N PRO A 84 -13.99 -9.69 4.76
CA PRO A 84 -13.99 -9.24 3.36
C PRO A 84 -14.96 -8.10 2.99
N GLU A 85 -16.11 -8.01 3.66
CA GLU A 85 -17.08 -6.95 3.34
C GLU A 85 -16.57 -5.53 3.58
N ILE A 86 -15.57 -5.38 4.46
CA ILE A 86 -14.92 -4.09 4.70
C ILE A 86 -14.17 -3.60 3.45
N ALA A 87 -13.52 -4.53 2.73
CA ALA A 87 -12.79 -4.19 1.50
C ALA A 87 -13.69 -3.62 0.40
N TYR A 88 -14.96 -4.00 0.40
CA TYR A 88 -15.96 -3.47 -0.57
C TYR A 88 -16.15 -1.96 -0.47
N LEU A 89 -15.96 -1.40 0.72
CA LEU A 89 -16.08 0.04 0.93
C LEU A 89 -14.92 0.88 0.38
N SER A 90 -13.85 0.23 -0.08
CA SER A 90 -12.63 0.94 -0.57
C SER A 90 -12.57 1.26 -2.07
N HIS A 91 -13.61 0.90 -2.83
CA HIS A 91 -13.58 1.03 -4.30
C HIS A 91 -15.02 1.26 -4.82
N PRO A 92 -15.22 2.32 -5.65
CA PRO A 92 -16.60 2.70 -6.05
C PRO A 92 -17.39 1.61 -6.78
N ASP A 93 -16.72 0.78 -7.56
CA ASP A 93 -17.35 -0.38 -8.22
C ASP A 93 -17.83 -1.47 -7.25
N LYS A 94 -17.05 -1.75 -6.20
CA LYS A 94 -17.47 -2.68 -5.15
C LYS A 94 -18.64 -2.13 -4.31
N ILE A 95 -18.64 -0.81 -4.11
CA ILE A 95 -19.73 -0.12 -3.41
C ILE A 95 -21.04 -0.26 -4.20
N ILE A 96 -20.99 0.09 -5.48
CA ILE A 96 -22.15 -0.02 -6.37
C ILE A 96 -22.68 -1.46 -6.41
N GLN A 97 -21.78 -2.42 -6.50
CA GLN A 97 -22.13 -3.83 -6.64
C GLN A 97 -22.74 -4.41 -5.35
N HIS A 98 -22.15 -4.09 -4.20
CA HIS A 98 -22.50 -4.71 -2.89
C HIS A 98 -23.33 -3.85 -1.95
N VAL A 99 -23.03 -2.56 -1.87
CA VAL A 99 -23.79 -1.66 -1.00
C VAL A 99 -25.07 -1.23 -1.68
N GLY A 100 -24.94 -0.71 -2.90
CA GLY A 100 -26.08 -0.28 -3.69
C GLY A 100 -25.70 0.82 -4.65
N SER A 101 -26.51 0.97 -5.70
CA SER A 101 -26.19 1.88 -6.79
C SER A 101 -26.32 3.37 -6.43
N SER A 102 -27.05 3.67 -5.36
CA SER A 102 -27.10 5.03 -4.81
C SER A 102 -25.98 5.39 -3.81
N ALA A 103 -25.17 4.41 -3.41
CA ALA A 103 -24.28 4.57 -2.25
C ALA A 103 -22.98 5.35 -2.48
N CYS A 104 -22.66 5.70 -3.74
CA CYS A 104 -21.49 6.54 -4.03
C CYS A 104 -21.49 7.18 -5.41
N GLY A 105 -20.73 8.27 -5.52
CA GLY A 105 -20.27 8.80 -6.80
C GLY A 105 -18.83 8.38 -6.99
N ILE A 106 -18.25 8.74 -8.13
CA ILE A 106 -16.86 8.41 -8.44
C ILE A 106 -15.96 9.63 -8.18
N LYS A 107 -14.67 9.36 -7.98
CA LYS A 107 -13.67 10.41 -8.06
C LYS A 107 -12.35 9.92 -8.65
N LEU A 108 -11.88 10.69 -9.63
CA LEU A 108 -10.63 10.44 -10.33
C LEU A 108 -9.50 11.37 -9.84
N GLY A 109 -9.75 12.16 -8.80
CA GLY A 109 -8.73 13.01 -8.21
C GLY A 109 -9.31 14.11 -7.36
N PHE A 110 -8.43 14.84 -6.67
CA PHE A 110 -8.75 16.14 -6.08
C PHE A 110 -8.48 17.15 -7.18
N SER A 111 -9.28 18.22 -7.20
CA SER A 111 -9.07 19.33 -8.12
C SER A 111 -9.37 20.62 -7.40
N PHE A 112 -8.62 21.67 -7.75
CA PHE A 112 -8.71 22.97 -7.09
C PHE A 112 -8.76 24.05 -8.16
N ALA A 113 -9.69 24.98 -8.04
CA ALA A 113 -9.85 26.09 -8.97
C ALA A 113 -9.88 27.36 -8.17
N TRP A 114 -9.01 28.30 -8.50
CA TRP A 114 -8.80 29.51 -7.69
C TRP A 114 -9.65 30.68 -8.21
N HIS A 115 -10.03 31.56 -7.29
CA HIS A 115 -10.85 32.74 -7.58
C HIS A 115 -10.44 33.92 -6.71
N GLN A 116 -10.81 35.12 -7.15
CA GLN A 116 -10.63 36.34 -6.36
C GLN A 116 -11.77 37.32 -6.57
N GLU A 117 -12.08 38.09 -5.52
CA GLU A 117 -13.09 39.12 -5.61
C GLU A 117 -12.68 40.19 -6.63
N ASN A 118 -13.65 40.61 -7.45
CA ASN A 118 -13.49 41.68 -8.45
C ASN A 118 -12.50 41.37 -9.57
N ALA A 119 -12.59 40.15 -10.08
CA ALA A 119 -11.86 39.74 -11.27
C ALA A 119 -12.54 38.51 -11.88
N PRO A 120 -12.52 38.38 -13.20
CA PRO A 120 -13.11 37.17 -13.78
C PRO A 120 -12.24 35.95 -13.47
N SER A 121 -12.91 34.81 -13.23
CA SER A 121 -12.23 33.56 -12.94
C SER A 121 -11.64 33.00 -14.22
N SER A 122 -10.40 32.54 -14.13
CA SER A 122 -9.66 31.99 -15.26
C SER A 122 -9.64 30.47 -15.13
N PRO A 123 -9.99 29.74 -16.21
CA PRO A 123 -9.83 28.28 -16.21
C PRO A 123 -8.38 27.75 -16.23
N ASP A 124 -7.39 28.63 -16.38
CA ASP A 124 -5.98 28.27 -16.21
C ASP A 124 -5.52 28.26 -14.74
N HIS A 125 -6.33 28.86 -13.85
CA HIS A 125 -6.04 28.86 -12.41
C HIS A 125 -6.59 27.60 -11.74
N LEU A 126 -6.00 26.47 -12.15
CA LEU A 126 -6.55 25.15 -11.90
C LEU A 126 -5.41 24.22 -11.59
N VAL A 127 -5.53 23.42 -10.54
CA VAL A 127 -4.66 22.26 -10.35
C VAL A 127 -5.52 21.04 -10.04
N ALA A 128 -5.16 19.89 -10.61
CA ALA A 128 -5.89 18.65 -10.38
C ALA A 128 -5.00 17.44 -10.63
N PRO A 129 -4.34 16.90 -9.59
CA PRO A 129 -3.54 15.70 -9.78
C PRO A 129 -4.45 14.46 -9.83
N PRO A 130 -4.44 13.72 -10.97
CA PRO A 130 -5.33 12.57 -11.06
C PRO A 130 -4.80 11.32 -10.37
N LEU A 131 -5.71 10.40 -10.11
CA LEU A 131 -5.39 9.08 -9.56
C LEU A 131 -5.20 8.07 -10.67
N LYS A 132 -4.47 7.00 -10.37
CA LYS A 132 -4.47 5.79 -11.20
C LYS A 132 -5.78 5.06 -10.93
N VAL A 133 -5.98 4.70 -9.67
CA VAL A 133 -7.12 3.90 -9.24
C VAL A 133 -8.25 4.85 -8.80
N PRO A 134 -9.47 4.64 -9.34
CA PRO A 134 -10.60 5.46 -8.91
C PRO A 134 -10.98 5.27 -7.44
N GLU A 135 -11.67 6.26 -6.90
CA GLU A 135 -12.13 6.27 -5.50
C GLU A 135 -13.55 6.79 -5.40
N ALA A 136 -14.13 6.65 -4.22
CA ALA A 136 -15.55 6.95 -3.99
C ALA A 136 -15.81 8.31 -3.38
N HIS A 137 -16.96 8.88 -3.74
CA HIS A 137 -17.62 9.92 -2.97
C HIS A 137 -18.68 9.19 -2.16
N LEU A 138 -18.44 9.04 -0.87
CA LEU A 138 -19.28 8.20 -0.01
C LEU A 138 -20.59 8.89 0.34
N PHE A 139 -21.70 8.33 -0.13
CA PHE A 139 -23.02 8.75 0.29
C PHE A 139 -23.23 8.06 1.63
N ARG A 140 -22.98 8.82 2.69
CA ARG A 140 -22.76 8.27 4.01
C ARG A 140 -23.97 7.59 4.65
N GLN A 141 -25.19 8.06 4.37
CA GLN A 141 -26.38 7.37 4.90
C GLN A 141 -26.40 5.88 4.52
N ASP A 142 -26.04 5.56 3.27
CA ASP A 142 -26.04 4.18 2.76
C ASP A 142 -24.79 3.41 3.18
N ILE A 143 -23.63 4.07 3.19
CA ILE A 143 -22.37 3.45 3.60
C ILE A 143 -22.37 3.12 5.10
N ASP A 144 -22.85 4.05 5.92
CA ASP A 144 -22.93 3.85 7.38
C ASP A 144 -23.86 2.70 7.76
N TYR A 145 -25.02 2.60 7.10
CA TYR A 145 -25.97 1.53 7.38
C TYR A 145 -25.37 0.17 7.01
N PHE A 146 -24.70 0.10 5.86
CA PHE A 146 -24.01 -1.11 5.44
C PHE A 146 -22.91 -1.51 6.42
N ALA A 147 -22.17 -0.53 6.93
CA ALA A 147 -21.16 -0.77 7.94
C ALA A 147 -21.75 -1.36 9.22
N LEU A 148 -22.85 -0.79 9.69
CA LEU A 148 -23.55 -1.34 10.85
C LEU A 148 -23.98 -2.79 10.62
N MET A 149 -24.42 -3.08 9.40
CA MET A 149 -24.79 -4.42 9.00
C MET A 149 -23.67 -5.44 9.22
N ILE A 150 -22.44 -5.03 8.89
CA ILE A 150 -21.27 -5.90 9.06
C ILE A 150 -21.11 -6.23 10.54
N ALA A 151 -21.27 -5.22 11.39
CA ALA A 151 -21.15 -5.38 12.83
C ALA A 151 -22.21 -6.31 13.38
N LEU A 152 -23.46 -6.09 13.01
CA LEU A 152 -24.60 -6.90 13.45
C LEU A 152 -24.48 -8.37 13.05
N LYS A 153 -24.03 -8.61 11.82
CA LYS A 153 -23.79 -9.98 11.33
C LYS A 153 -22.67 -10.74 12.04
N HIS A 154 -21.76 -10.03 12.71
CA HIS A 154 -20.64 -10.64 13.44
C HIS A 154 -20.84 -10.78 14.96
N GLY A 155 -22.02 -10.44 15.46
CA GLY A 155 -22.37 -10.66 16.88
C GLY A 155 -22.56 -9.43 17.76
N ALA A 156 -22.23 -8.24 17.24
CA ALA A 156 -22.39 -7.01 17.99
C ALA A 156 -23.86 -6.68 18.15
N GLU A 157 -24.28 -6.38 19.38
CA GLU A 157 -25.62 -5.91 19.65
C GLU A 157 -25.66 -4.41 19.40
N SER A 158 -26.77 -3.93 18.83
CA SER A 158 -26.97 -2.50 18.60
C SER A 158 -28.26 -2.06 19.25
N ARG A 159 -28.23 -0.84 19.80
CA ARG A 159 -29.40 -0.20 20.37
C ARG A 159 -29.40 1.23 19.89
N GLN A 160 -30.46 1.59 19.17
CA GLN A 160 -30.60 2.90 18.55
C GLN A 160 -31.54 3.77 19.37
N ASN A 161 -31.49 5.07 19.14
CA ASN A 161 -32.45 6.02 19.71
C ASN A 161 -32.55 5.95 21.26
N ILE A 162 -31.38 5.91 21.90
CA ILE A 162 -31.27 5.92 23.37
C ILE A 162 -30.65 7.24 23.82
N LYS A 163 -30.86 7.59 25.08
CA LYS A 163 -30.26 8.79 25.67
C LYS A 163 -29.37 8.35 26.85
N ILE A 164 -28.11 8.79 26.82
CA ILE A 164 -27.16 8.50 27.88
C ILE A 164 -27.33 9.56 28.97
N GLU A 165 -27.83 9.14 30.13
CA GLU A 165 -27.90 10.02 31.32
C GLU A 165 -26.50 10.31 31.84
N SER A 166 -25.75 9.25 32.14
CA SER A 166 -24.38 9.37 32.69
C SER A 166 -23.49 8.17 32.41
N ILE A 167 -22.18 8.43 32.42
CA ILE A 167 -21.13 7.43 32.23
C ILE A 167 -20.21 7.48 33.45
N SER A 168 -19.98 6.35 34.10
CA SER A 168 -19.13 6.25 35.29
C SER A 168 -17.95 5.34 35.02
N LEU A 169 -16.73 5.87 35.14
CA LEU A 169 -15.50 5.10 35.02
C LEU A 169 -14.95 4.74 36.40
N ASN A 170 -14.74 3.44 36.62
CA ASN A 170 -14.26 2.89 37.90
C ASN A 170 -13.02 2.04 37.68
N ASP A 171 -12.48 1.48 38.75
CA ASP A 171 -11.33 0.58 38.67
C ASP A 171 -11.71 -0.77 38.07
N ASP A 172 -12.90 -1.27 38.43
CA ASP A 172 -13.36 -2.60 37.98
C ASP A 172 -14.19 -2.61 36.70
N GLY A 173 -14.54 -1.43 36.18
CA GLY A 173 -15.28 -1.35 34.91
C GLY A 173 -15.85 0.00 34.53
N VAL A 174 -16.76 -0.03 33.57
CA VAL A 174 -17.51 1.13 33.07
C VAL A 174 -18.99 0.83 33.22
N GLU A 175 -19.77 1.81 33.67
CA GLU A 175 -21.22 1.68 33.81
C GLU A 175 -21.88 2.84 33.09
N VAL A 176 -22.82 2.54 32.19
CA VAL A 176 -23.58 3.55 31.43
C VAL A 176 -25.05 3.53 31.83
N ALA A 177 -25.55 4.66 32.34
CA ALA A 177 -26.95 4.81 32.70
C ALA A 177 -27.75 5.31 31.48
N LEU A 178 -28.93 4.73 31.28
CA LEU A 178 -29.80 5.05 30.14
C LEU A 178 -31.21 5.42 30.61
N SER A 179 -31.85 6.33 29.89
CA SER A 179 -33.23 6.74 30.18
C SER A 179 -34.19 5.61 29.78
N ASN A 180 -35.13 5.30 30.67
CA ASN A 180 -36.13 4.23 30.46
C ASN A 180 -35.52 2.84 30.18
N ALA A 181 -34.38 2.56 30.82
CA ALA A 181 -33.72 1.26 30.70
C ALA A 181 -32.72 1.05 31.82
N ALA A 182 -32.49 -0.22 32.14
CA ALA A 182 -31.50 -0.60 33.16
C ALA A 182 -30.10 -0.20 32.69
N PRO A 183 -29.18 0.09 33.64
CA PRO A 183 -27.83 0.48 33.24
C PRO A 183 -27.06 -0.70 32.64
N VAL A 184 -26.04 -0.38 31.84
CA VAL A 184 -25.23 -1.41 31.17
C VAL A 184 -23.77 -1.28 31.57
N LYS A 185 -23.16 -2.43 31.89
CA LYS A 185 -21.80 -2.50 32.40
C LYS A 185 -20.86 -3.12 31.37
N ALA A 186 -19.63 -2.61 31.33
CA ALA A 186 -18.60 -3.15 30.44
C ALA A 186 -17.20 -2.91 30.99
N ALA A 187 -16.23 -3.62 30.41
CA ALA A 187 -14.83 -3.44 30.75
C ALA A 187 -14.24 -2.15 30.18
N PHE A 188 -14.70 -1.74 29.00
CA PHE A 188 -14.09 -0.66 28.22
C PHE A 188 -15.14 0.08 27.42
N ILE A 189 -14.94 1.38 27.21
CA ILE A 189 -15.85 2.19 26.39
C ILE A 189 -15.10 2.98 25.33
N ILE A 190 -15.58 2.89 24.09
CA ILE A 190 -15.02 3.63 22.95
C ILE A 190 -16.00 4.68 22.45
N ASP A 191 -15.54 5.92 22.34
CA ASP A 191 -16.35 7.03 21.81
C ASP A 191 -16.03 7.21 20.33
N ALA A 192 -16.94 6.74 19.48
CA ALA A 192 -16.83 6.82 18.02
C ALA A 192 -17.91 7.74 17.46
N ALA A 193 -18.19 8.83 18.15
CA ALA A 193 -19.19 9.78 17.74
C ALA A 193 -18.50 10.92 17.01
N ALA A 194 -18.86 11.11 15.73
CA ALA A 194 -18.48 12.33 14.99
C ALA A 194 -19.30 13.54 15.46
N GLN A 195 -20.05 13.35 16.55
CA GLN A 195 -20.92 14.32 17.19
C GLN A 195 -20.11 15.31 18.06
N GLY A 196 -20.79 15.91 19.05
CA GLY A 196 -20.14 16.76 20.03
C GLY A 196 -19.48 16.03 21.18
N SER A 197 -18.68 15.01 20.85
CA SER A 197 -17.87 14.23 21.79
C SER A 197 -18.44 14.15 23.21
N PRO A 198 -19.65 13.55 23.36
CA PRO A 198 -20.35 13.55 24.65
C PRO A 198 -19.51 13.10 25.85
N LEU A 199 -18.66 12.09 25.63
CA LEU A 199 -17.71 11.64 26.66
C LEU A 199 -16.56 12.62 26.89
N SER A 200 -16.05 13.23 25.81
CA SER A 200 -14.98 14.25 25.93
C SER A 200 -15.48 15.54 26.61
N ARG A 201 -16.74 15.89 26.38
CA ARG A 201 -17.38 17.02 27.05
C ARG A 201 -17.62 16.75 28.54
N GLN A 202 -17.95 15.50 28.88
CA GLN A 202 -18.09 15.09 30.29
C GLN A 202 -16.73 15.08 31.01
N LEU A 203 -15.72 14.52 30.36
CA LEU A 203 -14.35 14.45 30.92
C LEU A 203 -13.60 15.79 30.92
N GLY A 204 -14.09 16.79 30.18
CA GLY A 204 -13.49 18.14 30.16
C GLY A 204 -12.17 18.23 29.41
N LEU A 205 -11.99 17.37 28.42
CA LEU A 205 -10.74 17.26 27.66
C LEU A 205 -10.71 18.10 26.37
N ARG A 206 -11.87 18.56 25.92
CA ARG A 206 -12.02 19.29 24.66
C ARG A 206 -11.61 20.76 24.79
N THR A 207 -10.86 21.27 23.82
CA THR A 207 -10.37 22.66 23.81
C THR A 207 -10.11 23.22 22.41
N THR A 208 -10.30 24.53 22.24
CA THR A 208 -9.88 25.26 21.02
C THR A 208 -8.47 25.88 21.14
N GLU A 209 -7.98 26.03 22.36
CA GLU A 209 -6.66 26.59 22.64
C GLU A 209 -5.54 25.92 21.85
N GLY A 210 -4.70 26.73 21.21
CA GLY A 210 -3.51 26.25 20.51
C GLY A 210 -3.67 25.90 19.03
N LEU A 211 -4.90 25.92 18.52
CA LEU A 211 -5.17 25.62 17.12
C LEU A 211 -4.94 26.85 16.25
N ALA A 212 -4.11 26.69 15.22
CA ALA A 212 -3.91 27.71 14.20
C ALA A 212 -5.15 27.96 13.32
N THR A 213 -6.00 26.94 13.18
CA THR A 213 -7.19 27.00 12.33
C THR A 213 -8.42 27.45 13.11
N ASP A 214 -9.13 28.42 12.55
CA ASP A 214 -10.40 28.92 13.08
C ASP A 214 -11.37 29.10 11.90
N THR A 215 -12.19 28.07 11.66
CA THR A 215 -13.06 27.99 10.48
C THR A 215 -14.49 27.62 10.85
N CYS A 216 -15.45 28.23 10.16
CA CYS A 216 -16.85 27.86 10.25
C CYS A 216 -17.22 27.10 8.99
N SER A 217 -18.42 26.50 8.99
CA SER A 217 -18.87 25.68 7.86
C SER A 217 -20.39 25.69 7.68
N PHE A 218 -20.80 25.82 6.43
CA PHE A 218 -22.18 25.63 5.99
C PHE A 218 -22.19 24.43 5.07
N PHE A 219 -23.15 23.53 5.21
CA PHE A 219 -23.22 22.38 4.29
C PHE A 219 -24.60 21.77 4.11
N THR A 220 -24.78 21.15 2.95
CA THR A 220 -26.06 20.61 2.49
C THR A 220 -25.85 19.68 1.30
N HIS A 221 -26.94 19.06 0.85
CA HIS A 221 -26.98 18.30 -0.41
C HIS A 221 -27.93 19.00 -1.37
N MET A 222 -27.53 19.09 -2.63
CA MET A 222 -28.33 19.77 -3.66
C MET A 222 -28.65 18.90 -4.86
N LEU A 223 -29.73 19.28 -5.55
CA LEU A 223 -30.18 18.70 -6.82
C LEU A 223 -29.88 19.65 -7.96
N ASN A 224 -29.78 19.11 -9.18
CA ASN A 224 -29.57 19.88 -10.42
C ASN A 224 -28.34 20.83 -10.38
N VAL A 225 -27.28 20.40 -9.70
CA VAL A 225 -26.02 21.12 -9.72
C VAL A 225 -25.39 20.80 -11.07
N LYS A 226 -25.07 21.84 -11.84
CA LYS A 226 -24.34 21.69 -13.10
C LYS A 226 -22.91 21.22 -12.84
N SER A 227 -22.36 20.42 -13.75
CA SER A 227 -20.95 20.06 -13.74
C SER A 227 -20.08 21.29 -14.03
N TYR A 228 -18.81 21.19 -13.66
CA TYR A 228 -17.81 22.20 -13.98
C TYR A 228 -17.69 22.42 -15.49
N GLU A 229 -17.75 21.32 -16.25
CA GLU A 229 -17.61 21.37 -17.72
C GLU A 229 -18.71 22.16 -18.42
N ASP A 230 -19.95 22.05 -17.95
CA ASP A 230 -21.08 22.81 -18.52
C ASP A 230 -21.09 24.27 -18.05
N ALA A 231 -20.81 24.48 -16.77
CA ALA A 231 -21.06 25.77 -16.10
C ALA A 231 -19.92 26.79 -16.18
N LEU A 232 -18.68 26.32 -16.03
CA LEU A 232 -17.51 27.21 -16.03
C LEU A 232 -16.65 27.08 -17.28
N ALA A 233 -16.17 25.88 -17.55
CA ALA A 233 -15.22 25.65 -18.65
C ALA A 233 -15.12 24.17 -19.03
N PRO A 234 -15.27 23.85 -20.34
CA PRO A 234 -15.18 22.45 -20.77
C PRO A 234 -13.75 21.91 -20.78
N LEU A 235 -13.61 20.59 -20.95
CA LEU A 235 -12.30 19.91 -21.00
C LEU A 235 -11.29 20.51 -22.00
N SER A 236 -11.79 21.01 -23.12
CA SER A 236 -10.94 21.65 -24.15
C SER A 236 -10.30 22.96 -23.70
N ARG A 237 -10.98 23.69 -22.81
CA ARG A 237 -10.46 24.94 -22.25
C ARG A 237 -9.45 24.67 -21.11
N THR A 238 -9.82 23.80 -20.17
CA THR A 238 -9.00 23.53 -18.98
C THR A 238 -7.73 22.73 -19.26
N ARG A 239 -7.81 21.87 -20.27
CA ARG A 239 -6.72 20.94 -20.66
C ARG A 239 -6.46 19.86 -19.60
N SER A 240 -7.47 19.58 -18.79
CA SER A 240 -7.38 18.62 -17.71
C SER A 240 -7.43 17.19 -18.28
N PRO A 241 -6.62 16.27 -17.72
CA PRO A 241 -6.73 14.86 -18.12
C PRO A 241 -8.00 14.14 -17.61
N ILE A 242 -8.66 14.73 -16.61
CA ILE A 242 -9.94 14.22 -16.09
C ILE A 242 -11.05 15.29 -16.12
N GLU A 243 -12.30 14.83 -16.15
CA GLU A 243 -13.45 15.71 -15.92
C GLU A 243 -13.43 16.15 -14.46
N LEU A 244 -13.62 17.44 -14.22
CA LEU A 244 -13.72 17.94 -12.83
C LEU A 244 -15.05 17.51 -12.16
N PHE A 245 -16.07 17.24 -12.99
CA PHE A 245 -17.29 16.58 -12.56
C PHE A 245 -17.00 15.25 -11.87
N LYS A 246 -16.04 14.51 -12.39
CA LYS A 246 -15.58 13.24 -11.81
C LYS A 246 -14.43 13.42 -10.80
N SER A 247 -14.46 14.51 -10.03
CA SER A 247 -13.44 14.81 -9.03
C SER A 247 -14.04 15.48 -7.80
N THR A 248 -13.28 15.49 -6.71
CA THR A 248 -13.59 16.28 -5.52
C THR A 248 -13.15 17.71 -5.82
N LEU A 249 -14.10 18.53 -6.24
CA LEU A 249 -13.82 19.88 -6.70
C LEU A 249 -13.78 20.86 -5.52
N HIS A 250 -12.65 21.58 -5.40
CA HIS A 250 -12.45 22.63 -4.40
C HIS A 250 -12.37 24.01 -5.07
N HIS A 251 -13.31 24.90 -4.75
CA HIS A 251 -13.19 26.29 -5.18
C HIS A 251 -12.57 27.07 -4.04
N ILE A 252 -11.40 27.64 -4.28
CA ILE A 252 -10.63 28.33 -3.24
C ILE A 252 -10.48 29.81 -3.55
N PHE A 253 -10.41 30.60 -2.49
CA PHE A 253 -10.33 32.06 -2.56
C PHE A 253 -9.84 32.58 -1.22
N GLU A 254 -9.49 33.87 -1.16
CA GLU A 254 -8.78 34.45 0.00
C GLU A 254 -9.30 33.97 1.35
N GLU A 255 -10.60 34.18 1.56
CA GLU A 255 -11.23 34.01 2.88
C GLU A 255 -11.77 32.59 3.20
N GLY A 256 -11.65 31.65 2.26
CA GLY A 256 -12.09 30.28 2.51
C GLY A 256 -12.24 29.46 1.25
N TRP A 257 -13.09 28.44 1.31
CA TRP A 257 -13.31 27.53 0.16
C TRP A 257 -14.69 26.90 0.13
N LEU A 258 -15.05 26.42 -1.05
CA LEU A 258 -16.34 25.78 -1.30
C LEU A 258 -16.08 24.42 -1.97
N TRP A 259 -16.76 23.38 -1.50
CA TRP A 259 -16.65 22.05 -2.10
C TRP A 259 -17.85 21.69 -2.95
N VAL A 260 -17.58 20.92 -4.00
CA VAL A 260 -18.60 20.36 -4.88
C VAL A 260 -18.23 18.89 -5.02
N ILE A 261 -18.99 18.03 -4.34
CA ILE A 261 -18.73 16.58 -4.29
C ILE A 261 -19.95 15.85 -4.86
N PRO A 262 -19.93 15.52 -6.17
CA PRO A 262 -21.10 14.85 -6.77
C PRO A 262 -21.25 13.38 -6.40
N PHE A 263 -22.50 12.94 -6.21
CA PHE A 263 -22.86 11.51 -6.15
C PHE A 263 -23.50 11.03 -7.45
N ASN A 264 -23.70 11.93 -8.42
CA ASN A 264 -24.39 11.63 -9.69
C ASN A 264 -23.48 11.60 -10.91
N ASN A 265 -22.20 11.29 -10.68
CA ASN A 265 -21.16 11.30 -11.72
C ASN A 265 -20.62 9.90 -12.09
N HIS A 266 -21.23 8.86 -11.53
CA HIS A 266 -20.86 7.46 -11.80
C HIS A 266 -21.74 6.96 -12.96
N PRO A 267 -21.14 6.27 -13.96
CA PRO A 267 -21.99 5.74 -15.05
C PRO A 267 -23.05 4.69 -14.63
N GLN A 268 -22.70 3.79 -13.71
CA GLN A 268 -23.65 2.82 -13.10
C GLN A 268 -24.46 3.31 -11.88
N GLY A 269 -24.22 4.53 -11.41
CA GLY A 269 -24.89 5.07 -10.21
C GLY A 269 -26.27 5.65 -10.45
N THR A 270 -27.10 5.64 -9.41
CA THR A 270 -28.47 6.18 -9.45
C THR A 270 -28.71 7.38 -8.54
N ASN A 271 -27.71 7.77 -7.76
CA ASN A 271 -27.84 8.94 -6.89
C ASN A 271 -27.88 10.20 -7.74
N GLN A 272 -28.80 11.11 -7.42
CA GLN A 272 -28.96 12.37 -8.16
C GLN A 272 -28.40 13.60 -7.44
N LEU A 273 -28.01 13.44 -6.18
CA LEU A 273 -27.60 14.56 -5.35
C LEU A 273 -26.12 14.91 -5.51
N CYS A 274 -25.76 16.08 -4.99
CA CYS A 274 -24.41 16.59 -5.00
C CYS A 274 -24.18 17.28 -3.66
N SER A 275 -23.16 16.87 -2.91
CA SER A 275 -22.83 17.53 -1.65
C SER A 275 -22.16 18.87 -1.89
N ILE A 276 -22.60 19.89 -1.15
CA ILE A 276 -22.13 21.26 -1.30
C ILE A 276 -21.88 21.81 0.08
N GLY A 277 -20.67 22.32 0.32
CA GLY A 277 -20.33 22.97 1.58
C GLY A 277 -19.37 24.12 1.37
N PHE A 278 -19.44 25.14 2.22
CA PHE A 278 -18.47 26.23 2.17
C PHE A 278 -18.01 26.69 3.53
N GLN A 279 -16.70 26.93 3.63
CA GLN A 279 -16.01 27.27 4.87
C GLN A 279 -15.39 28.63 4.74
N PHE A 280 -15.37 29.37 5.84
CA PHE A 280 -14.70 30.66 5.93
C PHE A 280 -13.63 30.61 7.00
N ASN A 281 -12.46 31.18 6.71
CA ASN A 281 -11.49 31.55 7.74
C ASN A 281 -12.07 32.71 8.55
N ASN A 282 -12.42 32.46 9.80
CA ASN A 282 -13.03 33.46 10.69
C ASN A 282 -12.12 34.66 11.00
N ALA A 283 -10.81 34.45 10.91
CA ALA A 283 -9.84 35.55 10.98
C ALA A 283 -9.98 36.58 9.83
N LYS A 284 -10.50 36.14 8.68
CA LYS A 284 -10.71 37.00 7.50
C LYS A 284 -12.17 37.43 7.26
N TYR A 285 -13.12 36.53 7.49
CA TYR A 285 -14.55 36.82 7.32
C TYR A 285 -15.40 36.04 8.32
N ARG A 286 -16.28 36.75 9.03
CA ARG A 286 -17.25 36.13 9.95
C ARG A 286 -18.65 36.30 9.39
N PRO A 287 -19.34 35.18 9.06
CA PRO A 287 -20.69 35.31 8.53
C PRO A 287 -21.68 35.81 9.58
N THR A 288 -22.65 36.62 9.13
CA THR A 288 -23.55 37.37 10.01
C THR A 288 -25.05 37.09 9.80
N GLU A 289 -25.39 36.28 8.80
CA GLU A 289 -26.79 36.08 8.38
C GLU A 289 -27.07 34.60 8.11
N ALA A 290 -28.34 34.29 7.83
CA ALA A 290 -28.79 32.91 7.58
C ALA A 290 -28.03 32.28 6.40
N PRO A 291 -27.80 30.94 6.44
CA PRO A 291 -27.04 30.24 5.41
C PRO A 291 -27.38 30.59 3.95
N GLU A 292 -28.67 30.59 3.61
CA GLU A 292 -29.11 30.85 2.23
C GLU A 292 -28.82 32.29 1.76
N ILE A 293 -28.80 33.24 2.69
CA ILE A 293 -28.39 34.62 2.38
C ILE A 293 -26.87 34.67 2.21
N GLU A 294 -26.15 34.10 3.18
CA GLU A 294 -24.68 33.93 3.07
C GLU A 294 -24.25 33.20 1.80
N PHE A 295 -25.05 32.24 1.34
CA PHE A 295 -24.78 31.53 0.09
C PHE A 295 -24.93 32.43 -1.14
N ARG A 296 -26.01 33.21 -1.21
CA ARG A 296 -26.22 34.14 -2.34
C ARG A 296 -25.20 35.29 -2.37
N LYS A 297 -24.78 35.76 -1.21
CA LYS A 297 -23.69 36.75 -1.11
C LYS A 297 -22.35 36.20 -1.63
N LEU A 298 -22.04 34.95 -1.29
CA LEU A 298 -20.82 34.31 -1.78
C LEU A 298 -20.78 34.17 -3.31
N LEU A 299 -21.91 33.82 -3.92
CA LEU A 299 -22.03 33.66 -5.38
C LEU A 299 -22.02 34.98 -6.16
N LYS A 300 -22.49 36.06 -5.52
CA LYS A 300 -22.36 37.41 -6.07
C LYS A 300 -20.90 37.84 -6.10
N LYS A 301 -20.23 37.58 -4.99
CA LYS A 301 -18.79 37.82 -4.80
C LYS A 301 -17.91 37.03 -5.78
N TYR A 302 -18.31 35.79 -6.07
CA TYR A 302 -17.58 34.90 -6.97
C TYR A 302 -18.52 34.32 -8.01
N PRO A 303 -18.90 35.13 -9.02
CA PRO A 303 -19.93 34.74 -10.01
C PRO A 303 -19.67 33.45 -10.80
N ALA A 304 -18.40 33.08 -11.00
CA ALA A 304 -18.05 31.83 -11.69
C ALA A 304 -18.46 30.60 -10.90
N ILE A 305 -18.29 30.67 -9.58
CA ILE A 305 -18.75 29.62 -8.65
C ILE A 305 -20.29 29.52 -8.72
N GLY A 306 -20.95 30.67 -8.88
CA GLY A 306 -22.41 30.73 -9.04
C GLY A 306 -23.02 30.03 -10.24
N GLU A 307 -22.22 29.76 -11.27
CA GLU A 307 -22.72 29.10 -12.49
C GLU A 307 -23.11 27.63 -12.28
N HIS A 308 -22.53 27.00 -11.25
CA HIS A 308 -22.94 25.66 -10.80
C HIS A 308 -24.40 25.57 -10.36
N PHE A 309 -24.93 26.66 -9.81
CA PHE A 309 -26.17 26.67 -9.05
C PHE A 309 -27.33 27.46 -9.67
N LYS A 310 -27.29 27.71 -10.97
CA LYS A 310 -28.37 28.43 -11.66
C LYS A 310 -29.73 27.75 -11.45
N ASP A 311 -29.78 26.46 -11.80
CA ASP A 311 -31.00 25.63 -11.69
C ASP A 311 -31.12 24.81 -10.39
N ALA A 312 -30.16 24.98 -9.47
CA ALA A 312 -30.01 24.08 -8.32
C ALA A 312 -31.07 24.29 -7.25
N VAL A 313 -31.33 23.22 -6.50
CA VAL A 313 -32.34 23.23 -5.44
C VAL A 313 -31.75 22.51 -4.22
N ASN A 314 -31.98 23.05 -3.02
CA ASN A 314 -31.68 22.33 -1.78
C ASN A 314 -32.53 21.09 -1.63
N ALA A 315 -31.90 19.97 -1.32
CA ALA A 315 -32.59 18.73 -0.97
C ALA A 315 -32.67 18.54 0.55
N ARG A 316 -32.04 19.43 1.32
CA ARG A 316 -32.15 19.42 2.78
C ARG A 316 -31.84 20.78 3.40
N GLU A 317 -32.07 20.88 4.71
CA GLU A 317 -31.74 22.07 5.49
C GLU A 317 -30.23 22.34 5.51
N TRP A 318 -29.84 23.61 5.30
CA TRP A 318 -28.45 24.06 5.50
C TRP A 318 -28.10 23.92 6.98
N ILE A 319 -27.04 23.17 7.29
CA ILE A 319 -26.47 23.10 8.64
C ILE A 319 -25.36 24.14 8.77
N TYR A 320 -25.43 24.96 9.82
CA TYR A 320 -24.37 25.92 10.17
C TYR A 320 -23.61 25.44 11.39
N ALA A 321 -22.28 25.54 11.31
CA ALA A 321 -21.39 25.26 12.43
C ALA A 321 -20.40 26.42 12.54
N PRO A 322 -20.54 27.29 13.56
CA PRO A 322 -19.71 28.49 13.63
C PRO A 322 -18.22 28.24 13.94
N ARG A 323 -17.92 27.10 14.59
CA ARG A 323 -16.55 26.71 14.89
C ARG A 323 -16.45 25.19 14.79
N ILE A 324 -15.86 24.70 13.70
CA ILE A 324 -15.69 23.26 13.46
C ILE A 324 -14.40 22.66 14.03
N ASN A 325 -13.52 23.51 14.57
CA ASN A 325 -12.18 23.07 14.97
C ASN A 325 -12.11 22.82 16.47
N TYR A 326 -11.59 21.67 16.84
CA TYR A 326 -11.25 21.41 18.23
C TYR A 326 -10.19 20.32 18.33
N ARG A 327 -9.60 20.23 19.52
CA ARG A 327 -8.66 19.18 19.86
C ARG A 327 -8.90 18.77 21.29
N SER A 328 -8.25 17.68 21.69
CA SER A 328 -8.32 17.18 23.07
C SER A 328 -6.91 16.96 23.64
N VAL A 329 -6.76 17.24 24.93
CA VAL A 329 -5.47 17.10 25.63
C VAL A 329 -5.14 15.63 25.91
N GLN A 330 -6.20 14.83 26.09
CA GLN A 330 -6.10 13.41 26.40
C GLN A 330 -7.18 12.70 25.59
N ASN A 331 -6.91 11.46 25.20
CA ASN A 331 -7.95 10.62 24.57
C ASN A 331 -7.98 9.13 24.93
N VAL A 332 -7.07 8.67 25.79
CA VAL A 332 -7.12 7.30 26.32
C VAL A 332 -7.04 7.34 27.84
N GLY A 333 -7.57 6.29 28.47
CA GLY A 333 -7.46 6.10 29.91
C GLY A 333 -7.46 4.62 30.22
N ASP A 334 -7.54 4.29 31.50
CA ASP A 334 -7.55 2.90 31.95
C ASP A 334 -8.65 2.14 31.22
N ARG A 335 -9.85 2.68 31.25
CA ARG A 335 -11.02 2.01 30.70
C ARG A 335 -11.82 2.80 29.64
N PHE A 336 -11.15 3.71 28.92
CA PHE A 336 -11.78 4.38 27.77
C PHE A 336 -10.80 4.76 26.68
N CYS A 337 -11.37 5.02 25.50
CA CYS A 337 -10.62 5.53 24.35
C CYS A 337 -11.54 6.34 23.46
N LEU A 338 -11.14 7.55 23.09
CA LEU A 338 -11.85 8.35 22.11
C LEU A 338 -11.18 8.11 20.77
N LEU A 339 -11.96 7.69 19.77
CA LEU A 339 -11.48 7.60 18.40
C LEU A 339 -11.35 9.03 17.85
N PRO A 340 -10.43 9.24 16.88
CA PRO A 340 -10.03 10.58 16.41
C PRO A 340 -11.14 11.57 16.11
N GLN A 341 -12.25 11.09 15.55
CA GLN A 341 -13.40 11.95 15.25
C GLN A 341 -14.06 12.54 16.50
N ALA A 342 -13.93 11.86 17.64
CA ALA A 342 -14.35 12.40 18.94
C ALA A 342 -13.25 13.15 19.70
N THR A 343 -11.99 12.94 19.31
CA THR A 343 -10.82 13.56 19.92
C THR A 343 -10.64 14.99 19.43
N GLY A 344 -10.58 15.13 18.11
CA GLY A 344 -10.41 16.43 17.47
C GLY A 344 -10.86 16.43 16.01
N PHE A 345 -11.28 17.60 15.55
CA PHE A 345 -11.51 17.83 14.11
C PHE A 345 -10.91 19.17 13.75
N ILE A 346 -10.35 19.26 12.54
CA ILE A 346 -9.75 20.49 12.02
C ILE A 346 -10.61 21.11 10.93
N ASP A 347 -10.78 20.38 9.82
CA ASP A 347 -11.44 20.91 8.63
C ASP A 347 -11.64 19.76 7.63
N PRO A 348 -12.70 19.83 6.79
CA PRO A 348 -12.86 18.83 5.72
C PRO A 348 -11.80 18.85 4.62
N LEU A 349 -11.07 19.95 4.49
CA LEU A 349 -10.00 20.10 3.50
C LEU A 349 -8.96 18.99 3.60
N PHE A 350 -8.72 18.31 2.47
CA PHE A 350 -7.84 17.14 2.34
C PHE A 350 -8.38 15.83 2.95
N SER A 351 -9.55 15.89 3.57
CA SER A 351 -10.27 14.73 4.09
C SER A 351 -9.40 13.81 4.98
N ARG A 352 -8.64 14.44 5.88
CA ARG A 352 -7.76 13.73 6.81
C ARG A 352 -8.53 13.04 7.94
N GLY A 353 -9.75 13.53 8.21
CA GLY A 353 -10.65 12.93 9.22
C GLY A 353 -10.80 11.42 9.13
N LEU A 354 -11.15 10.92 7.94
CA LEU A 354 -11.32 9.48 7.74
C LEU A 354 -10.00 8.71 7.85
N ILE A 355 -8.91 9.32 7.40
CA ILE A 355 -7.61 8.65 7.39
C ILE A 355 -7.20 8.37 8.84
N THR A 356 -7.21 9.42 9.65
CA THR A 356 -6.90 9.33 11.08
C THR A 356 -7.79 8.30 11.79
N THR A 357 -9.09 8.31 11.50
CA THR A 357 -10.05 7.41 12.14
C THR A 357 -9.72 5.94 11.89
N PHE A 358 -9.60 5.54 10.62
CA PHE A 358 -9.35 4.13 10.27
C PHE A 358 -8.00 3.64 10.76
N GLU A 359 -6.98 4.50 10.73
CA GLU A 359 -5.67 4.15 11.26
C GLU A 359 -5.71 3.93 12.76
N SER A 360 -6.49 4.75 13.47
CA SER A 360 -6.62 4.63 14.92
C SER A 360 -7.28 3.32 15.33
N ILE A 361 -8.34 2.93 14.61
CA ILE A 361 -9.02 1.64 14.81
C ILE A 361 -8.05 0.47 14.61
N LEU A 362 -7.22 0.59 13.59
CA LEU A 362 -6.19 -0.41 13.26
C LEU A 362 -5.16 -0.62 14.38
N ARG A 363 -4.73 0.48 15.00
CA ARG A 363 -3.82 0.45 16.16
C ARG A 363 -4.51 0.03 17.45
N LEU A 364 -5.70 0.58 17.71
CA LEU A 364 -6.44 0.33 18.95
C LEU A 364 -6.96 -1.10 19.10
N ALA A 365 -7.49 -1.66 18.02
CA ALA A 365 -8.22 -2.94 18.08
C ALA A 365 -7.43 -4.11 18.70
N PRO A 366 -6.19 -4.38 18.21
CA PRO A 366 -5.38 -5.47 18.80
C PRO A 366 -5.06 -5.29 20.30
N LYS A 367 -4.87 -4.05 20.73
CA LYS A 367 -4.57 -3.72 22.12
C LYS A 367 -5.76 -3.94 23.05
N VAL A 368 -6.97 -3.63 22.56
CA VAL A 368 -8.20 -3.86 23.32
C VAL A 368 -8.45 -5.36 23.46
N LEU A 369 -8.11 -6.13 22.42
CA LEU A 369 -8.17 -7.59 22.48
C LEU A 369 -7.19 -8.20 23.49
N ASP A 370 -5.96 -7.68 23.50
CA ASP A 370 -4.94 -8.13 24.47
C ASP A 370 -5.40 -7.84 25.91
N ALA A 371 -5.91 -6.63 26.13
CA ALA A 371 -6.50 -6.22 27.41
C ALA A 371 -7.61 -7.16 27.86
N ALA A 372 -8.54 -7.48 26.96
CA ALA A 372 -9.69 -8.33 27.29
C ALA A 372 -9.32 -9.80 27.50
N ARG A 373 -8.31 -10.27 26.77
CA ARG A 373 -7.79 -11.64 26.93
C ARG A 373 -6.85 -11.84 28.12
N SER A 374 -6.39 -10.76 28.73
CA SER A 374 -5.55 -10.81 29.95
C SER A 374 -6.12 -10.03 31.15
N ASN A 375 -7.31 -9.44 30.99
CA ASN A 375 -7.98 -8.65 32.02
C ASN A 375 -7.14 -7.50 32.63
N ARG A 376 -6.31 -6.87 31.78
CA ARG A 376 -5.44 -5.76 32.15
C ARG A 376 -5.92 -4.49 31.45
N TRP A 377 -6.43 -3.53 32.24
CA TRP A 377 -6.94 -2.26 31.72
C TRP A 377 -6.24 -1.07 32.39
N GLN A 378 -5.06 -0.75 31.87
CA GLN A 378 -4.22 0.36 32.34
C GLN A 378 -3.91 1.30 31.18
N ARG A 379 -3.87 2.60 31.47
CA ARG A 379 -3.59 3.66 30.49
C ARG A 379 -2.33 3.42 29.66
N GLU A 380 -1.29 2.86 30.29
CA GLU A 380 -0.01 2.56 29.63
C GLU A 380 -0.14 1.73 28.35
N GLN A 381 -1.09 0.79 28.34
CA GLN A 381 -1.30 -0.12 27.22
C GLN A 381 -1.76 0.57 25.93
N PHE A 382 -2.56 1.62 26.08
CA PHE A 382 -3.17 2.33 24.95
C PHE A 382 -2.46 3.64 24.61
N ILE A 383 -1.23 3.81 25.07
CA ILE A 383 -0.54 5.09 25.00
C ILE A 383 -0.06 5.46 23.58
N GLU A 384 0.24 4.46 22.76
CA GLU A 384 0.61 4.68 21.34
C GLU A 384 -0.59 4.99 20.42
N VAL A 385 -1.80 4.69 20.89
CA VAL A 385 -3.03 5.15 20.22
C VAL A 385 -3.17 6.66 20.42
N GLU A 386 -2.93 7.12 21.65
CA GLU A 386 -2.96 8.55 21.96
C GLU A 386 -1.89 9.35 21.23
N ARG A 387 -0.68 8.80 21.14
CA ARG A 387 0.42 9.46 20.45
C ARG A 387 0.07 9.72 18.98
N HIS A 388 -0.37 8.68 18.29
CA HIS A 388 -0.79 8.79 16.88
C HIS A 388 -1.92 9.83 16.68
N CYS A 389 -2.95 9.72 17.50
CA CYS A 389 -4.14 10.56 17.37
C CYS A 389 -3.84 12.04 17.59
N LEU A 390 -3.16 12.36 18.69
CA LEU A 390 -2.84 13.75 19.03
C LEU A 390 -1.84 14.40 18.06
N ASN A 391 -0.91 13.62 17.53
CA ASN A 391 -0.03 14.07 16.44
C ASN A 391 -0.78 14.32 15.14
N ALA A 392 -1.72 13.44 14.82
CA ALA A 392 -2.47 13.55 13.56
C ALA A 392 -3.33 14.81 13.53
N VAL A 393 -3.92 15.17 14.66
CA VAL A 393 -4.70 16.41 14.80
C VAL A 393 -3.80 17.66 14.76
N ALA A 394 -2.60 17.57 15.35
CA ALA A 394 -1.62 18.67 15.29
C ALA A 394 -1.09 18.91 13.86
N THR A 395 -0.74 17.82 13.16
CA THR A 395 -0.27 17.88 11.78
C THR A 395 -1.37 18.37 10.82
N ASN A 396 -2.59 17.88 11.04
CA ASN A 396 -3.74 18.29 10.26
C ASN A 396 -4.03 19.79 10.46
N ASP A 397 -3.78 20.31 11.66
CA ASP A 397 -3.95 21.74 11.95
C ASP A 397 -2.94 22.61 11.19
N GLN A 398 -1.69 22.16 11.16
CA GLN A 398 -0.64 22.83 10.41
C GLN A 398 -0.96 22.86 8.93
N LEU A 399 -1.29 21.68 8.39
CA LEU A 399 -1.62 21.50 6.98
C LEU A 399 -2.71 22.46 6.53
N VAL A 400 -3.83 22.43 7.25
CA VAL A 400 -5.01 23.21 6.90
C VAL A 400 -4.75 24.72 7.06
N SER A 401 -4.18 25.14 8.19
CA SER A 401 -3.96 26.58 8.45
C SER A 401 -3.03 27.20 7.41
N CYS A 402 -1.91 26.53 7.14
CA CYS A 402 -1.00 26.91 6.06
C CYS A 402 -1.66 26.89 4.68
N SER A 403 -2.54 25.92 4.46
CA SER A 403 -3.32 25.84 3.22
C SER A 403 -4.30 27.02 3.07
N TYR A 404 -4.98 27.39 4.15
CA TYR A 404 -5.86 28.59 4.14
C TYR A 404 -5.09 29.89 3.80
N GLU A 405 -3.81 29.95 4.18
CA GLU A 405 -2.95 31.08 3.79
C GLU A 405 -2.52 31.01 2.31
N ALA A 406 -2.25 29.80 1.82
CA ALA A 406 -1.93 29.57 0.40
C ALA A 406 -3.10 29.83 -0.57
N PHE A 407 -4.32 29.98 -0.04
CA PHE A 407 -5.49 30.36 -0.84
C PHE A 407 -5.42 31.76 -1.47
N SER A 408 -4.61 32.64 -0.89
CA SER A 408 -4.61 34.08 -1.25
C SER A 408 -4.13 34.40 -2.67
N ASP A 409 -3.41 33.48 -3.31
CA ASP A 409 -2.93 33.64 -4.68
C ASP A 409 -2.83 32.27 -5.34
N PHE A 410 -3.14 32.19 -6.64
CA PHE A 410 -3.10 30.90 -7.34
C PHE A 410 -1.69 30.30 -7.44
N HIS A 411 -0.71 31.10 -7.84
CA HIS A 411 0.65 30.58 -8.06
C HIS A 411 1.20 29.98 -6.76
N LEU A 412 0.98 30.68 -5.65
CA LEU A 412 1.28 30.17 -4.31
C LEU A 412 0.59 28.82 -4.03
N TRP A 413 -0.71 28.74 -4.34
CA TRP A 413 -1.44 27.48 -4.21
C TRP A 413 -0.84 26.37 -5.06
N ASN A 414 -0.51 26.68 -6.31
CA ASN A 414 0.11 25.71 -7.21
C ASN A 414 1.36 25.06 -6.59
N VAL A 415 2.23 25.86 -5.99
CA VAL A 415 3.47 25.36 -5.36
C VAL A 415 3.17 24.66 -4.03
N TRP A 416 2.30 25.25 -3.23
CA TRP A 416 1.95 24.70 -1.92
C TRP A 416 1.30 23.31 -1.96
N HIS A 417 0.46 23.07 -2.96
CA HIS A 417 -0.31 21.81 -3.02
C HIS A 417 0.60 20.62 -3.30
N ARG A 418 1.75 20.87 -3.92
CA ARG A 418 2.78 19.86 -4.11
C ARG A 418 3.36 19.34 -2.78
N VAL A 419 3.38 20.20 -1.75
CA VAL A 419 3.81 19.78 -0.41
C VAL A 419 2.86 18.74 0.15
N TRP A 420 1.55 19.05 0.13
CA TRP A 420 0.53 18.08 0.50
C TRP A 420 0.59 16.80 -0.37
N LEU A 421 0.64 16.99 -1.69
CA LEU A 421 0.60 15.87 -2.64
C LEU A 421 1.75 14.88 -2.48
N SER A 422 2.97 15.41 -2.36
CA SER A 422 4.17 14.57 -2.23
C SER A 422 4.16 13.76 -0.94
N GLY A 423 3.71 14.38 0.14
CA GLY A 423 3.53 13.70 1.41
C GLY A 423 2.46 12.63 1.36
N SER A 424 1.30 12.99 0.81
CA SER A 424 0.18 12.07 0.62
C SER A 424 0.56 10.82 -0.17
N ASN A 425 1.39 11.00 -1.21
CA ASN A 425 1.88 9.89 -2.03
C ASN A 425 2.78 8.94 -1.26
N LEU A 426 3.68 9.51 -0.47
CA LEU A 426 4.58 8.72 0.38
C LEU A 426 3.81 7.96 1.45
N GLY A 427 2.82 8.62 2.05
CA GLY A 427 1.87 7.96 2.96
C GLY A 427 1.22 6.76 2.31
N SER A 428 0.72 6.94 1.10
CA SER A 428 0.02 5.90 0.36
C SER A 428 0.91 4.71 0.02
N ALA A 429 2.07 4.99 -0.57
CA ALA A 429 3.08 3.97 -0.87
C ALA A 429 3.48 3.14 0.36
N PHE A 430 3.58 3.79 1.52
CA PHE A 430 3.87 3.09 2.77
C PHE A 430 2.75 2.12 3.18
N LEU A 431 1.51 2.56 3.06
CA LEU A 431 0.35 1.71 3.36
C LEU A 431 0.19 0.56 2.35
N GLN A 432 0.54 0.80 1.08
CA GLN A 432 0.63 -0.28 0.07
C GLN A 432 1.62 -1.34 0.49
N LYS A 433 2.79 -0.88 0.94
CA LYS A 433 3.86 -1.76 1.42
C LYS A 433 3.38 -2.65 2.58
N LEU A 434 2.75 -2.06 3.58
CA LEU A 434 2.21 -2.82 4.72
C LEU A 434 1.09 -3.78 4.32
N LEU A 435 0.24 -3.37 3.39
CA LEU A 435 -0.80 -4.23 2.83
C LEU A 435 -0.21 -5.39 2.01
N HIS A 436 0.77 -5.09 1.17
CA HIS A 436 1.47 -6.10 0.39
C HIS A 436 2.19 -7.13 1.28
N ASP A 437 2.88 -6.66 2.32
CA ASP A 437 3.59 -7.53 3.28
C ASP A 437 2.64 -8.38 4.15
N LEU A 438 1.48 -7.84 4.50
CA LEU A 438 0.44 -8.59 5.23
C LEU A 438 -0.24 -9.63 4.34
N GLU A 439 -0.52 -9.27 3.10
CA GLU A 439 -1.09 -10.21 2.12
C GLU A 439 -0.18 -11.40 1.86
N HIS A 440 1.12 -11.13 1.80
CA HIS A 440 2.13 -12.14 1.48
C HIS A 440 2.39 -13.11 2.65
N SER A 441 2.75 -12.54 3.80
CA SER A 441 3.15 -13.33 4.99
C SER A 441 1.98 -13.85 5.84
N GLY A 442 0.87 -13.11 5.88
CA GLY A 442 -0.28 -13.45 6.71
C GLY A 442 0.01 -13.37 8.21
N ASP A 443 0.90 -12.46 8.59
CA ASP A 443 1.37 -12.31 9.98
C ASP A 443 0.82 -11.02 10.62
N ALA A 444 -0.23 -11.18 11.42
CA ALA A 444 -0.88 -10.06 12.11
C ALA A 444 0.00 -9.36 13.15
N ARG A 445 0.91 -10.10 13.78
CA ARG A 445 1.82 -9.55 14.79
C ARG A 445 2.88 -8.64 14.17
N GLN A 446 3.47 -9.09 13.06
CA GLN A 446 4.44 -8.29 12.30
C GLN A 446 3.85 -6.97 11.82
N PHE A 447 2.59 -7.00 11.36
CA PHE A 447 1.91 -5.80 10.88
C PHE A 447 1.67 -4.76 12.00
N ASP A 448 1.11 -5.20 13.13
CA ASP A 448 0.88 -4.32 14.28
C ASP A 448 2.15 -3.60 14.75
N ALA A 449 3.26 -4.34 14.76
CA ALA A 449 4.56 -3.79 15.20
C ALA A 449 5.16 -2.82 14.18
N ALA A 450 5.08 -3.17 12.90
CA ALA A 450 5.51 -2.29 11.81
C ALA A 450 4.80 -0.94 11.86
N LEU A 451 3.50 -0.98 12.16
CA LEU A 451 2.67 0.23 12.24
C LEU A 451 3.05 1.12 13.43
N GLU A 452 3.26 0.50 14.58
CA GLU A 452 3.71 1.21 15.78
C GLU A 452 5.16 1.73 15.67
N ALA A 453 5.99 1.03 14.90
CA ALA A 453 7.42 1.41 14.74
C ALA A 453 7.70 2.54 13.74
N VAL A 454 6.65 3.10 13.12
CA VAL A 454 6.83 4.23 12.20
C VAL A 454 7.40 5.43 12.97
N ARG A 455 8.30 6.16 12.32
CA ARG A 455 9.05 7.25 12.95
C ARG A 455 8.21 8.50 13.23
N PHE A 456 7.21 8.76 12.39
CA PHE A 456 6.38 9.96 12.48
C PHE A 456 4.90 9.59 12.41
N PRO A 457 4.34 9.06 13.51
CA PRO A 457 2.93 8.70 13.52
C PRO A 457 2.01 9.92 13.54
N GLY A 458 0.98 9.88 12.70
CA GLY A 458 0.05 11.01 12.51
C GLY A 458 0.42 11.92 11.35
N CYS A 459 1.67 11.86 10.92
CA CYS A 459 2.16 12.70 9.84
C CYS A 459 1.92 12.06 8.48
N LEU A 460 1.93 12.90 7.45
CA LEU A 460 1.46 12.52 6.12
C LEU A 460 2.26 11.39 5.50
N SER A 461 3.58 11.47 5.59
CA SER A 461 4.47 10.44 5.01
C SER A 461 4.57 9.17 5.87
N LEU A 462 4.27 9.30 7.16
CA LEU A 462 4.36 8.22 8.19
C LEU A 462 5.80 7.88 8.62
N ASP A 463 6.70 7.61 7.68
CA ASP A 463 8.06 7.11 7.98
C ASP A 463 9.14 7.65 7.02
N SER A 464 9.11 8.96 6.78
CA SER A 464 10.05 9.60 5.86
C SER A 464 10.65 10.86 6.52
N PRO A 465 11.91 10.78 7.02
CA PRO A 465 12.51 11.98 7.65
C PRO A 465 12.77 13.13 6.69
N ALA A 466 13.03 12.79 5.42
CA ALA A 466 13.18 13.78 4.36
C ALA A 466 11.92 14.61 4.13
N TYR A 467 10.75 13.95 4.09
CA TYR A 467 9.47 14.66 3.89
C TYR A 467 9.08 15.52 5.07
N GLU A 468 9.18 14.99 6.28
CA GLU A 468 8.81 15.76 7.47
C GLU A 468 9.73 16.96 7.69
N SER A 469 10.95 16.90 7.16
CA SER A 469 11.83 18.06 7.06
C SER A 469 11.25 19.12 6.10
N LEU A 470 10.82 18.68 4.92
CA LEU A 470 10.16 19.54 3.93
C LEU A 470 8.84 20.15 4.43
N PHE A 471 8.01 19.34 5.07
CA PHE A 471 6.73 19.79 5.63
C PHE A 471 6.87 20.84 6.73
N ARG A 472 7.81 20.60 7.65
CA ARG A 472 8.06 21.53 8.78
C ARG A 472 8.54 22.89 8.28
N GLN A 473 9.57 22.88 7.44
CA GLN A 473 10.12 24.12 6.86
C GLN A 473 9.12 24.87 5.94
N SER A 474 8.29 24.12 5.22
CA SER A 474 7.23 24.71 4.40
C SER A 474 6.20 25.43 5.26
N CYS A 475 5.76 24.78 6.34
CA CYS A 475 4.81 25.38 7.27
C CYS A 475 5.37 26.60 8.00
N GLN A 476 6.68 26.59 8.26
CA GLN A 476 7.36 27.75 8.84
C GLN A 476 7.36 28.93 7.85
N VAL A 477 7.61 28.64 6.58
CA VAL A 477 7.57 29.65 5.52
C VAL A 477 6.17 30.25 5.35
N MET A 478 5.15 29.40 5.40
CA MET A 478 3.75 29.85 5.28
C MET A 478 3.30 30.69 6.47
N GLN A 479 3.66 30.27 7.69
CA GLN A 479 3.23 30.99 8.91
C GLN A 479 4.01 32.28 9.11
N GLN A 480 5.28 32.30 8.68
CA GLN A 480 6.08 33.53 8.61
C GLN A 480 5.49 34.51 7.60
N ALA A 481 5.12 33.99 6.43
CA ALA A 481 4.50 34.80 5.37
C ALA A 481 3.15 35.41 5.76
N ARG A 482 2.39 34.72 6.61
CA ARG A 482 1.14 35.23 7.16
C ARG A 482 1.39 36.35 8.17
N GLU A 483 2.31 36.09 9.10
CA GLU A 483 2.64 37.03 10.18
C GLU A 483 3.16 38.38 9.68
N GLN A 484 4.08 38.34 8.72
CA GLN A 484 4.71 39.53 8.15
C GLN A 484 4.09 40.04 6.83
N ALA A 485 3.04 39.37 6.34
CA ALA A 485 2.34 39.75 5.10
C ALA A 485 3.29 39.92 3.91
N ARG A 486 4.07 38.88 3.63
CA ARG A 486 5.07 38.89 2.56
C ARG A 486 4.43 38.88 1.16
N PRO A 487 5.19 39.31 0.12
CA PRO A 487 4.71 39.14 -1.26
C PRO A 487 4.60 37.66 -1.67
N VAL A 488 3.48 37.33 -2.30
CA VAL A 488 3.12 35.94 -2.66
C VAL A 488 4.12 35.28 -3.62
N ALA A 489 4.75 36.07 -4.49
CA ALA A 489 5.77 35.57 -5.42
C ALA A 489 7.07 35.09 -4.72
N GLU A 490 7.40 35.70 -3.58
CA GLU A 490 8.59 35.33 -2.80
C GLU A 490 8.36 34.04 -2.02
N THR A 491 7.23 33.99 -1.32
CA THR A 491 6.76 32.81 -0.59
C THR A 491 6.65 31.57 -1.49
N ALA A 492 6.05 31.75 -2.67
CA ALA A 492 5.99 30.70 -3.69
C ALA A 492 7.37 30.20 -4.10
N ASN A 493 8.32 31.12 -4.28
CA ASN A 493 9.69 30.74 -4.63
C ASN A 493 10.41 30.03 -3.48
N ALA A 494 10.24 30.53 -2.26
CA ALA A 494 10.80 29.88 -1.06
C ALA A 494 10.40 28.39 -1.00
N LEU A 495 9.10 28.13 -1.16
CA LEU A 495 8.58 26.76 -1.21
C LEU A 495 9.10 25.97 -2.41
N HIS A 496 9.21 26.63 -3.56
CA HIS A 496 9.75 26.00 -4.78
C HIS A 496 11.20 25.53 -4.59
N GLU A 497 12.02 26.35 -3.92
CA GLU A 497 13.40 25.99 -3.58
C GLU A 497 13.45 24.75 -2.67
N LEU A 498 12.67 24.79 -1.59
CA LEU A 498 12.58 23.66 -0.65
C LEU A 498 12.16 22.34 -1.32
N ILE A 499 11.26 22.42 -2.30
CA ILE A 499 10.81 21.23 -3.05
C ILE A 499 11.97 20.71 -3.89
N LYS A 500 12.68 21.60 -4.57
CA LYS A 500 13.87 21.25 -5.34
C LYS A 500 14.98 20.65 -4.48
N GLU A 501 15.17 21.21 -3.28
CA GLU A 501 16.15 20.70 -2.29
C GLU A 501 15.87 19.24 -1.87
N HIS A 502 14.59 18.91 -1.70
CA HIS A 502 14.17 17.58 -1.20
C HIS A 502 13.71 16.59 -2.28
N GLU A 503 13.67 17.00 -3.55
CA GLU A 503 13.00 16.22 -4.61
C GLU A 503 13.57 14.81 -4.83
N ALA A 504 14.86 14.62 -4.58
CA ALA A 504 15.48 13.30 -4.72
C ALA A 504 14.93 12.23 -3.76
N GLU A 505 14.46 12.65 -2.59
CA GLU A 505 13.90 11.74 -1.56
C GLU A 505 12.39 11.50 -1.70
N LEU A 506 11.72 12.37 -2.45
CA LEU A 506 10.30 12.18 -2.79
C LEU A 506 10.18 11.17 -3.93
N LEU A 507 8.97 10.89 -4.39
CA LEU A 507 8.76 10.00 -5.54
C LEU A 507 9.04 10.76 -6.84
N PRO A 508 9.41 10.05 -7.93
CA PRO A 508 9.82 10.73 -9.17
C PRO A 508 8.64 11.22 -10.05
N LEU A 509 7.80 12.08 -9.47
CA LEU A 509 6.57 12.57 -10.12
C LEU A 509 6.69 13.96 -10.74
N GLY A 510 7.88 14.57 -10.60
CA GLY A 510 8.16 15.88 -11.21
C GLY A 510 7.50 17.02 -10.46
N TYR A 511 7.60 16.99 -9.13
CA TYR A 511 6.93 17.99 -8.27
C TYR A 511 7.43 19.42 -8.49
N SER A 512 8.72 19.58 -8.79
CA SER A 512 9.31 20.91 -9.00
C SER A 512 8.90 21.58 -10.32
N ARG A 513 8.48 20.81 -11.31
CA ARG A 513 7.97 21.36 -12.59
C ARG A 513 6.61 22.08 -12.37
N ILE A 514 6.69 23.38 -12.11
CA ILE A 514 5.53 24.20 -11.72
C ILE A 514 4.53 24.44 -12.84
N SER A 515 5.01 24.51 -14.08
CA SER A 515 4.13 24.68 -15.24
C SER A 515 3.17 23.48 -15.47
N ASN A 516 3.53 22.28 -15.00
CA ASN A 516 2.63 21.12 -15.02
C ASN A 516 1.64 21.17 -13.85
N ARG A 517 0.40 21.55 -14.16
CA ARG A 517 -0.65 21.75 -13.16
C ARG A 517 -1.48 20.49 -12.92
N PHE A 518 -1.19 19.41 -13.64
CA PHE A 518 -1.89 18.13 -13.51
C PHE A 518 -0.87 17.02 -13.35
N ILE A 519 -0.41 16.82 -12.12
CA ILE A 519 0.72 15.93 -11.85
C ILE A 519 0.29 14.47 -11.91
N LEU A 520 0.72 13.78 -12.98
CA LEU A 520 0.37 12.37 -13.21
C LEU A 520 1.19 11.43 -12.33
N LYS A 521 0.78 10.17 -12.31
CA LYS A 521 1.53 9.09 -11.65
C LYS A 521 2.32 8.28 -12.69
N ASN B 22 45.56 -39.57 -5.38
CA ASN B 22 44.69 -38.40 -5.72
C ASN B 22 43.81 -38.00 -4.53
N GLN B 23 44.08 -36.83 -3.95
CA GLN B 23 43.27 -36.33 -2.81
C GLN B 23 42.00 -35.57 -3.22
N TYR B 24 41.92 -35.12 -4.46
CA TYR B 24 40.68 -34.62 -5.07
C TYR B 24 40.39 -35.34 -6.38
N ASP B 25 39.15 -35.22 -6.86
CA ASP B 25 38.73 -35.82 -8.12
C ASP B 25 38.98 -34.85 -9.28
N VAL B 26 38.50 -33.63 -9.11
CA VAL B 26 38.65 -32.57 -10.11
C VAL B 26 39.22 -31.32 -9.45
N ILE B 27 40.05 -30.59 -10.19
CA ILE B 27 40.55 -29.28 -9.80
C ILE B 27 40.06 -28.28 -10.85
N ILE B 28 39.41 -27.21 -10.39
CA ILE B 28 38.92 -26.15 -11.28
C ILE B 28 39.72 -24.88 -11.02
N ILE B 29 40.28 -24.31 -12.09
CA ILE B 29 40.96 -23.02 -12.04
C ILE B 29 39.95 -21.94 -12.40
N GLY B 30 39.85 -20.91 -11.56
CA GLY B 30 38.88 -19.82 -11.72
C GLY B 30 37.66 -20.05 -10.84
N SER B 31 37.28 -19.03 -10.08
CA SER B 31 36.11 -19.10 -9.19
C SER B 31 34.99 -18.13 -9.63
N GLY B 32 35.09 -17.64 -10.87
CA GLY B 32 33.99 -16.91 -11.52
C GLY B 32 32.83 -17.85 -11.83
N ILE B 33 31.80 -17.33 -12.50
CA ILE B 33 30.55 -18.08 -12.69
C ILE B 33 30.74 -19.43 -13.39
N ALA B 34 31.56 -19.45 -14.43
CA ALA B 34 31.89 -20.70 -15.13
C ALA B 34 32.47 -21.76 -14.17
N GLY B 35 33.52 -21.37 -13.47
CA GLY B 35 34.21 -22.26 -12.51
C GLY B 35 33.37 -22.71 -11.33
N ALA B 36 32.55 -21.81 -10.81
CA ALA B 36 31.70 -22.08 -9.66
C ALA B 36 30.49 -22.97 -9.98
N LEU B 37 29.90 -22.80 -11.16
CA LEU B 37 28.78 -23.64 -11.57
C LEU B 37 29.24 -25.06 -11.93
N THR B 38 30.37 -25.17 -12.64
CA THR B 38 31.03 -26.46 -12.89
C THR B 38 31.31 -27.18 -11.59
N GLY B 39 31.94 -26.47 -10.65
CA GLY B 39 32.23 -27.01 -9.32
C GLY B 39 31.00 -27.42 -8.51
N ALA B 40 29.94 -26.64 -8.64
CA ALA B 40 28.67 -26.94 -7.99
C ALA B 40 28.05 -28.24 -8.52
N VAL B 41 27.88 -28.33 -9.84
CA VAL B 41 27.27 -29.51 -10.45
C VAL B 41 28.07 -30.80 -10.20
N LEU B 42 29.39 -30.74 -10.31
CA LEU B 42 30.25 -31.90 -10.06
C LEU B 42 30.28 -32.34 -8.59
N ALA B 43 30.26 -31.37 -7.68
CA ALA B 43 30.15 -31.64 -6.24
C ALA B 43 28.79 -32.25 -5.86
N LYS B 44 27.72 -31.71 -6.43
CA LYS B 44 26.35 -32.25 -6.28
C LYS B 44 26.25 -33.71 -6.73
N SER B 45 26.93 -34.03 -7.83
CA SER B 45 26.93 -35.39 -8.40
C SER B 45 27.79 -36.42 -7.65
N GLY B 46 28.59 -35.96 -6.68
CA GLY B 46 29.36 -36.83 -5.77
C GLY B 46 30.88 -36.79 -5.87
N LEU B 47 31.43 -35.85 -6.66
CA LEU B 47 32.88 -35.69 -6.76
C LEU B 47 33.42 -34.77 -5.67
N ASN B 48 34.64 -35.05 -5.21
CA ASN B 48 35.38 -34.16 -4.30
C ASN B 48 36.10 -33.14 -5.16
N VAL B 49 35.64 -31.90 -5.11
CA VAL B 49 36.06 -30.82 -6.01
C VAL B 49 36.89 -29.78 -5.27
N LEU B 50 37.92 -29.25 -5.93
CA LEU B 50 38.72 -28.13 -5.40
C LEU B 50 38.76 -26.99 -6.42
N ILE B 51 38.20 -25.84 -6.05
CA ILE B 51 38.24 -24.64 -6.89
C ILE B 51 39.41 -23.73 -6.45
N LEU B 52 40.31 -23.44 -7.39
CA LEU B 52 41.48 -22.58 -7.15
C LEU B 52 41.35 -21.26 -7.91
N ASP B 53 41.76 -20.16 -7.27
CA ASP B 53 41.70 -18.83 -7.88
C ASP B 53 42.75 -17.91 -7.26
N SER B 54 43.46 -17.15 -8.10
CA SER B 54 44.48 -16.19 -7.64
C SER B 54 43.92 -14.83 -7.25
N ALA B 55 42.76 -14.46 -7.81
CA ALA B 55 41.96 -13.34 -7.32
C ALA B 55 41.10 -13.81 -6.15
N GLN B 56 40.43 -12.86 -5.51
CA GLN B 56 39.48 -13.16 -4.44
C GLN B 56 38.21 -12.37 -4.64
N HIS B 57 37.08 -12.96 -4.26
CA HIS B 57 35.81 -12.25 -4.25
C HIS B 57 35.78 -11.23 -3.11
N PRO B 58 35.07 -10.11 -3.28
CA PRO B 58 34.40 -9.73 -4.52
C PRO B 58 35.40 -9.14 -5.54
N ARG B 59 35.19 -9.43 -6.82
CA ARG B 59 36.03 -8.85 -7.91
C ARG B 59 35.12 -8.39 -9.04
N PHE B 60 35.56 -7.34 -9.70
CA PHE B 60 34.92 -6.84 -10.91
C PHE B 60 35.14 -7.82 -12.06
N SER B 61 34.14 -7.95 -12.91
CA SER B 61 34.19 -8.80 -14.09
C SER B 61 33.19 -8.32 -15.13
N VAL B 62 33.52 -8.54 -16.40
CA VAL B 62 32.67 -8.13 -17.54
C VAL B 62 32.07 -9.39 -18.17
N GLY B 63 31.17 -9.19 -19.14
CA GLY B 63 30.38 -10.26 -19.73
C GLY B 63 29.02 -10.18 -19.08
N GLU B 64 28.35 -9.07 -19.36
CA GLU B 64 27.19 -8.61 -18.58
C GLU B 64 25.83 -8.87 -19.24
N ALA B 65 25.75 -8.75 -20.57
CA ALA B 65 24.50 -8.93 -21.30
C ALA B 65 24.10 -10.40 -21.40
N ALA B 66 23.02 -10.78 -20.72
CA ALA B 66 22.44 -12.12 -20.88
C ALA B 66 21.68 -12.20 -22.20
N THR B 67 21.33 -13.42 -22.58
CA THR B 67 20.57 -13.70 -23.80
C THR B 67 19.52 -14.75 -23.49
N PRO B 68 18.51 -14.94 -24.37
CA PRO B 68 17.55 -16.04 -24.15
C PRO B 68 18.22 -17.41 -24.07
N GLU B 69 19.19 -17.62 -24.97
CA GLU B 69 19.98 -18.85 -24.97
C GLU B 69 20.56 -19.15 -23.59
N SER B 70 21.32 -18.19 -23.05
CA SER B 70 21.96 -18.33 -21.74
C SER B 70 20.95 -18.54 -20.60
N GLY B 71 19.77 -17.93 -20.73
CA GLY B 71 18.65 -18.17 -19.81
C GLY B 71 18.22 -19.62 -19.81
N PHE B 72 17.95 -20.17 -21.00
CA PHE B 72 17.56 -21.57 -21.13
C PHE B 72 18.68 -22.53 -20.69
N LEU B 73 19.93 -22.16 -20.93
CA LEU B 73 21.07 -23.01 -20.57
C LEU B 73 21.31 -23.11 -19.05
N LEU B 74 21.06 -22.02 -18.33
CA LEU B 74 21.09 -22.02 -16.87
C LEU B 74 19.96 -22.89 -16.30
N ARG B 75 18.76 -22.72 -16.84
CA ARG B 75 17.60 -23.53 -16.45
C ARG B 75 17.82 -25.02 -16.77
N LEU B 76 18.53 -25.30 -17.87
CA LEU B 76 18.91 -26.67 -18.22
C LEU B 76 19.92 -27.24 -17.24
N LEU B 77 20.96 -26.47 -16.92
CA LEU B 77 21.94 -26.83 -15.88
C LEU B 77 21.26 -27.12 -14.56
N SER B 78 20.37 -26.22 -14.17
CA SER B 78 19.57 -26.35 -12.95
C SER B 78 18.75 -27.65 -12.91
N LYS B 79 18.04 -27.93 -14.00
CA LYS B 79 17.17 -29.11 -14.06
C LYS B 79 17.97 -30.42 -14.21
N ARG B 80 19.02 -30.38 -15.04
CA ARG B 80 19.87 -31.54 -15.33
C ARG B 80 20.57 -32.14 -14.10
N PHE B 81 20.97 -31.28 -13.16
CA PHE B 81 21.72 -31.69 -11.97
C PHE B 81 20.99 -31.49 -10.62
N ASP B 82 19.78 -30.94 -10.67
CA ASP B 82 18.93 -30.74 -9.48
C ASP B 82 19.48 -29.65 -8.52
N ILE B 83 19.74 -28.48 -9.07
CA ILE B 83 20.20 -27.32 -8.31
C ILE B 83 19.29 -26.13 -8.67
N PRO B 84 18.14 -26.02 -7.99
CA PRO B 84 17.18 -24.93 -8.24
C PRO B 84 17.73 -23.50 -8.17
N GLU B 85 18.77 -23.28 -7.36
CA GLU B 85 19.40 -21.96 -7.22
C GLU B 85 20.12 -21.46 -8.48
N ILE B 86 20.55 -22.36 -9.36
CA ILE B 86 21.15 -21.97 -10.64
C ILE B 86 20.09 -21.36 -11.55
N ALA B 87 18.87 -21.88 -11.48
CA ALA B 87 17.75 -21.33 -12.27
C ALA B 87 17.45 -19.88 -11.93
N TYR B 88 17.64 -19.49 -10.66
CA TYR B 88 17.43 -18.09 -10.21
C TYR B 88 18.22 -17.09 -11.04
N LEU B 89 19.40 -17.48 -11.50
CA LEU B 89 20.26 -16.62 -12.31
C LEU B 89 19.76 -16.33 -13.74
N SER B 90 18.72 -17.04 -14.21
CA SER B 90 18.20 -16.89 -15.59
C SER B 90 17.16 -15.78 -15.79
N HIS B 91 16.50 -15.34 -14.72
CA HIS B 91 15.45 -14.31 -14.78
C HIS B 91 15.77 -13.14 -13.81
N PRO B 92 15.62 -11.87 -14.28
CA PRO B 92 16.00 -10.72 -13.44
C PRO B 92 15.18 -10.56 -12.14
N ASP B 93 13.86 -10.73 -12.20
CA ASP B 93 13.01 -10.72 -10.99
C ASP B 93 13.47 -11.73 -9.92
N LYS B 94 13.95 -12.90 -10.35
CA LYS B 94 14.51 -13.91 -9.43
C LYS B 94 15.86 -13.49 -8.86
N ILE B 95 16.70 -12.86 -9.70
CA ILE B 95 17.99 -12.32 -9.28
C ILE B 95 17.82 -11.28 -8.16
N ILE B 96 16.87 -10.36 -8.34
CA ILE B 96 16.57 -9.31 -7.34
C ILE B 96 16.11 -9.95 -6.01
N GLN B 97 15.28 -10.96 -6.12
CA GLN B 97 14.68 -11.63 -4.96
C GLN B 97 15.67 -12.51 -4.17
N HIS B 98 16.52 -13.25 -4.88
CA HIS B 98 17.40 -14.27 -4.27
C HIS B 98 18.87 -13.88 -4.17
N VAL B 99 19.40 -13.18 -5.15
CA VAL B 99 20.80 -12.75 -5.12
C VAL B 99 20.90 -11.43 -4.38
N GLY B 100 20.22 -10.42 -4.91
CA GLY B 100 20.22 -9.09 -4.32
C GLY B 100 19.72 -8.03 -5.29
N SER B 101 19.18 -6.94 -4.75
CA SER B 101 18.62 -5.86 -5.57
C SER B 101 19.66 -5.05 -6.36
N SER B 102 20.92 -5.12 -5.99
CA SER B 102 22.02 -4.54 -6.80
C SER B 102 22.58 -5.49 -7.86
N ALA B 103 22.11 -6.74 -7.88
CA ALA B 103 22.79 -7.80 -8.62
C ALA B 103 22.59 -7.75 -10.12
N CYS B 104 21.60 -6.98 -10.58
CA CYS B 104 21.35 -6.86 -12.01
C CYS B 104 20.47 -5.67 -12.40
N GLY B 105 20.62 -5.26 -13.66
CA GLY B 105 19.65 -4.43 -14.35
C GLY B 105 18.73 -5.32 -15.16
N ILE B 106 17.95 -4.71 -16.04
CA ILE B 106 16.99 -5.43 -16.89
C ILE B 106 17.29 -5.17 -18.37
N LYS B 107 17.03 -6.18 -19.21
CA LYS B 107 16.99 -5.99 -20.66
C LYS B 107 15.71 -6.55 -21.27
N LEU B 108 15.04 -5.70 -22.04
CA LEU B 108 13.87 -6.08 -22.82
C LEU B 108 14.22 -6.37 -24.28
N GLY B 109 15.50 -6.16 -24.65
CA GLY B 109 15.98 -6.51 -25.98
C GLY B 109 17.40 -6.02 -26.23
N PHE B 110 17.95 -6.41 -27.38
CA PHE B 110 19.17 -5.79 -27.94
C PHE B 110 18.68 -4.63 -28.80
N SER B 111 19.36 -3.50 -28.74
CA SER B 111 19.09 -2.36 -29.62
C SER B 111 20.39 -1.84 -30.23
N PHE B 112 20.29 -1.34 -31.46
CA PHE B 112 21.46 -0.89 -32.23
C PHE B 112 21.16 0.47 -32.83
N ALA B 113 22.04 1.44 -32.58
CA ALA B 113 21.91 2.80 -33.10
C ALA B 113 23.12 3.12 -33.95
N TRP B 114 22.87 3.49 -35.21
CA TRP B 114 23.94 3.70 -36.20
C TRP B 114 24.40 5.15 -36.22
N HIS B 115 25.68 5.34 -36.50
CA HIS B 115 26.33 6.64 -36.53
C HIS B 115 27.36 6.74 -37.63
N GLN B 116 27.74 7.98 -37.94
CA GLN B 116 28.62 8.30 -39.03
C GLN B 116 29.42 9.55 -38.68
N GLU B 117 30.72 9.50 -38.97
CA GLU B 117 31.60 10.66 -38.78
C GLU B 117 31.19 11.79 -39.73
N ASN B 118 31.25 13.02 -39.22
CA ASN B 118 30.93 14.24 -39.98
C ASN B 118 29.48 14.25 -40.53
N ALA B 119 28.55 13.83 -39.70
CA ALA B 119 27.14 13.79 -40.07
C ALA B 119 26.27 13.73 -38.82
N PRO B 120 25.12 14.44 -38.84
CA PRO B 120 24.21 14.36 -37.70
C PRO B 120 23.49 13.01 -37.64
N SER B 121 23.48 12.40 -36.45
CA SER B 121 22.87 11.09 -36.25
C SER B 121 21.34 11.18 -36.27
N SER B 122 20.72 10.19 -36.93
CA SER B 122 19.27 10.13 -37.08
C SER B 122 18.66 9.18 -36.05
N PRO B 123 17.60 9.62 -35.35
CA PRO B 123 16.82 8.68 -34.53
C PRO B 123 16.13 7.54 -35.29
N ASP B 124 16.02 7.65 -36.61
CA ASP B 124 15.43 6.60 -37.45
C ASP B 124 16.41 5.48 -37.81
N HIS B 125 17.72 5.73 -37.68
CA HIS B 125 18.74 4.70 -37.87
C HIS B 125 18.88 3.83 -36.63
N LEU B 126 17.82 3.08 -36.34
CA LEU B 126 17.69 2.25 -35.13
C LEU B 126 17.14 0.88 -35.51
N VAL B 127 17.61 -0.16 -34.84
CA VAL B 127 16.91 -1.45 -34.81
C VAL B 127 16.94 -2.02 -33.40
N ALA B 128 15.83 -2.61 -32.98
CA ALA B 128 15.71 -3.13 -31.64
C ALA B 128 14.62 -4.21 -31.55
N PRO B 129 14.99 -5.49 -31.82
CA PRO B 129 14.02 -6.57 -31.61
C PRO B 129 13.79 -6.81 -30.12
N PRO B 130 12.54 -6.65 -29.63
CA PRO B 130 12.29 -6.93 -28.23
C PRO B 130 12.12 -8.41 -27.94
N LEU B 131 12.25 -8.77 -26.67
CA LEU B 131 12.08 -10.13 -26.17
C LEU B 131 10.65 -10.31 -25.67
N LYS B 132 10.21 -11.56 -25.61
CA LYS B 132 8.94 -11.90 -24.93
C LYS B 132 9.14 -11.83 -23.41
N VAL B 133 10.15 -12.54 -22.92
CA VAL B 133 10.47 -12.63 -21.51
C VAL B 133 11.70 -11.76 -21.20
N PRO B 134 11.65 -10.94 -20.12
CA PRO B 134 12.83 -10.10 -19.81
C PRO B 134 14.04 -10.91 -19.33
N GLU B 135 15.23 -10.35 -19.56
CA GLU B 135 16.49 -10.93 -19.14
C GLU B 135 17.29 -9.93 -18.32
N ALA B 136 18.44 -10.35 -17.80
CA ALA B 136 19.24 -9.53 -16.89
C ALA B 136 20.53 -8.97 -17.51
N HIS B 137 20.85 -7.72 -17.17
CA HIS B 137 22.22 -7.20 -17.24
C HIS B 137 22.94 -7.60 -15.96
N LEU B 138 23.85 -8.56 -16.04
CA LEU B 138 24.44 -9.18 -14.86
C LEU B 138 25.54 -8.32 -14.25
N PHE B 139 25.36 -7.91 -13.00
CA PHE B 139 26.40 -7.21 -12.25
C PHE B 139 27.30 -8.29 -11.68
N ARG B 140 28.37 -8.58 -12.39
CA ARG B 140 29.12 -9.82 -12.21
C ARG B 140 29.76 -10.03 -10.84
N GLN B 141 30.13 -8.95 -10.15
CA GLN B 141 30.72 -9.06 -8.81
C GLN B 141 29.78 -9.74 -7.80
N ASP B 142 28.49 -9.43 -7.90
CA ASP B 142 27.45 -9.99 -7.02
C ASP B 142 26.94 -11.34 -7.53
N ILE B 143 26.79 -11.46 -8.86
CA ILE B 143 26.35 -12.71 -9.50
C ILE B 143 27.35 -13.86 -9.31
N ASP B 144 28.63 -13.59 -9.51
CA ASP B 144 29.68 -14.62 -9.38
C ASP B 144 29.92 -15.09 -7.93
N TYR B 145 29.79 -14.16 -6.98
CA TYR B 145 29.91 -14.49 -5.55
C TYR B 145 28.76 -15.42 -5.13
N PHE B 146 27.56 -15.14 -5.66
CA PHE B 146 26.41 -16.01 -5.44
C PHE B 146 26.61 -17.41 -6.03
N ALA B 147 27.20 -17.48 -7.20
CA ALA B 147 27.50 -18.76 -7.85
C ALA B 147 28.56 -19.56 -7.09
N LEU B 148 29.53 -18.86 -6.51
CA LEU B 148 30.53 -19.49 -5.64
C LEU B 148 29.88 -20.06 -4.39
N MET B 149 28.87 -19.36 -3.89
CA MET B 149 28.07 -19.78 -2.73
C MET B 149 27.40 -21.13 -2.96
N ILE B 150 26.86 -21.30 -4.16
CA ILE B 150 26.17 -22.53 -4.56
C ILE B 150 27.15 -23.71 -4.47
N ALA B 151 28.37 -23.52 -5.00
CA ALA B 151 29.39 -24.56 -5.01
C ALA B 151 29.80 -24.98 -3.59
N LEU B 152 30.14 -23.99 -2.78
CA LEU B 152 30.50 -24.20 -1.37
C LEU B 152 29.42 -24.92 -0.54
N LYS B 153 28.15 -24.57 -0.76
CA LYS B 153 27.01 -25.23 -0.09
C LYS B 153 26.82 -26.70 -0.47
N HIS B 154 27.24 -27.06 -1.68
CA HIS B 154 27.18 -28.44 -2.16
C HIS B 154 28.50 -29.22 -1.96
N GLY B 155 29.38 -28.71 -1.10
CA GLY B 155 30.53 -29.47 -0.63
C GLY B 155 31.83 -29.29 -1.40
N ALA B 156 31.84 -28.38 -2.37
CA ALA B 156 33.07 -28.01 -3.06
C ALA B 156 33.94 -27.18 -2.11
N GLU B 157 35.25 -27.25 -2.33
CA GLU B 157 36.23 -26.55 -1.52
C GLU B 157 36.90 -25.46 -2.35
N SER B 158 36.90 -24.23 -1.83
CA SER B 158 37.50 -23.07 -2.50
C SER B 158 38.78 -22.63 -1.79
N ARG B 159 39.78 -22.23 -2.58
CA ARG B 159 41.00 -21.63 -2.05
C ARG B 159 41.37 -20.39 -2.88
N GLN B 160 41.25 -19.23 -2.23
CA GLN B 160 41.41 -17.92 -2.86
C GLN B 160 42.81 -17.37 -2.59
N ASN B 161 43.22 -16.38 -3.38
CA ASN B 161 44.54 -15.74 -3.31
C ASN B 161 45.74 -16.70 -3.42
N ILE B 162 45.56 -17.83 -4.10
CA ILE B 162 46.62 -18.82 -4.30
C ILE B 162 47.38 -18.54 -5.60
N LYS B 163 48.65 -18.93 -5.64
CA LYS B 163 49.48 -18.79 -6.84
C LYS B 163 49.94 -20.17 -7.29
N ILE B 164 49.56 -20.54 -8.51
CA ILE B 164 49.96 -21.81 -9.12
C ILE B 164 51.38 -21.67 -9.67
N GLU B 165 52.32 -22.41 -9.08
CA GLU B 165 53.71 -22.45 -9.54
C GLU B 165 53.83 -23.22 -10.86
N SER B 166 53.37 -24.47 -10.86
CA SER B 166 53.33 -25.30 -12.09
C SER B 166 52.27 -26.40 -12.03
N ILE B 167 51.95 -26.91 -13.21
CA ILE B 167 50.95 -27.96 -13.38
C ILE B 167 51.61 -29.13 -14.12
N SER B 168 51.46 -30.33 -13.57
CA SER B 168 52.03 -31.55 -14.13
C SER B 168 50.92 -32.51 -14.55
N LEU B 169 50.89 -32.86 -15.83
CA LEU B 169 49.95 -33.84 -16.38
C LEU B 169 50.65 -35.19 -16.58
N ASN B 170 50.19 -36.22 -15.87
CA ASN B 170 50.78 -37.57 -15.91
C ASN B 170 49.75 -38.60 -16.36
N ASP B 171 50.18 -39.84 -16.54
CA ASP B 171 49.27 -40.96 -16.85
C ASP B 171 48.34 -41.25 -15.67
N ASP B 172 48.91 -41.30 -14.47
CA ASP B 172 48.17 -41.61 -13.24
C ASP B 172 47.43 -40.41 -12.58
N GLY B 173 47.68 -39.19 -13.05
CA GLY B 173 46.94 -38.03 -12.53
C GLY B 173 47.41 -36.64 -12.96
N VAL B 174 46.89 -35.64 -12.25
CA VAL B 174 47.26 -34.23 -12.39
C VAL B 174 47.78 -33.74 -11.05
N GLU B 175 48.94 -33.09 -11.05
CA GLU B 175 49.51 -32.48 -9.84
C GLU B 175 49.69 -30.97 -10.03
N VAL B 176 49.26 -30.20 -9.05
CA VAL B 176 49.32 -28.73 -9.08
C VAL B 176 50.14 -28.25 -7.88
N ALA B 177 51.32 -27.68 -8.17
CA ALA B 177 52.20 -27.17 -7.13
C ALA B 177 51.78 -25.74 -6.77
N LEU B 178 51.55 -25.52 -5.47
CA LEU B 178 51.13 -24.21 -4.95
C LEU B 178 52.26 -23.55 -4.19
N SER B 179 52.32 -22.21 -4.28
CA SER B 179 53.29 -21.42 -3.52
C SER B 179 52.86 -21.32 -2.06
N ASN B 180 53.80 -21.55 -1.14
CA ASN B 180 53.54 -21.54 0.32
C ASN B 180 52.45 -22.53 0.76
N ALA B 181 52.40 -23.69 0.12
CA ALA B 181 51.46 -24.76 0.46
C ALA B 181 51.89 -26.07 -0.18
N ALA B 182 51.44 -27.17 0.42
CA ALA B 182 51.71 -28.51 -0.11
C ALA B 182 51.01 -28.70 -1.46
N PRO B 183 51.59 -29.53 -2.35
CA PRO B 183 50.97 -29.68 -3.67
C PRO B 183 49.69 -30.53 -3.62
N VAL B 184 48.73 -30.18 -4.48
CA VAL B 184 47.44 -30.90 -4.55
C VAL B 184 47.40 -31.81 -5.77
N LYS B 185 46.71 -32.93 -5.63
CA LYS B 185 46.59 -33.94 -6.70
C LYS B 185 45.13 -34.22 -7.05
N ALA B 186 44.91 -34.54 -8.32
CA ALA B 186 43.58 -34.88 -8.82
C ALA B 186 43.62 -35.73 -10.08
N ALA B 187 42.47 -36.32 -10.39
CA ALA B 187 42.31 -37.11 -11.61
C ALA B 187 42.23 -36.22 -12.86
N PHE B 188 41.69 -35.01 -12.71
CA PHE B 188 41.32 -34.16 -13.84
C PHE B 188 41.45 -32.70 -13.46
N ILE B 189 41.64 -31.84 -14.44
CA ILE B 189 41.75 -30.39 -14.23
C ILE B 189 40.96 -29.61 -15.30
N ILE B 190 40.05 -28.75 -14.84
CA ILE B 190 39.27 -27.90 -15.72
C ILE B 190 39.81 -26.49 -15.58
N ASP B 191 40.07 -25.83 -16.70
CA ASP B 191 40.48 -24.42 -16.69
C ASP B 191 39.26 -23.54 -17.02
N ALA B 192 38.73 -22.90 -15.98
CA ALA B 192 37.59 -21.99 -16.09
C ALA B 192 37.98 -20.54 -15.80
N ALA B 193 39.26 -20.21 -16.01
CA ALA B 193 39.77 -18.87 -15.75
C ALA B 193 39.22 -17.89 -16.79
N ALA B 194 38.82 -16.71 -16.32
CA ALA B 194 38.16 -15.69 -17.14
C ALA B 194 39.06 -15.13 -18.24
N GLN B 195 40.32 -14.87 -17.92
CA GLN B 195 41.29 -14.31 -18.87
C GLN B 195 42.70 -14.70 -18.47
N GLY B 196 43.62 -14.56 -19.43
CA GLY B 196 45.00 -15.02 -19.27
C GLY B 196 45.23 -16.41 -19.83
N SER B 197 44.15 -17.22 -19.93
CA SER B 197 44.18 -18.61 -20.42
C SER B 197 45.45 -19.37 -19.97
N PRO B 198 45.67 -19.45 -18.63
CA PRO B 198 46.96 -19.86 -18.04
C PRO B 198 47.50 -21.20 -18.52
N LEU B 199 46.65 -22.24 -18.48
CA LEU B 199 47.05 -23.57 -18.91
C LEU B 199 47.17 -23.65 -20.44
N SER B 200 46.38 -22.85 -21.16
CA SER B 200 46.52 -22.73 -22.62
C SER B 200 47.87 -22.10 -23.02
N ARG B 201 48.39 -21.21 -22.18
CA ARG B 201 49.74 -20.65 -22.35
C ARG B 201 50.87 -21.65 -22.07
N GLN B 202 50.68 -22.49 -21.05
CA GLN B 202 51.65 -23.55 -20.70
C GLN B 202 51.74 -24.65 -21.76
N LEU B 203 50.58 -25.06 -22.28
CA LEU B 203 50.49 -26.10 -23.31
C LEU B 203 50.75 -25.60 -24.73
N GLY B 204 50.83 -24.28 -24.91
CA GLY B 204 51.12 -23.65 -26.21
C GLY B 204 50.05 -23.86 -27.26
N LEU B 205 48.80 -24.02 -26.81
CA LEU B 205 47.67 -24.26 -27.70
C LEU B 205 47.05 -22.96 -28.22
N ARG B 206 47.32 -21.86 -27.52
CA ARG B 206 46.68 -20.59 -27.80
C ARG B 206 47.33 -19.89 -28.98
N THR B 207 46.51 -19.38 -29.91
CA THR B 207 46.99 -18.70 -31.11
C THR B 207 45.98 -17.69 -31.64
N THR B 208 46.49 -16.66 -32.31
CA THR B 208 45.68 -15.66 -33.02
C THR B 208 45.61 -15.89 -34.55
N GLU B 209 46.37 -16.87 -35.05
CA GLU B 209 46.35 -17.24 -36.47
C GLU B 209 45.02 -17.86 -36.86
N GLY B 210 44.47 -17.43 -38.00
CA GLY B 210 43.20 -17.93 -38.53
C GLY B 210 41.99 -17.02 -38.34
N LEU B 211 42.06 -16.09 -37.39
CA LEU B 211 40.92 -15.26 -37.02
C LEU B 211 40.68 -14.10 -38.00
N ALA B 212 39.43 -13.95 -38.43
CA ALA B 212 38.98 -12.81 -39.24
C ALA B 212 38.69 -11.56 -38.41
N THR B 213 38.59 -11.72 -37.09
CA THR B 213 38.33 -10.61 -36.19
C THR B 213 39.64 -10.17 -35.54
N ASP B 214 39.88 -8.86 -35.57
CA ASP B 214 41.05 -8.22 -35.00
C ASP B 214 40.54 -6.95 -34.31
N THR B 215 40.30 -7.04 -33.01
CA THR B 215 39.68 -5.95 -32.24
C THR B 215 40.34 -5.71 -30.89
N CYS B 216 40.30 -4.45 -30.46
CA CYS B 216 40.74 -4.03 -29.12
C CYS B 216 39.51 -3.56 -28.34
N SER B 217 39.70 -3.28 -27.05
CA SER B 217 38.58 -2.93 -26.19
C SER B 217 38.98 -2.05 -25.01
N PHE B 218 38.12 -1.06 -24.74
CA PHE B 218 38.19 -0.23 -23.54
C PHE B 218 36.89 -0.44 -22.79
N PHE B 219 36.95 -0.57 -21.47
CA PHE B 219 35.73 -0.75 -20.67
C PHE B 219 35.84 -0.32 -19.20
N THR B 220 34.70 0.13 -18.66
CA THR B 220 34.59 0.58 -17.28
C THR B 220 33.14 0.58 -16.82
N HIS B 221 32.92 0.96 -15.57
CA HIS B 221 31.59 1.29 -15.04
C HIS B 221 31.53 2.79 -14.76
N MET B 222 30.35 3.39 -14.94
CA MET B 222 30.16 4.82 -14.74
C MET B 222 28.91 5.15 -13.93
N LEU B 223 28.89 6.38 -13.42
CA LEU B 223 27.74 6.99 -12.75
C LEU B 223 27.16 8.09 -13.60
N ASN B 224 25.86 8.36 -13.42
CA ASN B 224 25.17 9.46 -14.08
C ASN B 224 25.25 9.41 -15.62
N VAL B 225 25.02 8.22 -16.17
CA VAL B 225 24.95 8.04 -17.61
C VAL B 225 23.49 8.28 -17.99
N LYS B 226 23.24 9.33 -18.77
CA LYS B 226 21.88 9.63 -19.24
C LYS B 226 21.35 8.48 -20.10
N SER B 227 20.06 8.18 -19.95
CA SER B 227 19.39 7.19 -20.78
C SER B 227 19.30 7.68 -22.23
N TYR B 228 19.04 6.77 -23.15
CA TYR B 228 18.82 7.16 -24.55
C TYR B 228 17.63 8.11 -24.71
N GLU B 229 16.53 7.79 -24.00
CA GLU B 229 15.27 8.58 -24.07
C GLU B 229 15.43 10.06 -23.67
N ASP B 230 16.25 10.32 -22.65
CA ASP B 230 16.54 11.68 -22.19
C ASP B 230 17.69 12.36 -22.95
N ALA B 231 18.66 11.57 -23.41
CA ALA B 231 19.85 12.11 -24.07
C ALA B 231 19.65 12.48 -25.55
N LEU B 232 18.98 11.59 -26.30
CA LEU B 232 18.96 11.66 -27.76
C LEU B 232 17.59 11.84 -28.41
N ALA B 233 16.69 10.88 -28.19
CA ALA B 233 15.32 10.99 -28.70
C ALA B 233 14.37 10.17 -27.83
N PRO B 234 13.23 10.77 -27.39
CA PRO B 234 12.27 10.02 -26.58
C PRO B 234 11.52 8.96 -27.40
N LEU B 235 10.77 8.10 -26.71
CA LEU B 235 10.02 7.02 -27.36
C LEU B 235 9.06 7.50 -28.45
N SER B 236 8.47 8.67 -28.26
CA SER B 236 7.57 9.28 -29.25
C SER B 236 8.25 9.57 -30.59
N ARG B 237 9.53 9.94 -30.55
CA ARG B 237 10.31 10.18 -31.77
C ARG B 237 10.82 8.90 -32.44
N THR B 238 11.28 7.93 -31.64
CA THR B 238 11.87 6.68 -32.15
C THR B 238 10.85 5.63 -32.61
N ARG B 239 9.63 5.69 -32.05
CA ARG B 239 8.56 4.70 -32.28
C ARG B 239 8.95 3.28 -31.85
N SER B 240 9.83 3.18 -30.86
CA SER B 240 10.36 1.90 -30.39
C SER B 240 9.38 1.20 -29.44
N PRO B 241 9.23 -0.13 -29.54
CA PRO B 241 8.36 -0.88 -28.63
C PRO B 241 8.92 -1.06 -27.19
N ILE B 242 10.18 -0.70 -26.99
CA ILE B 242 10.84 -0.76 -25.68
C ILE B 242 11.68 0.50 -25.44
N GLU B 243 11.88 0.82 -24.17
CA GLU B 243 12.86 1.83 -23.78
C GLU B 243 14.24 1.28 -24.07
N LEU B 244 15.04 2.04 -24.83
CA LEU B 244 16.45 1.71 -25.08
C LEU B 244 17.30 1.80 -23.80
N PHE B 245 16.78 2.49 -22.78
CA PHE B 245 17.29 2.44 -21.42
C PHE B 245 17.22 1.01 -20.86
N LYS B 246 16.07 0.37 -21.03
CA LYS B 246 15.86 -1.03 -20.60
C LYS B 246 16.31 -2.05 -21.66
N SER B 247 17.50 -1.85 -22.23
CA SER B 247 18.01 -2.70 -23.29
C SER B 247 19.52 -2.66 -23.32
N THR B 248 20.11 -3.66 -23.97
CA THR B 248 21.54 -3.72 -24.24
C THR B 248 21.79 -2.87 -25.48
N LEU B 249 22.16 -1.61 -25.24
CA LEU B 249 22.28 -0.60 -26.29
C LEU B 249 23.66 -0.63 -26.94
N HIS B 250 23.67 -0.85 -28.25
CA HIS B 250 24.88 -0.85 -29.06
C HIS B 250 24.88 0.43 -29.89
N HIS B 251 25.97 1.19 -29.83
CA HIS B 251 26.19 2.34 -30.72
C HIS B 251 27.22 1.96 -31.76
N ILE B 252 26.77 1.70 -32.98
CA ILE B 252 27.64 1.14 -34.03
C ILE B 252 28.08 2.19 -35.07
N PHE B 253 29.28 2.02 -35.61
CA PHE B 253 29.85 2.92 -36.61
C PHE B 253 30.98 2.22 -37.38
N GLU B 254 31.44 2.85 -38.46
CA GLU B 254 32.34 2.20 -39.44
C GLU B 254 33.52 1.42 -38.82
N GLU B 255 34.22 2.05 -37.89
CA GLU B 255 35.48 1.50 -37.35
C GLU B 255 35.34 0.72 -36.03
N GLY B 256 34.13 0.65 -35.48
CA GLY B 256 33.94 0.04 -34.17
C GLY B 256 32.55 0.19 -33.59
N TRP B 257 32.43 -0.03 -32.29
CA TRP B 257 31.17 0.16 -31.57
C TRP B 257 31.36 0.40 -30.07
N LEU B 258 30.30 0.90 -29.46
CA LEU B 258 30.28 1.26 -28.04
C LEU B 258 29.04 0.68 -27.41
N TRP B 259 29.18 0.06 -26.23
CA TRP B 259 28.02 -0.46 -25.49
C TRP B 259 27.63 0.44 -24.33
N VAL B 260 26.32 0.46 -24.05
CA VAL B 260 25.75 1.11 -22.88
C VAL B 260 24.86 0.04 -22.25
N ILE B 261 25.32 -0.54 -21.13
CA ILE B 261 24.65 -1.64 -20.44
C ILE B 261 24.31 -1.19 -19.01
N PRO B 262 23.12 -0.60 -18.80
CA PRO B 262 22.76 -0.10 -17.46
C PRO B 262 22.42 -1.17 -16.44
N PHE B 263 22.84 -0.93 -15.20
CA PHE B 263 22.39 -1.69 -14.04
C PHE B 263 21.32 -0.95 -13.23
N ASN B 264 21.04 0.30 -13.62
CA ASN B 264 20.15 1.20 -12.87
C ASN B 264 18.79 1.45 -13.55
N ASN B 265 18.29 0.44 -14.24
CA ASN B 265 17.06 0.52 -15.06
C ASN B 265 15.93 -0.43 -14.65
N HIS B 266 16.11 -1.15 -13.54
CA HIS B 266 15.10 -2.04 -12.97
C HIS B 266 14.31 -1.21 -11.95
N PRO B 267 12.95 -1.26 -12.00
CA PRO B 267 12.18 -0.49 -11.00
C PRO B 267 12.31 -0.96 -9.53
N GLN B 268 12.67 -2.21 -9.30
CA GLN B 268 13.02 -2.75 -7.95
C GLN B 268 14.55 -2.88 -7.69
N GLY B 269 15.36 -2.30 -8.58
CA GLY B 269 16.83 -2.41 -8.51
C GLY B 269 17.48 -1.20 -7.84
N THR B 270 18.52 -1.47 -7.04
CA THR B 270 19.22 -0.44 -6.26
C THR B 270 20.57 -0.02 -6.83
N ASN B 271 21.09 -0.75 -7.82
CA ASN B 271 22.37 -0.42 -8.45
C ASN B 271 22.27 0.91 -9.23
N GLN B 272 23.31 1.73 -9.12
CA GLN B 272 23.39 3.05 -9.77
C GLN B 272 24.36 3.11 -10.95
N LEU B 273 25.10 2.03 -11.18
CA LEU B 273 26.14 2.02 -12.20
C LEU B 273 25.62 1.67 -13.59
N CYS B 274 26.48 1.89 -14.57
CA CYS B 274 26.21 1.59 -15.96
C CYS B 274 27.50 1.12 -16.61
N SER B 275 27.49 -0.06 -17.21
CA SER B 275 28.67 -0.60 -17.89
C SER B 275 28.83 0.05 -19.26
N ILE B 276 30.00 0.63 -19.49
CA ILE B 276 30.35 1.30 -20.73
C ILE B 276 31.62 0.64 -21.27
N GLY B 277 31.58 0.27 -22.55
CA GLY B 277 32.77 -0.23 -23.22
C GLY B 277 32.75 0.13 -24.70
N PHE B 278 33.92 0.32 -25.29
CA PHE B 278 34.02 0.59 -26.72
C PHE B 278 35.18 -0.12 -27.40
N GLN B 279 34.91 -0.67 -28.58
CA GLN B 279 35.84 -1.54 -29.32
C GLN B 279 36.13 -0.95 -30.69
N PHE B 280 37.37 -1.06 -31.13
CA PHE B 280 37.77 -0.63 -32.47
C PHE B 280 38.25 -1.82 -33.27
N ASN B 281 37.85 -1.88 -34.52
CA ASN B 281 38.44 -2.80 -35.50
C ASN B 281 39.83 -2.29 -35.81
N ASN B 282 40.86 -3.07 -35.43
CA ASN B 282 42.26 -2.67 -35.59
C ASN B 282 42.73 -2.46 -37.04
N ALA B 283 42.06 -3.13 -37.98
CA ALA B 283 42.28 -2.89 -39.41
C ALA B 283 41.91 -1.46 -39.86
N LYS B 284 40.90 -0.86 -39.23
CA LYS B 284 40.41 0.49 -39.58
C LYS B 284 40.92 1.61 -38.68
N TYR B 285 41.09 1.34 -37.39
CA TYR B 285 41.58 2.32 -36.42
C TYR B 285 42.34 1.63 -35.31
N ARG B 286 43.60 2.02 -35.11
CA ARG B 286 44.40 1.58 -33.96
C ARG B 286 44.54 2.74 -32.97
N PRO B 287 44.08 2.57 -31.70
CA PRO B 287 44.20 3.67 -30.73
C PRO B 287 45.64 3.91 -30.27
N THR B 288 45.98 5.18 -30.05
CA THR B 288 47.35 5.61 -29.71
C THR B 288 47.52 6.21 -28.32
N GLU B 289 46.41 6.58 -27.67
CA GLU B 289 46.47 7.36 -26.43
C GLU B 289 45.85 6.60 -25.24
N ALA B 290 45.82 7.26 -24.09
CA ALA B 290 45.21 6.71 -22.88
C ALA B 290 43.69 6.59 -23.05
N PRO B 291 43.05 5.66 -22.31
CA PRO B 291 41.60 5.44 -22.46
C PRO B 291 40.76 6.71 -22.38
N GLU B 292 41.11 7.61 -21.46
CA GLU B 292 40.31 8.80 -21.18
C GLU B 292 40.34 9.78 -22.37
N ILE B 293 41.50 9.89 -23.02
CA ILE B 293 41.67 10.70 -24.23
C ILE B 293 40.93 10.07 -25.42
N GLU B 294 41.17 8.78 -25.64
CA GLU B 294 40.51 8.02 -26.72
C GLU B 294 38.98 8.07 -26.63
N PHE B 295 38.46 8.00 -25.41
CA PHE B 295 37.03 8.10 -25.17
C PHE B 295 36.52 9.49 -25.57
N ARG B 296 37.23 10.53 -25.13
CA ARG B 296 36.87 11.91 -25.51
C ARG B 296 37.01 12.16 -27.02
N LYS B 297 38.05 11.61 -27.64
CA LYS B 297 38.19 11.64 -29.10
C LYS B 297 37.02 10.98 -29.83
N LEU B 298 36.54 9.86 -29.27
CA LEU B 298 35.37 9.16 -29.79
C LEU B 298 34.10 10.02 -29.72
N LEU B 299 33.91 10.71 -28.60
CA LEU B 299 32.73 11.56 -28.39
C LEU B 299 32.71 12.84 -29.24
N LYS B 300 33.88 13.33 -29.64
CA LYS B 300 33.97 14.47 -30.58
C LYS B 300 33.64 13.99 -31.99
N LYS B 301 34.16 12.81 -32.32
CA LYS B 301 33.90 12.14 -33.60
C LYS B 301 32.42 11.77 -33.80
N TYR B 302 31.72 11.42 -32.72
CA TYR B 302 30.29 11.06 -32.76
C TYR B 302 29.52 11.80 -31.64
N PRO B 303 29.17 13.08 -31.86
CA PRO B 303 28.50 13.91 -30.84
C PRO B 303 27.23 13.35 -30.20
N ALA B 304 26.49 12.54 -30.93
CA ALA B 304 25.26 11.94 -30.43
C ALA B 304 25.52 10.96 -29.28
N ILE B 305 26.55 10.12 -29.44
CA ILE B 305 27.01 9.22 -28.37
C ILE B 305 27.41 10.03 -27.12
N GLY B 306 28.03 11.19 -27.33
CA GLY B 306 28.44 12.10 -26.25
C GLY B 306 27.33 12.67 -25.37
N GLU B 307 26.10 12.66 -25.86
CA GLU B 307 24.94 13.10 -25.08
C GLU B 307 24.66 12.25 -23.83
N HIS B 308 25.05 10.98 -23.86
CA HIS B 308 24.99 10.11 -22.68
C HIS B 308 25.89 10.57 -21.53
N PHE B 309 27.02 11.20 -21.85
CA PHE B 309 28.13 11.39 -20.90
C PHE B 309 28.44 12.85 -20.53
N LYS B 310 27.41 13.70 -20.45
CA LYS B 310 27.59 15.11 -20.07
C LYS B 310 27.93 15.24 -18.59
N ASP B 311 27.09 14.63 -17.75
CA ASP B 311 27.27 14.62 -16.29
C ASP B 311 27.95 13.34 -15.75
N ALA B 312 28.43 12.48 -16.64
CA ALA B 312 28.89 11.15 -16.25
C ALA B 312 30.27 11.19 -15.60
N VAL B 313 30.46 10.34 -14.61
CA VAL B 313 31.74 10.24 -13.92
C VAL B 313 32.18 8.77 -13.90
N ASN B 314 33.45 8.56 -14.21
CA ASN B 314 34.01 7.23 -14.26
C ASN B 314 34.22 6.66 -12.84
N ALA B 315 33.55 5.55 -12.54
CA ALA B 315 33.59 4.95 -11.19
C ALA B 315 34.69 3.91 -11.03
N ARG B 316 35.41 3.60 -12.11
CA ARG B 316 36.59 2.72 -12.05
C ARG B 316 37.70 3.26 -12.93
N GLU B 317 38.83 2.56 -12.88
CA GLU B 317 39.91 2.71 -13.83
C GLU B 317 39.47 2.03 -15.14
N TRP B 318 39.60 2.74 -16.26
CA TRP B 318 39.42 2.16 -17.60
C TRP B 318 40.43 1.03 -17.79
N ILE B 319 39.95 -0.15 -18.19
CA ILE B 319 40.82 -1.24 -18.63
C ILE B 319 40.96 -1.20 -20.16
N TYR B 320 42.19 -1.32 -20.65
CA TYR B 320 42.51 -1.44 -22.09
C TYR B 320 43.05 -2.83 -22.43
N ALA B 321 42.46 -3.46 -23.44
CA ALA B 321 42.98 -4.70 -24.02
C ALA B 321 43.28 -4.47 -25.51
N PRO B 322 44.58 -4.48 -25.91
CA PRO B 322 44.95 -4.16 -27.31
C PRO B 322 44.50 -5.19 -28.37
N ARG B 323 44.37 -6.45 -27.96
CA ARG B 323 43.91 -7.52 -28.84
C ARG B 323 43.11 -8.51 -28.00
N ILE B 324 41.79 -8.38 -28.02
CA ILE B 324 40.89 -9.28 -27.27
C ILE B 324 40.63 -10.65 -27.93
N ASN B 325 41.16 -10.87 -29.13
CA ASN B 325 40.83 -12.08 -29.91
C ASN B 325 41.86 -13.16 -29.76
N TYR B 326 41.40 -14.40 -29.65
CA TYR B 326 42.27 -15.57 -29.76
C TYR B 326 41.44 -16.84 -29.92
N ARG B 327 42.15 -17.92 -30.25
CA ARG B 327 41.56 -19.27 -30.28
C ARG B 327 42.59 -20.28 -29.83
N SER B 328 42.16 -21.54 -29.73
CA SER B 328 43.03 -22.67 -29.41
C SER B 328 42.84 -23.81 -30.40
N VAL B 329 43.93 -24.49 -30.72
CA VAL B 329 43.91 -25.62 -31.67
C VAL B 329 43.29 -26.89 -31.07
N GLN B 330 43.43 -27.05 -29.75
CA GLN B 330 42.74 -28.09 -28.97
C GLN B 330 42.31 -27.54 -27.62
N ASN B 331 41.32 -28.16 -27.00
CA ASN B 331 40.96 -27.83 -25.61
C ASN B 331 40.65 -29.01 -24.67
N VAL B 332 40.91 -30.24 -25.10
CA VAL B 332 40.86 -31.43 -24.21
C VAL B 332 42.10 -32.30 -24.36
N GLY B 333 42.42 -33.01 -23.29
CA GLY B 333 43.48 -34.02 -23.25
C GLY B 333 43.01 -35.16 -22.37
N ASP B 334 43.90 -36.12 -22.11
CA ASP B 334 43.57 -37.29 -21.31
C ASP B 334 43.05 -36.92 -19.91
N ARG B 335 43.64 -35.88 -19.30
CA ARG B 335 43.28 -35.45 -17.95
C ARG B 335 43.08 -33.94 -17.81
N PHE B 336 42.66 -33.27 -18.88
CA PHE B 336 42.27 -31.87 -18.77
C PHE B 336 41.20 -31.45 -19.77
N CYS B 337 40.62 -30.28 -19.48
CA CYS B 337 39.70 -29.61 -20.40
C CYS B 337 39.77 -28.11 -20.14
N LEU B 338 39.92 -27.33 -21.20
CA LEU B 338 39.78 -25.88 -21.12
C LEU B 338 38.32 -25.54 -21.43
N LEU B 339 37.71 -24.74 -20.57
CA LEU B 339 36.37 -24.19 -20.86
C LEU B 339 36.51 -23.09 -21.91
N PRO B 340 35.42 -22.76 -22.64
CA PRO B 340 35.46 -21.79 -23.74
C PRO B 340 36.15 -20.44 -23.47
N GLN B 341 36.03 -19.90 -22.26
CA GLN B 341 36.70 -18.63 -21.92
C GLN B 341 38.22 -18.76 -22.02
N ALA B 342 38.75 -19.90 -21.55
CA ALA B 342 40.20 -20.18 -21.59
C ALA B 342 40.69 -20.82 -22.90
N THR B 343 39.77 -21.10 -23.82
CA THR B 343 40.05 -21.69 -25.12
C THR B 343 40.11 -20.63 -26.21
N GLY B 344 39.07 -19.81 -26.29
CA GLY B 344 38.96 -18.76 -27.29
C GLY B 344 38.01 -17.65 -26.87
N PHE B 345 38.23 -16.47 -27.41
CA PHE B 345 37.28 -15.36 -27.28
C PHE B 345 37.37 -14.51 -28.53
N ILE B 346 36.22 -14.08 -29.02
CA ILE B 346 36.14 -13.23 -30.21
C ILE B 346 35.86 -11.79 -29.79
N ASP B 347 34.69 -11.55 -29.21
CA ASP B 347 34.21 -10.18 -29.00
C ASP B 347 32.99 -10.18 -28.08
N PRO B 348 32.75 -9.09 -27.35
CA PRO B 348 31.48 -8.99 -26.59
C PRO B 348 30.22 -8.86 -27.44
N LEU B 349 30.35 -8.37 -28.66
CA LEU B 349 29.22 -8.19 -29.58
C LEU B 349 28.41 -9.47 -29.72
N PHE B 350 27.14 -9.39 -29.33
CA PHE B 350 26.17 -10.50 -29.33
C PHE B 350 26.26 -11.45 -28.12
N SER B 351 27.23 -11.24 -27.24
CA SER B 351 27.31 -11.97 -25.97
C SER B 351 27.32 -13.49 -26.16
N ARG B 352 28.13 -13.96 -27.10
CA ARG B 352 28.27 -15.38 -27.40
C ARG B 352 29.16 -16.13 -26.41
N GLY B 353 30.01 -15.39 -25.66
CA GLY B 353 30.91 -15.98 -24.67
C GLY B 353 30.23 -16.85 -23.64
N LEU B 354 29.21 -16.29 -22.97
CA LEU B 354 28.47 -16.98 -21.90
C LEU B 354 27.68 -18.19 -22.38
N ILE B 355 27.07 -18.06 -23.56
CA ILE B 355 26.27 -19.15 -24.14
C ILE B 355 27.19 -20.34 -24.36
N THR B 356 28.29 -20.12 -25.07
CA THR B 356 29.28 -21.17 -25.33
C THR B 356 29.71 -21.86 -24.02
N THR B 357 30.11 -21.05 -23.05
CA THR B 357 30.51 -21.52 -21.72
C THR B 357 29.50 -22.47 -21.08
N PHE B 358 28.26 -22.00 -20.89
CA PHE B 358 27.22 -22.80 -20.22
C PHE B 358 26.88 -24.08 -20.98
N GLU B 359 26.83 -24.03 -22.31
CA GLU B 359 26.63 -25.25 -23.11
C GLU B 359 27.82 -26.20 -22.95
N SER B 360 29.04 -25.65 -22.88
CA SER B 360 30.24 -26.47 -22.71
C SER B 360 30.28 -27.20 -21.37
N ILE B 361 29.83 -26.54 -20.30
CA ILE B 361 29.71 -27.17 -18.98
C ILE B 361 28.66 -28.31 -19.00
N LEU B 362 27.59 -28.08 -19.74
CA LEU B 362 26.49 -29.03 -19.86
C LEU B 362 26.87 -30.31 -20.61
N ARG B 363 27.80 -30.19 -21.55
CA ARG B 363 28.31 -31.33 -22.30
C ARG B 363 29.44 -32.02 -21.55
N LEU B 364 30.29 -31.24 -20.88
CA LEU B 364 31.47 -31.73 -20.18
C LEU B 364 31.13 -32.51 -18.90
N ALA B 365 30.29 -31.92 -18.06
CA ALA B 365 30.00 -32.49 -16.73
C ALA B 365 29.55 -33.96 -16.74
N PRO B 366 28.60 -34.35 -17.62
CA PRO B 366 28.23 -35.77 -17.66
C PRO B 366 29.39 -36.72 -17.99
N LYS B 367 30.27 -36.32 -18.90
CA LYS B 367 31.42 -37.15 -19.32
C LYS B 367 32.48 -37.29 -18.23
N VAL B 368 32.77 -36.20 -17.52
CA VAL B 368 33.69 -36.20 -16.39
C VAL B 368 33.19 -37.11 -15.24
N LEU B 369 31.87 -37.13 -15.02
CA LEU B 369 31.28 -38.07 -14.05
C LEU B 369 31.46 -39.51 -14.48
N ASP B 370 31.08 -39.82 -15.73
CA ASP B 370 31.29 -41.15 -16.31
C ASP B 370 32.77 -41.57 -16.31
N ALA B 371 33.67 -40.61 -16.49
CA ALA B 371 35.11 -40.86 -16.38
C ALA B 371 35.50 -41.19 -14.93
N ALA B 372 34.97 -40.41 -13.98
CA ALA B 372 35.24 -40.60 -12.56
C ALA B 372 34.67 -41.91 -11.99
N ARG B 373 33.51 -42.33 -12.52
CA ARG B 373 32.83 -43.54 -12.05
C ARG B 373 33.40 -44.83 -12.63
N SER B 374 33.94 -44.76 -13.84
CA SER B 374 34.60 -45.90 -14.49
C SER B 374 36.12 -45.92 -14.29
N ASN B 375 36.68 -44.79 -13.84
CA ASN B 375 38.14 -44.60 -13.70
C ASN B 375 38.93 -44.57 -15.02
N ARG B 376 38.25 -44.22 -16.13
CA ARG B 376 38.88 -44.09 -17.44
C ARG B 376 39.06 -42.62 -17.78
N TRP B 377 40.27 -42.24 -18.17
CA TRP B 377 40.63 -40.85 -18.46
C TRP B 377 41.41 -40.74 -19.76
N GLN B 378 40.69 -40.87 -20.87
CA GLN B 378 41.27 -40.78 -22.23
C GLN B 378 40.67 -39.60 -23.00
N ARG B 379 41.50 -38.92 -23.78
CA ARG B 379 41.10 -37.81 -24.66
C ARG B 379 39.82 -38.06 -25.48
N GLU B 380 39.72 -39.26 -26.06
CA GLU B 380 38.60 -39.62 -26.94
C GLU B 380 37.21 -39.54 -26.30
N GLN B 381 37.14 -39.71 -24.97
CA GLN B 381 35.89 -39.55 -24.21
C GLN B 381 35.32 -38.12 -24.25
N PHE B 382 36.22 -37.13 -24.34
CA PHE B 382 35.84 -35.71 -24.32
C PHE B 382 35.84 -35.03 -25.69
N ILE B 383 35.94 -35.80 -26.77
CA ILE B 383 36.11 -35.25 -28.12
C ILE B 383 34.94 -34.35 -28.57
N GLU B 384 33.73 -34.67 -28.12
CA GLU B 384 32.54 -33.89 -28.46
C GLU B 384 32.46 -32.54 -27.74
N VAL B 385 33.16 -32.41 -26.61
CA VAL B 385 33.31 -31.13 -25.92
C VAL B 385 34.19 -30.20 -26.77
N GLU B 386 35.30 -30.74 -27.28
CA GLU B 386 36.19 -30.01 -28.19
C GLU B 386 35.50 -29.60 -29.49
N ARG B 387 34.82 -30.55 -30.14
CA ARG B 387 34.12 -30.28 -31.40
C ARG B 387 33.11 -29.15 -31.25
N HIS B 388 32.38 -29.13 -30.14
CA HIS B 388 31.47 -28.03 -29.82
C HIS B 388 32.19 -26.71 -29.64
N CYS B 389 33.21 -26.73 -28.77
CA CYS B 389 33.93 -25.52 -28.40
C CYS B 389 34.64 -24.83 -29.58
N LEU B 390 35.35 -25.61 -30.39
CA LEU B 390 36.07 -25.03 -31.53
C LEU B 390 35.14 -24.53 -32.64
N ASN B 391 34.07 -25.27 -32.92
CA ASN B 391 33.05 -24.82 -33.86
C ASN B 391 32.33 -23.57 -33.38
N ALA B 392 32.14 -23.45 -32.06
CA ALA B 392 31.50 -22.27 -31.47
C ALA B 392 32.32 -21.01 -31.68
N VAL B 393 33.64 -21.11 -31.47
CA VAL B 393 34.57 -19.99 -31.67
C VAL B 393 34.70 -19.61 -33.15
N ALA B 394 34.70 -20.59 -34.04
CA ALA B 394 34.71 -20.34 -35.48
C ALA B 394 33.44 -19.64 -35.98
N THR B 395 32.28 -20.11 -35.50
CA THR B 395 30.99 -19.46 -35.78
C THR B 395 30.97 -18.04 -35.25
N ASN B 396 31.29 -17.89 -33.96
CA ASN B 396 31.36 -16.59 -33.32
C ASN B 396 32.29 -15.65 -34.07
N ASP B 397 33.41 -16.17 -34.57
CA ASP B 397 34.36 -15.41 -35.37
C ASP B 397 33.79 -14.93 -36.71
N GLN B 398 33.05 -15.80 -37.39
CA GLN B 398 32.38 -15.44 -38.64
C GLN B 398 31.27 -14.42 -38.41
N LEU B 399 30.45 -14.66 -37.39
CA LEU B 399 29.37 -13.74 -37.01
C LEU B 399 29.89 -12.33 -36.72
N VAL B 400 30.87 -12.24 -35.83
CA VAL B 400 31.42 -10.95 -35.41
C VAL B 400 32.11 -10.18 -36.55
N SER B 401 33.02 -10.83 -37.28
CA SER B 401 33.78 -10.15 -38.34
C SER B 401 32.88 -9.63 -39.47
N CYS B 402 31.87 -10.42 -39.83
CA CYS B 402 30.86 -9.99 -40.81
C CYS B 402 29.96 -8.89 -40.27
N SER B 403 29.74 -8.87 -38.96
CA SER B 403 29.01 -7.77 -38.32
C SER B 403 29.81 -6.45 -38.31
N TYR B 404 31.11 -6.54 -38.04
CA TYR B 404 31.99 -5.37 -38.11
C TYR B 404 32.01 -4.74 -39.50
N GLU B 405 31.89 -5.57 -40.55
CA GLU B 405 31.78 -5.04 -41.91
C GLU B 405 30.42 -4.36 -42.18
N ALA B 406 29.35 -4.92 -41.61
CA ALA B 406 27.99 -4.36 -41.72
C ALA B 406 27.77 -3.05 -40.95
N PHE B 407 28.72 -2.65 -40.10
CA PHE B 407 28.70 -1.36 -39.43
C PHE B 407 28.87 -0.16 -40.37
N SER B 408 29.40 -0.38 -41.57
CA SER B 408 29.69 0.69 -42.55
C SER B 408 28.48 1.51 -43.05
N ASP B 409 27.30 0.89 -43.03
CA ASP B 409 26.05 1.56 -43.45
C ASP B 409 24.89 1.02 -42.62
N PHE B 410 23.94 1.89 -42.29
CA PHE B 410 22.78 1.50 -41.47
C PHE B 410 21.89 0.48 -42.18
N HIS B 411 21.48 0.79 -43.40
CA HIS B 411 20.58 -0.08 -44.16
C HIS B 411 21.16 -1.51 -44.29
N LEU B 412 22.46 -1.60 -44.57
CA LEU B 412 23.19 -2.86 -44.58
C LEU B 412 23.09 -3.56 -43.21
N TRP B 413 23.30 -2.79 -42.14
CA TRP B 413 23.13 -3.32 -40.79
C TRP B 413 21.71 -3.79 -40.53
N ASN B 414 20.73 -3.01 -40.97
CA ASN B 414 19.32 -3.39 -40.85
C ASN B 414 19.09 -4.78 -41.43
N VAL B 415 19.57 -5.00 -42.65
CA VAL B 415 19.38 -6.29 -43.33
C VAL B 415 20.18 -7.39 -42.63
N TRP B 416 21.46 -7.13 -42.39
CA TRP B 416 22.35 -8.09 -41.74
C TRP B 416 21.86 -8.59 -40.38
N HIS B 417 21.33 -7.71 -39.53
CA HIS B 417 20.94 -8.11 -38.16
C HIS B 417 19.84 -9.18 -38.13
N ARG B 418 19.04 -9.27 -39.20
CA ARG B 418 18.04 -10.33 -39.35
C ARG B 418 18.65 -11.73 -39.50
N VAL B 419 19.86 -11.79 -40.04
CA VAL B 419 20.63 -13.04 -40.16
C VAL B 419 20.99 -13.57 -38.77
N TRP B 420 21.50 -12.69 -37.92
CA TRP B 420 21.80 -13.03 -36.51
C TRP B 420 20.53 -13.38 -35.75
N LEU B 421 19.51 -12.53 -35.86
CA LEU B 421 18.28 -12.65 -35.07
C LEU B 421 17.59 -13.99 -35.31
N SER B 422 17.40 -14.32 -36.59
CA SER B 422 16.73 -15.55 -37.01
C SER B 422 17.43 -16.80 -36.50
N GLY B 423 18.77 -16.79 -36.55
CA GLY B 423 19.58 -17.86 -35.98
C GLY B 423 19.47 -17.96 -34.47
N SER B 424 19.54 -16.81 -33.81
CA SER B 424 19.39 -16.72 -32.37
C SER B 424 18.02 -17.25 -31.93
N ASN B 425 16.97 -16.86 -32.66
CA ASN B 425 15.59 -17.31 -32.39
C ASN B 425 15.44 -18.83 -32.52
N LEU B 426 16.13 -19.41 -33.51
CA LEU B 426 16.06 -20.85 -33.75
C LEU B 426 16.86 -21.66 -32.75
N GLY B 427 18.02 -21.13 -32.34
CA GLY B 427 18.80 -21.71 -31.25
C GLY B 427 18.04 -21.74 -29.94
N SER B 428 17.42 -20.61 -29.59
CA SER B 428 16.60 -20.49 -28.40
C SER B 428 15.46 -21.49 -28.39
N ALA B 429 14.69 -21.52 -29.47
CA ALA B 429 13.56 -22.44 -29.60
C ALA B 429 13.99 -23.90 -29.44
N PHE B 430 15.16 -24.25 -29.95
CA PHE B 430 15.70 -25.60 -29.82
C PHE B 430 16.07 -25.95 -28.38
N LEU B 431 16.71 -25.02 -27.67
CA LEU B 431 17.07 -25.21 -26.25
C LEU B 431 15.85 -25.24 -25.32
N GLN B 432 14.82 -24.50 -25.70
CA GLN B 432 13.54 -24.53 -24.99
C GLN B 432 12.83 -25.88 -25.16
N LYS B 433 12.93 -26.44 -26.36
CA LYS B 433 12.38 -27.76 -26.67
C LYS B 433 13.09 -28.87 -25.86
N LEU B 434 14.42 -28.81 -25.80
CA LEU B 434 15.20 -29.75 -24.96
C LEU B 434 14.85 -29.62 -23.48
N LEU B 435 14.62 -28.39 -23.03
CA LEU B 435 14.23 -28.11 -21.67
C LEU B 435 12.85 -28.69 -21.32
N HIS B 436 11.88 -28.56 -22.22
CA HIS B 436 10.56 -29.17 -22.05
C HIS B 436 10.62 -30.70 -22.02
N ASP B 437 11.43 -31.30 -22.91
CA ASP B 437 11.63 -32.78 -22.91
C ASP B 437 12.30 -33.31 -21.63
N LEU B 438 13.32 -32.61 -21.15
CA LEU B 438 14.02 -32.97 -19.92
C LEU B 438 13.13 -32.83 -18.66
N GLU B 439 12.35 -31.75 -18.62
CA GLU B 439 11.42 -31.51 -17.51
C GLU B 439 10.33 -32.57 -17.41
N HIS B 440 9.77 -32.96 -18.55
CA HIS B 440 8.64 -33.91 -18.59
C HIS B 440 9.09 -35.35 -18.42
N SER B 441 10.09 -35.76 -19.19
CA SER B 441 10.65 -37.11 -19.09
C SER B 441 11.42 -37.35 -17.79
N GLY B 442 12.24 -36.38 -17.41
CA GLY B 442 13.15 -36.51 -16.26
C GLY B 442 14.39 -37.35 -16.56
N ASP B 443 14.64 -37.62 -17.85
CA ASP B 443 15.67 -38.57 -18.29
C ASP B 443 16.96 -37.82 -18.67
N ALA B 444 17.96 -37.94 -17.81
CA ALA B 444 19.28 -37.31 -18.01
C ALA B 444 20.02 -37.82 -19.24
N ARG B 445 20.02 -39.14 -19.44
CA ARG B 445 20.77 -39.79 -20.52
C ARG B 445 20.24 -39.45 -21.92
N GLN B 446 18.91 -39.32 -22.04
CA GLN B 446 18.25 -38.87 -23.28
C GLN B 446 18.60 -37.42 -23.65
N PHE B 447 18.73 -36.55 -22.64
CA PHE B 447 19.12 -35.15 -22.87
C PHE B 447 20.57 -34.99 -23.35
N ASP B 448 21.49 -35.75 -22.76
CA ASP B 448 22.92 -35.72 -23.15
C ASP B 448 23.14 -36.20 -24.59
N ALA B 449 22.38 -37.23 -24.98
CA ALA B 449 22.43 -37.80 -26.33
C ALA B 449 21.81 -36.89 -27.39
N ALA B 450 20.70 -36.24 -27.04
CA ALA B 450 19.97 -35.33 -27.94
C ALA B 450 20.74 -34.03 -28.19
N LEU B 451 21.45 -33.58 -27.17
CA LEU B 451 22.33 -32.41 -27.28
C LEU B 451 23.58 -32.73 -28.10
N GLU B 452 24.05 -33.96 -28.00
CA GLU B 452 25.19 -34.44 -28.77
C GLU B 452 24.82 -34.77 -30.23
N ALA B 453 23.59 -35.21 -30.45
CA ALA B 453 23.10 -35.57 -31.80
C ALA B 453 22.80 -34.38 -32.73
N VAL B 454 22.87 -33.14 -32.23
CA VAL B 454 22.63 -31.95 -33.06
C VAL B 454 23.65 -31.89 -34.19
N ARG B 455 23.18 -31.59 -35.40
CA ARG B 455 24.02 -31.61 -36.59
C ARG B 455 25.05 -30.47 -36.67
N PHE B 456 24.72 -29.34 -36.03
CA PHE B 456 25.53 -28.14 -36.10
C PHE B 456 25.87 -27.63 -34.70
N PRO B 457 26.70 -28.39 -33.96
CA PRO B 457 27.11 -27.93 -32.63
C PRO B 457 28.06 -26.72 -32.75
N GLY B 458 27.80 -25.71 -31.93
CA GLY B 458 28.54 -24.44 -31.97
C GLY B 458 27.90 -23.36 -32.81
N CYS B 459 27.04 -23.76 -33.75
CA CYS B 459 26.36 -22.83 -34.63
C CYS B 459 25.07 -22.29 -34.00
N LEU B 460 24.60 -21.18 -34.54
CA LEU B 460 23.50 -20.39 -33.94
C LEU B 460 22.17 -21.12 -33.77
N SER B 461 21.72 -21.80 -34.82
CA SER B 461 20.46 -22.56 -34.78
C SER B 461 20.56 -23.92 -34.07
N LEU B 462 21.78 -24.44 -33.93
CA LEU B 462 22.07 -25.78 -33.37
C LEU B 462 21.67 -26.95 -34.29
N ASP B 463 20.41 -27.00 -34.72
CA ASP B 463 19.90 -28.13 -35.54
C ASP B 463 18.93 -27.74 -36.67
N SER B 464 19.09 -26.53 -37.21
CA SER B 464 18.28 -26.08 -38.36
C SER B 464 19.16 -25.91 -39.61
N PRO B 465 19.13 -26.90 -40.54
CA PRO B 465 20.06 -26.84 -41.68
C PRO B 465 19.79 -25.67 -42.63
N ALA B 466 18.52 -25.31 -42.77
CA ALA B 466 18.13 -24.18 -43.61
C ALA B 466 18.73 -22.87 -43.14
N TYR B 467 18.82 -22.66 -41.82
CA TYR B 467 19.49 -21.46 -41.31
C TYR B 467 20.99 -21.45 -41.60
N GLU B 468 21.67 -22.56 -41.31
CA GLU B 468 23.13 -22.64 -41.51
C GLU B 468 23.55 -22.48 -42.97
N SER B 469 22.64 -22.75 -43.90
CA SER B 469 22.80 -22.38 -45.31
C SER B 469 22.77 -20.86 -45.48
N LEU B 470 21.73 -20.22 -44.94
CA LEU B 470 21.58 -18.76 -44.95
C LEU B 470 22.79 -18.07 -44.35
N PHE B 471 23.19 -18.55 -43.18
CA PHE B 471 24.38 -18.03 -42.49
C PHE B 471 25.66 -18.13 -43.31
N ARG B 472 25.93 -19.33 -43.81
CA ARG B 472 27.12 -19.62 -44.64
C ARG B 472 27.18 -18.69 -45.86
N GLN B 473 26.08 -18.61 -46.59
CA GLN B 473 25.98 -17.75 -47.77
C GLN B 473 25.99 -16.26 -47.45
N SER B 474 25.41 -15.87 -46.31
CA SER B 474 25.39 -14.46 -45.92
C SER B 474 26.80 -13.95 -45.59
N CYS B 475 27.53 -14.76 -44.82
CA CYS B 475 28.94 -14.48 -44.51
C CYS B 475 29.85 -14.45 -45.74
N GLN B 476 29.58 -15.29 -46.73
CA GLN B 476 30.31 -15.24 -48.01
C GLN B 476 30.15 -13.89 -48.71
N VAL B 477 28.91 -13.42 -48.82
CA VAL B 477 28.59 -12.11 -49.39
C VAL B 477 29.33 -10.98 -48.66
N MET B 478 29.31 -11.02 -47.33
CA MET B 478 29.97 -10.01 -46.49
C MET B 478 31.48 -10.01 -46.67
N GLN B 479 32.09 -11.19 -46.58
CA GLN B 479 33.55 -11.33 -46.78
C GLN B 479 33.97 -10.96 -48.20
N GLN B 480 33.11 -11.25 -49.18
CA GLN B 480 33.31 -10.83 -50.57
C GLN B 480 33.24 -9.30 -50.68
N ALA B 481 32.24 -8.71 -50.03
CA ALA B 481 32.05 -7.25 -50.03
C ALA B 481 33.25 -6.49 -49.45
N ARG B 482 33.85 -7.03 -48.40
CA ARG B 482 35.03 -6.44 -47.76
C ARG B 482 36.29 -6.61 -48.61
N GLU B 483 36.47 -7.79 -49.21
CA GLU B 483 37.66 -8.07 -50.05
C GLU B 483 37.80 -7.08 -51.21
N GLN B 484 36.70 -6.82 -51.91
CA GLN B 484 36.70 -5.97 -53.11
C GLN B 484 35.71 -4.79 -53.01
N ALA B 485 35.62 -4.22 -51.82
CA ALA B 485 34.89 -2.97 -51.52
C ALA B 485 33.65 -2.72 -52.41
N ARG B 486 32.65 -3.58 -52.27
CA ARG B 486 31.41 -3.47 -53.03
C ARG B 486 30.56 -2.31 -52.49
N PRO B 487 29.72 -1.70 -53.36
CA PRO B 487 28.74 -0.73 -52.83
C PRO B 487 27.75 -1.38 -51.86
N VAL B 488 27.48 -0.68 -50.76
CA VAL B 488 26.62 -1.23 -49.68
C VAL B 488 25.18 -1.48 -50.12
N ALA B 489 24.70 -0.68 -51.08
CA ALA B 489 23.35 -0.84 -51.65
C ALA B 489 23.16 -2.22 -52.29
N GLU B 490 24.18 -2.68 -53.01
CA GLU B 490 24.18 -4.01 -53.64
C GLU B 490 24.32 -5.13 -52.62
N THR B 491 25.33 -5.02 -51.76
CA THR B 491 25.60 -5.95 -50.66
C THR B 491 24.37 -6.17 -49.76
N ALA B 492 23.64 -5.09 -49.48
CA ALA B 492 22.39 -5.14 -48.71
C ALA B 492 21.28 -5.90 -49.42
N ASN B 493 21.15 -5.68 -50.72
CA ASN B 493 20.15 -6.37 -51.54
C ASN B 493 20.42 -7.88 -51.66
N ALA B 494 21.69 -8.24 -51.85
CA ALA B 494 22.12 -9.64 -51.94
C ALA B 494 21.70 -10.46 -50.71
N LEU B 495 21.85 -9.88 -49.52
CA LEU B 495 21.40 -10.52 -48.28
C LEU B 495 19.89 -10.62 -48.19
N HIS B 496 19.21 -9.55 -48.64
CA HIS B 496 17.75 -9.51 -48.62
C HIS B 496 17.12 -10.65 -49.42
N GLU B 497 17.71 -10.96 -50.58
CA GLU B 497 17.28 -12.08 -51.41
C GLU B 497 17.58 -13.43 -50.77
N LEU B 498 18.73 -13.55 -50.10
CA LEU B 498 19.04 -14.76 -49.32
C LEU B 498 18.05 -15.00 -48.17
N ILE B 499 17.63 -13.93 -47.48
CA ILE B 499 16.63 -14.05 -46.42
C ILE B 499 15.27 -14.53 -46.97
N LYS B 500 14.83 -13.90 -48.06
CA LYS B 500 13.57 -14.26 -48.74
C LYS B 500 13.56 -15.70 -49.24
N GLU B 501 14.71 -16.14 -49.74
CA GLU B 501 14.92 -17.51 -50.24
C GLU B 501 14.73 -18.55 -49.12
N HIS B 502 15.28 -18.28 -47.94
CA HIS B 502 15.20 -19.21 -46.80
C HIS B 502 14.07 -18.94 -45.80
N GLU B 503 13.26 -17.90 -46.01
CA GLU B 503 12.29 -17.46 -45.00
C GLU B 503 11.26 -18.51 -44.59
N ALA B 504 10.86 -19.35 -45.54
CA ALA B 504 9.90 -20.44 -45.31
C ALA B 504 10.32 -21.48 -44.25
N GLU B 505 11.64 -21.68 -44.09
CA GLU B 505 12.18 -22.59 -43.06
C GLU B 505 12.47 -21.92 -41.71
N LEU B 506 12.56 -20.59 -41.70
CA LEU B 506 12.74 -19.82 -40.47
C LEU B 506 11.41 -19.65 -39.75
N LEU B 507 11.48 -19.21 -38.50
CA LEU B 507 10.27 -18.96 -37.71
C LEU B 507 9.45 -17.83 -38.32
N PRO B 508 8.10 -17.93 -38.25
CA PRO B 508 7.24 -16.96 -38.95
C PRO B 508 7.15 -15.63 -38.20
N LEU B 509 8.19 -14.81 -38.32
CA LEU B 509 8.29 -13.49 -37.66
C LEU B 509 8.40 -12.30 -38.62
N GLY B 510 8.48 -12.56 -39.92
CA GLY B 510 8.61 -11.51 -40.93
C GLY B 510 9.99 -10.87 -40.94
N TYR B 511 11.01 -11.70 -41.13
CA TYR B 511 12.40 -11.22 -41.18
C TYR B 511 12.70 -10.39 -42.43
N SER B 512 12.06 -10.75 -43.56
CA SER B 512 12.31 -10.09 -44.84
C SER B 512 11.68 -8.68 -45.00
N ARG B 513 10.77 -8.32 -44.10
CA ARG B 513 10.15 -6.99 -44.10
C ARG B 513 11.13 -5.94 -43.54
N ILE B 514 11.91 -5.33 -44.44
CA ILE B 514 13.05 -4.47 -44.05
C ILE B 514 12.61 -3.11 -43.47
N SER B 515 11.47 -2.59 -43.91
CA SER B 515 10.90 -1.38 -43.32
C SER B 515 10.55 -1.56 -41.83
N ASN B 516 10.13 -2.77 -41.44
CA ASN B 516 9.88 -3.10 -40.03
C ASN B 516 11.18 -3.28 -39.24
N ARG B 517 11.60 -2.22 -38.55
CA ARG B 517 12.88 -2.19 -37.85
C ARG B 517 12.86 -2.72 -36.41
N PHE B 518 11.69 -3.10 -35.91
CA PHE B 518 11.51 -3.64 -34.55
C PHE B 518 10.78 -4.97 -34.64
N ILE B 519 11.53 -6.02 -34.96
CA ILE B 519 10.95 -7.32 -35.32
C ILE B 519 10.37 -7.99 -34.08
N LEU B 520 9.08 -8.31 -34.15
CA LEU B 520 8.26 -8.67 -32.99
C LEU B 520 8.19 -10.18 -32.74
N LYS B 521 7.71 -10.52 -31.53
CA LYS B 521 7.52 -11.90 -31.08
C LYS B 521 8.83 -12.68 -31.03
N ASN C 22 48.35 24.61 -7.64
CA ASN C 22 47.65 23.41 -7.08
C ASN C 22 46.52 22.92 -7.99
N GLN C 23 46.55 21.64 -8.36
CA GLN C 23 45.45 21.01 -9.11
C GLN C 23 44.16 20.93 -8.28
N TYR C 24 44.29 20.54 -7.01
CA TYR C 24 43.14 20.33 -6.12
C TYR C 24 43.30 21.08 -4.80
N ASP C 25 42.20 21.16 -4.06
CA ASP C 25 42.17 21.78 -2.74
C ASP C 25 42.53 20.77 -1.63
N VAL C 26 41.98 19.56 -1.73
CA VAL C 26 42.23 18.49 -0.75
C VAL C 26 42.42 17.14 -1.44
N ILE C 27 43.44 16.40 -1.02
CA ILE C 27 43.67 15.02 -1.45
C ILE C 27 43.35 14.08 -0.28
N ILE C 28 42.65 12.99 -0.56
CA ILE C 28 42.26 12.02 0.44
C ILE C 28 42.84 10.67 0.03
N ILE C 29 43.59 10.03 0.93
CA ILE C 29 44.10 8.69 0.71
C ILE C 29 43.15 7.72 1.41
N GLY C 30 42.73 6.69 0.69
CA GLY C 30 41.75 5.72 1.19
C GLY C 30 40.37 6.07 0.70
N SER C 31 39.74 5.15 -0.03
CA SER C 31 38.40 5.36 -0.60
C SER C 31 37.31 4.53 0.08
N GLY C 32 37.62 3.97 1.26
CA GLY C 32 36.61 3.37 2.12
C GLY C 32 35.63 4.40 2.67
N ILE C 33 34.76 3.97 3.58
CA ILE C 33 33.68 4.84 4.08
C ILE C 33 34.19 6.17 4.65
N ALA C 34 35.26 6.11 5.44
CA ALA C 34 35.86 7.31 6.03
C ALA C 34 36.27 8.32 4.97
N GLY C 35 37.07 7.86 4.00
CA GLY C 35 37.57 8.72 2.94
C GLY C 35 36.50 9.22 1.99
N ALA C 36 35.54 8.35 1.69
CA ALA C 36 34.43 8.68 0.81
C ALA C 36 33.49 9.74 1.39
N LEU C 37 33.14 9.60 2.66
CA LEU C 37 32.24 10.55 3.32
C LEU C 37 32.94 11.91 3.56
N THR C 38 34.23 11.89 3.89
CA THR C 38 35.03 13.12 3.98
C THR C 38 35.01 13.83 2.63
N GLY C 39 35.30 13.09 1.58
CA GLY C 39 35.27 13.62 0.21
C GLY C 39 33.92 14.17 -0.19
N ALA C 40 32.85 13.48 0.19
CA ALA C 40 31.50 13.91 -0.10
C ALA C 40 31.19 15.28 0.52
N VAL C 41 31.46 15.42 1.82
CA VAL C 41 31.09 16.65 2.55
C VAL C 41 31.89 17.88 2.10
N LEU C 42 33.17 17.66 1.77
CA LEU C 42 34.05 18.71 1.27
C LEU C 42 33.69 19.12 -0.17
N ALA C 43 33.43 18.13 -1.02
CA ALA C 43 33.01 18.39 -2.41
C ALA C 43 31.67 19.14 -2.50
N LYS C 44 30.68 18.69 -1.72
CA LYS C 44 29.41 19.41 -1.57
C LYS C 44 29.58 20.86 -1.11
N SER C 45 30.55 21.09 -0.23
CA SER C 45 30.83 22.41 0.36
C SER C 45 31.70 23.34 -0.49
N GLY C 46 32.15 22.87 -1.66
CA GLY C 46 32.82 23.72 -2.67
C GLY C 46 34.28 23.45 -2.95
N LEU C 47 34.93 22.58 -2.17
CA LEU C 47 36.33 22.23 -2.43
C LEU C 47 36.45 21.25 -3.61
N ASN C 48 37.54 21.38 -4.36
CA ASN C 48 37.88 20.44 -5.41
C ASN C 48 38.67 19.28 -4.77
N VAL C 49 38.04 18.10 -4.70
CA VAL C 49 38.58 16.94 -3.97
C VAL C 49 39.12 15.87 -4.93
N LEU C 50 40.21 15.22 -4.54
CA LEU C 50 40.76 14.05 -5.22
C LEU C 50 40.91 12.91 -4.22
N ILE C 51 40.32 11.76 -4.52
CA ILE C 51 40.43 10.57 -3.67
C ILE C 51 41.35 9.56 -4.36
N LEU C 52 42.41 9.16 -3.65
CA LEU C 52 43.38 8.18 -4.15
C LEU C 52 43.27 6.89 -3.35
N ASP C 53 43.42 5.76 -4.03
CA ASP C 53 43.45 4.45 -3.36
C ASP C 53 44.23 3.44 -4.17
N SER C 54 45.10 2.68 -3.50
CA SER C 54 45.89 1.62 -4.12
C SER C 54 45.08 0.35 -4.41
N ALA C 55 44.04 0.12 -3.61
CA ALA C 55 43.06 -0.92 -3.89
C ALA C 55 41.96 -0.36 -4.79
N GLN C 56 41.04 -1.24 -5.18
CA GLN C 56 39.87 -0.85 -5.98
C GLN C 56 38.63 -1.53 -5.46
N HIS C 57 37.48 -0.91 -5.71
CA HIS C 57 36.20 -1.48 -5.34
C HIS C 57 35.75 -2.50 -6.40
N PRO C 58 35.06 -3.58 -6.01
CA PRO C 58 34.71 -3.87 -4.63
C PRO C 58 35.86 -4.56 -3.90
N ARG C 59 36.00 -4.28 -2.61
CA ARG C 59 36.96 -5.01 -1.79
C ARG C 59 36.39 -5.29 -0.41
N PHE C 60 36.98 -6.29 0.24
CA PHE C 60 36.54 -6.77 1.52
C PHE C 60 37.06 -5.84 2.63
N SER C 61 36.30 -5.75 3.72
CA SER C 61 36.65 -4.92 4.86
C SER C 61 35.91 -5.39 6.12
N VAL C 62 36.54 -5.19 7.28
CA VAL C 62 35.88 -5.41 8.59
C VAL C 62 35.64 -4.07 9.30
N GLY C 63 34.81 -4.12 10.34
CA GLY C 63 34.29 -2.92 11.01
C GLY C 63 32.79 -2.90 10.77
N GLU C 64 32.13 -3.96 11.22
CA GLU C 64 30.79 -4.32 10.77
C GLU C 64 29.66 -3.89 11.70
N ALA C 65 29.90 -3.90 13.00
CA ALA C 65 28.83 -3.63 13.98
C ALA C 65 28.59 -2.13 14.19
N ALA C 66 27.43 -1.65 13.74
CA ALA C 66 27.03 -0.27 14.00
C ALA C 66 26.63 -0.11 15.45
N THR C 67 26.56 1.14 15.90
CA THR C 67 26.17 1.50 17.26
C THR C 67 25.19 2.68 17.19
N PRO C 68 24.47 2.96 18.30
CA PRO C 68 23.64 4.17 18.31
C PRO C 68 24.44 5.45 18.11
N GLU C 69 25.65 5.49 18.65
CA GLU C 69 26.54 6.64 18.49
C GLU C 69 26.91 6.85 17.02
N SER C 70 27.31 5.78 16.35
CA SER C 70 27.63 5.83 14.91
C SER C 70 26.40 6.22 14.08
N GLY C 71 25.22 5.80 14.53
CA GLY C 71 23.96 6.14 13.87
C GLY C 71 23.66 7.62 13.94
N PHE C 72 23.77 8.20 15.13
CA PHE C 72 23.55 9.63 15.34
C PHE C 72 24.61 10.48 14.64
N LEU C 73 25.85 10.01 14.63
CA LEU C 73 26.93 10.72 13.96
C LEU C 73 26.73 10.74 12.44
N LEU C 74 26.24 9.64 11.89
CA LEU C 74 25.89 9.60 10.46
C LEU C 74 24.79 10.60 10.13
N ARG C 75 23.75 10.64 10.95
CA ARG C 75 22.63 11.58 10.78
C ARG C 75 23.06 13.04 10.99
N LEU C 76 24.03 13.24 11.87
CA LEU C 76 24.63 14.57 12.10
C LEU C 76 25.42 15.05 10.88
N LEU C 77 26.22 14.15 10.32
CA LEU C 77 26.98 14.44 9.07
C LEU C 77 26.03 14.75 7.91
N SER C 78 24.98 13.95 7.78
CA SER C 78 23.94 14.17 6.77
C SER C 78 23.28 15.55 6.90
N LYS C 79 22.88 15.92 8.11
CA LYS C 79 22.19 17.19 8.36
C LYS C 79 23.13 18.39 8.28
N ARG C 80 24.31 18.26 8.88
CA ARG C 80 25.28 19.36 8.94
C ARG C 80 25.70 19.86 7.55
N PHE C 81 25.88 18.94 6.60
CA PHE C 81 26.34 19.26 5.24
C PHE C 81 25.28 19.04 4.14
N ASP C 82 24.02 18.84 4.54
CA ASP C 82 22.89 18.62 3.62
C ASP C 82 23.20 17.61 2.51
N ILE C 83 23.43 16.36 2.92
CA ILE C 83 23.60 15.22 2.02
C ILE C 83 22.69 14.11 2.56
N PRO C 84 21.43 14.05 2.10
CA PRO C 84 20.44 13.08 2.60
C PRO C 84 20.87 11.60 2.60
N GLU C 85 21.63 11.19 1.57
CA GLU C 85 22.05 9.80 1.40
C GLU C 85 22.95 9.25 2.52
N ILE C 86 23.70 10.11 3.20
CA ILE C 86 24.54 9.67 4.33
C ILE C 86 23.68 9.14 5.49
N ALA C 87 22.56 9.80 5.75
CA ALA C 87 21.62 9.35 6.78
C ALA C 87 21.03 7.97 6.51
N TYR C 88 20.86 7.60 5.24
CA TYR C 88 20.40 6.24 4.87
C TYR C 88 21.23 5.12 5.52
N LEU C 89 22.53 5.37 5.67
CA LEU C 89 23.45 4.40 6.27
C LEU C 89 23.28 4.17 7.78
N SER C 90 22.49 5.00 8.45
CA SER C 90 22.23 4.85 9.91
C SER C 90 21.19 3.80 10.29
N HIS C 91 20.27 3.48 9.37
CA HIS C 91 19.15 2.57 9.66
C HIS C 91 19.12 1.39 8.67
N PRO C 92 18.93 0.14 9.17
CA PRO C 92 18.99 -1.05 8.30
C PRO C 92 17.89 -1.21 7.26
N ASP C 93 16.67 -0.75 7.54
CA ASP C 93 15.60 -0.68 6.54
C ASP C 93 15.91 0.26 5.37
N LYS C 94 16.52 1.41 5.67
CA LYS C 94 16.96 2.36 4.64
C LYS C 94 18.09 1.80 3.79
N ILE C 95 19.02 1.08 4.41
CA ILE C 95 20.11 0.42 3.70
C ILE C 95 19.57 -0.58 2.67
N ILE C 96 18.64 -1.44 3.10
CA ILE C 96 18.01 -2.43 2.23
C ILE C 96 17.31 -1.75 1.05
N GLN C 97 16.55 -0.71 1.34
CA GLN C 97 15.77 -0.02 0.34
C GLN C 97 16.62 0.76 -0.69
N HIS C 98 17.68 1.42 -0.23
CA HIS C 98 18.46 2.35 -1.07
C HIS C 98 19.81 1.81 -1.53
N VAL C 99 20.51 1.07 -0.68
CA VAL C 99 21.85 0.55 -1.02
C VAL C 99 21.75 -0.79 -1.73
N GLY C 100 21.03 -1.72 -1.12
CA GLY C 100 20.82 -3.05 -1.67
C GLY C 100 20.46 -4.03 -0.59
N SER C 101 19.77 -5.11 -0.99
CA SER C 101 19.25 -6.09 -0.04
C SER C 101 20.31 -6.98 0.59
N SER C 102 21.49 -7.06 -0.03
CA SER C 102 22.64 -7.76 0.55
C SER C 102 23.55 -6.88 1.42
N ALA C 103 23.24 -5.59 1.52
CA ALA C 103 24.15 -4.60 2.11
C ALA C 103 24.28 -4.62 3.63
N CYS C 104 23.35 -5.28 4.33
CA CYS C 104 23.43 -5.38 5.78
C CYS C 104 22.57 -6.48 6.38
N GLY C 105 22.90 -6.86 7.61
CA GLY C 105 22.02 -7.58 8.50
C GLY C 105 21.45 -6.61 9.53
N ILE C 106 20.57 -7.11 10.41
CA ILE C 106 20.00 -6.30 11.49
C ILE C 106 20.70 -6.56 12.82
N LYS C 107 20.69 -5.58 13.70
CA LYS C 107 21.07 -5.78 15.11
C LYS C 107 20.14 -5.04 16.06
N LEU C 108 19.60 -5.80 17.02
CA LEU C 108 18.72 -5.27 18.05
C LEU C 108 19.49 -4.98 19.35
N GLY C 109 20.77 -5.35 19.38
CA GLY C 109 21.65 -5.08 20.51
C GLY C 109 22.97 -5.84 20.48
N PHE C 110 23.74 -5.63 21.54
CA PHE C 110 25.01 -6.33 21.77
C PHE C 110 24.68 -7.40 22.76
N SER C 111 25.10 -8.63 22.49
CA SER C 111 24.95 -9.74 23.43
C SER C 111 26.32 -10.33 23.76
N PHE C 112 26.45 -10.82 24.99
CA PHE C 112 27.70 -11.37 25.50
C PHE C 112 27.43 -12.70 26.20
N ALA C 113 28.11 -13.75 25.76
CA ALA C 113 27.98 -15.09 26.35
C ALA C 113 29.33 -15.56 26.88
N TRP C 114 29.37 -15.94 28.15
CA TRP C 114 30.61 -16.29 28.84
C TRP C 114 30.81 -17.80 28.83
N HIS C 115 32.07 -18.19 28.72
CA HIS C 115 32.48 -19.58 28.66
C HIS C 115 33.74 -19.79 29.45
N GLN C 116 34.02 -21.06 29.72
CA GLN C 116 35.15 -21.47 30.53
C GLN C 116 35.65 -22.81 30.03
N GLU C 117 36.96 -22.97 29.98
CA GLU C 117 37.55 -24.24 29.57
C GLU C 117 37.21 -25.33 30.60
N ASN C 118 36.90 -26.52 30.08
CA ASN C 118 36.59 -27.71 30.88
C ASN C 118 35.36 -27.55 31.77
N ALA C 119 34.33 -26.90 31.25
CA ALA C 119 33.05 -26.80 31.93
C ALA C 119 31.93 -26.59 30.92
N PRO C 120 30.70 -27.02 31.25
CA PRO C 120 29.57 -26.75 30.34
C PRO C 120 29.18 -25.28 30.38
N SER C 121 28.79 -24.74 29.23
CA SER C 121 28.38 -23.34 29.12
C SER C 121 26.93 -23.17 29.53
N SER C 122 26.66 -22.14 30.33
CA SER C 122 25.32 -21.88 30.85
C SER C 122 24.63 -20.79 30.01
N PRO C 123 23.36 -21.02 29.60
CA PRO C 123 22.52 -19.95 29.02
C PRO C 123 22.18 -18.79 29.98
N ASP C 124 22.41 -18.97 31.28
CA ASP C 124 22.27 -17.89 32.27
C ASP C 124 23.53 -17.03 32.43
N HIS C 125 24.62 -17.43 31.77
CA HIS C 125 25.85 -16.60 31.70
C HIS C 125 25.84 -15.73 30.44
N LEU C 126 24.80 -14.90 30.36
CA LEU C 126 24.54 -14.00 29.23
C LEU C 126 24.18 -12.64 29.76
N VAL C 127 24.57 -11.60 29.02
CA VAL C 127 24.00 -10.27 29.17
C VAL C 127 23.75 -9.71 27.78
N ALA C 128 22.69 -8.92 27.62
CA ALA C 128 22.32 -8.37 26.32
C ALA C 128 21.31 -7.22 26.46
N PRO C 129 21.82 -5.97 26.61
CA PRO C 129 20.90 -4.82 26.64
C PRO C 129 20.35 -4.53 25.24
N PRO C 130 19.00 -4.54 25.08
CA PRO C 130 18.44 -4.25 23.76
C PRO C 130 18.48 -2.77 23.38
N LEU C 131 18.48 -2.52 22.08
CA LEU C 131 18.39 -1.16 21.54
C LEU C 131 16.94 -0.73 21.46
N LYS C 132 16.71 0.58 21.50
CA LYS C 132 15.37 1.13 21.25
C LYS C 132 15.03 1.02 19.76
N VAL C 133 15.94 1.51 18.91
CA VAL C 133 15.78 1.47 17.45
C VAL C 133 16.83 0.50 16.87
N PRO C 134 16.44 -0.37 15.91
CA PRO C 134 17.43 -1.31 15.35
C PRO C 134 18.56 -0.63 14.58
N GLU C 135 19.74 -1.23 14.63
CA GLU C 135 20.90 -0.76 13.89
C GLU C 135 21.34 -1.85 12.92
N ALA C 136 22.33 -1.53 12.09
CA ALA C 136 22.76 -2.40 10.98
C ALA C 136 24.05 -3.17 11.27
N HIS C 137 24.13 -4.39 10.76
CA HIS C 137 25.42 -5.08 10.57
C HIS C 137 25.93 -4.80 9.16
N LEU C 138 26.89 -3.88 9.06
CA LEU C 138 27.32 -3.33 7.78
C LEU C 138 28.19 -4.29 6.95
N PHE C 139 27.70 -4.64 5.77
CA PHE C 139 28.46 -5.48 4.81
C PHE C 139 29.30 -4.54 3.96
N ARG C 140 30.57 -4.45 4.33
CA ARG C 140 31.38 -3.28 3.98
C ARG C 140 31.73 -3.12 2.49
N GLN C 141 31.84 -4.22 1.75
CA GLN C 141 32.05 -4.13 0.30
C GLN C 141 30.95 -3.33 -0.42
N ASP C 142 29.70 -3.48 0.03
CA ASP C 142 28.55 -2.77 -0.55
C ASP C 142 28.34 -1.37 0.05
N ILE C 143 28.51 -1.25 1.36
CA ILE C 143 28.34 0.04 2.06
C ILE C 143 29.40 1.06 1.59
N ASP C 144 30.65 0.63 1.47
CA ASP C 144 31.74 1.51 1.03
C ASP C 144 31.66 1.89 -0.45
N TYR C 145 31.18 0.99 -1.29
CA TYR C 145 31.00 1.31 -2.71
C TYR C 145 29.90 2.39 -2.86
N PHE C 146 28.79 2.19 -2.14
CA PHE C 146 27.72 3.21 -2.06
C PHE C 146 28.23 4.56 -1.54
N ALA C 147 29.05 4.51 -0.50
CA ALA C 147 29.63 5.72 0.08
C ALA C 147 30.47 6.49 -0.93
N LEU C 148 31.29 5.77 -1.69
CA LEU C 148 32.10 6.38 -2.75
C LEU C 148 31.22 6.99 -3.84
N MET C 149 30.11 6.33 -4.12
CA MET C 149 29.08 6.82 -5.06
C MET C 149 28.56 8.21 -4.71
N ILE C 150 28.38 8.46 -3.42
CA ILE C 150 27.95 9.78 -2.94
C ILE C 150 29.02 10.83 -3.25
N ALA C 151 30.28 10.47 -3.01
CA ALA C 151 31.40 11.39 -3.26
C ALA C 151 31.49 11.83 -4.72
N LEU C 152 31.47 10.86 -5.62
CA LEU C 152 31.50 11.11 -7.07
C LEU C 152 30.33 11.96 -7.58
N LYS C 153 29.14 11.75 -7.00
CA LYS C 153 27.93 12.52 -7.39
C LYS C 153 27.99 13.99 -6.99
N HIS C 154 28.75 14.29 -5.94
CA HIS C 154 28.95 15.67 -5.47
C HIS C 154 30.20 16.34 -6.04
N GLY C 155 30.87 15.70 -6.99
CA GLY C 155 31.96 16.33 -7.76
C GLY C 155 33.37 15.91 -7.39
N ALA C 156 33.51 15.04 -6.40
CA ALA C 156 34.83 14.53 -5.99
C ALA C 156 35.39 13.59 -7.05
N GLU C 157 36.65 13.79 -7.44
CA GLU C 157 37.34 12.89 -8.36
C GLU C 157 37.93 11.70 -7.59
N SER C 158 37.93 10.54 -8.23
CA SER C 158 38.50 9.30 -7.67
C SER C 158 39.43 8.64 -8.69
N ARG C 159 40.62 8.29 -8.22
CA ARG C 159 41.58 7.49 -8.97
C ARG C 159 41.88 6.26 -8.14
N GLN C 160 41.64 5.09 -8.73
CA GLN C 160 41.69 3.80 -8.07
C GLN C 160 42.86 3.00 -8.61
N ASN C 161 43.31 2.03 -7.81
CA ASN C 161 44.37 1.11 -8.23
C ASN C 161 45.65 1.85 -8.67
N ILE C 162 45.98 2.90 -7.94
CA ILE C 162 47.18 3.71 -8.18
C ILE C 162 48.26 3.37 -7.17
N LYS C 163 49.49 3.78 -7.48
CA LYS C 163 50.62 3.58 -6.58
C LYS C 163 51.22 4.94 -6.27
N ILE C 164 51.17 5.32 -5.00
CA ILE C 164 51.82 6.54 -4.50
C ILE C 164 53.33 6.27 -4.33
N GLU C 165 54.14 7.02 -5.07
CA GLU C 165 55.61 6.94 -4.98
C GLU C 165 56.13 7.67 -3.75
N SER C 166 55.66 8.91 -3.57
CA SER C 166 56.05 9.76 -2.44
C SER C 166 55.03 10.85 -2.14
N ILE C 167 55.05 11.35 -0.90
CA ILE C 167 54.20 12.46 -0.46
C ILE C 167 55.11 13.54 0.14
N SER C 168 55.17 14.69 -0.53
CA SER C 168 55.97 15.83 -0.08
C SER C 168 55.09 16.86 0.59
N LEU C 169 55.42 17.25 1.82
CA LEU C 169 54.71 18.30 2.54
C LEU C 169 55.56 19.57 2.53
N ASN C 170 55.03 20.62 1.90
CA ASN C 170 55.74 21.89 1.73
C ASN C 170 55.03 23.00 2.49
N ASP C 171 55.66 24.16 2.55
CA ASP C 171 55.06 25.34 3.21
C ASP C 171 53.89 25.98 2.42
N ASP C 172 53.88 25.75 1.10
CA ASP C 172 52.79 26.24 0.21
C ASP C 172 51.81 25.16 -0.29
N GLY C 173 52.04 23.90 0.08
CA GLY C 173 51.10 22.82 -0.25
C GLY C 173 51.58 21.40 0.01
N VAL C 174 50.94 20.47 -0.68
CA VAL C 174 51.31 19.05 -0.70
C VAL C 174 51.55 18.67 -2.15
N GLU C 175 52.51 17.78 -2.39
CA GLU C 175 52.76 17.21 -3.71
C GLU C 175 52.84 15.69 -3.61
N VAL C 176 51.97 15.00 -4.34
CA VAL C 176 51.92 13.53 -4.36
C VAL C 176 52.44 13.06 -5.70
N ALA C 177 53.41 12.16 -5.67
CA ALA C 177 53.97 11.55 -6.87
C ALA C 177 53.29 10.22 -7.10
N LEU C 178 52.84 10.00 -8.34
CA LEU C 178 52.14 8.76 -8.72
C LEU C 178 52.97 7.96 -9.72
N SER C 179 52.70 6.65 -9.77
CA SER C 179 53.35 5.76 -10.73
C SER C 179 52.66 5.87 -12.08
N ASN C 180 53.44 6.08 -13.13
CA ASN C 180 52.92 6.21 -14.51
C ASN C 180 51.84 7.30 -14.66
N ALA C 181 52.09 8.43 -14.02
CA ALA C 181 51.22 9.60 -14.10
C ALA C 181 51.94 10.86 -13.58
N ALA C 182 51.48 12.02 -14.03
CA ALA C 182 52.02 13.30 -13.58
C ALA C 182 51.71 13.52 -12.09
N PRO C 183 52.60 14.25 -11.37
CA PRO C 183 52.31 14.51 -9.95
C PRO C 183 51.09 15.41 -9.75
N VAL C 184 50.40 15.20 -8.62
CA VAL C 184 49.24 16.03 -8.25
C VAL C 184 49.57 16.86 -7.03
N LYS C 185 49.03 18.08 -7.01
CA LYS C 185 49.30 19.06 -5.96
C LYS C 185 47.99 19.50 -5.30
N ALA C 186 48.08 19.77 -4.00
CA ALA C 186 46.92 20.22 -3.22
C ALA C 186 47.33 20.96 -1.96
N ALA C 187 46.38 21.70 -1.39
CA ALA C 187 46.61 22.47 -0.18
C ALA C 187 46.75 21.60 1.09
N PHE C 188 46.10 20.44 1.11
CA PHE C 188 45.91 19.65 2.33
C PHE C 188 45.73 18.18 1.98
N ILE C 189 46.29 17.28 2.79
CA ILE C 189 46.14 15.84 2.57
C ILE C 189 45.50 15.16 3.79
N ILE C 190 44.51 14.31 3.54
CA ILE C 190 43.84 13.56 4.61
C ILE C 190 44.09 12.07 4.41
N ASP C 191 44.71 11.46 5.42
CA ASP C 191 44.89 10.02 5.41
C ASP C 191 43.70 9.34 6.07
N ALA C 192 42.92 8.67 5.23
CA ALA C 192 41.74 7.92 5.68
C ALA C 192 41.92 6.44 5.41
N ALA C 193 43.16 5.96 5.42
CA ALA C 193 43.45 4.55 5.18
C ALA C 193 43.58 3.79 6.50
N ALA C 194 42.89 2.64 6.57
CA ALA C 194 42.88 1.84 7.79
C ALA C 194 44.11 0.94 7.92
N GLN C 195 45.09 1.46 8.67
CA GLN C 195 46.32 0.74 9.08
C GLN C 195 47.41 0.57 8.03
N GLY C 196 47.13 0.97 6.78
CA GLY C 196 48.13 0.93 5.73
C GLY C 196 48.63 2.31 5.38
N SER C 197 48.29 3.29 6.20
CA SER C 197 48.58 4.69 5.90
C SER C 197 50.07 4.98 5.71
N PRO C 198 50.46 5.36 4.47
CA PRO C 198 51.81 5.77 4.09
C PRO C 198 52.22 7.03 4.81
N LEU C 199 51.23 7.89 5.05
CA LEU C 199 51.45 9.12 5.75
C LEU C 199 51.99 8.87 7.15
N SER C 200 51.38 7.95 7.89
CA SER C 200 51.85 7.62 9.24
C SER C 200 53.19 6.86 9.25
N ARG C 201 53.48 6.11 8.19
CA ARG C 201 54.78 5.43 8.01
C ARG C 201 55.90 6.45 7.83
N GLN C 202 55.75 7.32 6.84
CA GLN C 202 56.79 8.29 6.50
C GLN C 202 57.00 9.39 7.55
N LEU C 203 55.99 9.67 8.36
CA LEU C 203 56.05 10.72 9.40
C LEU C 203 56.58 10.25 10.74
N GLY C 204 56.56 8.93 10.98
CA GLY C 204 57.10 8.36 12.20
C GLY C 204 56.28 8.59 13.46
N LEU C 205 54.98 8.72 13.28
CA LEU C 205 54.06 9.03 14.38
C LEU C 205 53.53 7.78 15.08
N ARG C 206 53.49 6.65 14.38
CA ARG C 206 52.96 5.40 14.92
C ARG C 206 53.86 4.76 15.98
N THR C 207 53.25 4.28 17.06
CA THR C 207 53.96 3.55 18.12
C THR C 207 53.04 2.57 18.84
N THR C 208 53.65 1.61 19.53
CA THR C 208 52.94 0.68 20.43
C THR C 208 53.26 0.90 21.92
N GLU C 209 54.08 1.91 22.22
CA GLU C 209 54.47 2.21 23.61
C GLU C 209 53.27 2.79 24.36
N GLY C 210 53.15 2.43 25.63
CA GLY C 210 52.12 2.98 26.51
C GLY C 210 50.71 2.45 26.29
N LEU C 211 50.59 1.32 25.60
CA LEU C 211 49.30 0.68 25.33
C LEU C 211 49.10 -0.50 26.27
N ALA C 212 47.97 -0.48 26.99
CA ALA C 212 47.57 -1.58 27.86
C ALA C 212 47.12 -2.82 27.09
N THR C 213 46.40 -2.62 25.99
CA THR C 213 45.85 -3.70 25.18
C THR C 213 46.93 -4.27 24.25
N ASP C 214 47.11 -5.58 24.29
CA ASP C 214 47.99 -6.33 23.37
C ASP C 214 47.22 -7.54 22.84
N THR C 215 46.71 -7.43 21.62
CA THR C 215 45.84 -8.44 21.02
C THR C 215 46.11 -8.73 19.54
N CYS C 216 45.91 -9.98 19.17
CA CYS C 216 45.90 -10.43 17.77
C CYS C 216 44.47 -10.68 17.33
N SER C 217 44.29 -10.91 16.04
CA SER C 217 42.96 -11.13 15.47
C SER C 217 42.99 -12.11 14.31
N PHE C 218 42.00 -13.00 14.29
CA PHE C 218 41.69 -13.86 13.14
C PHE C 218 40.29 -13.51 12.68
N PHE C 219 40.09 -13.28 11.38
CA PHE C 219 38.74 -13.00 10.87
C PHE C 219 38.49 -13.48 9.44
N THR C 220 37.20 -13.69 9.16
CA THR C 220 36.73 -14.21 7.88
C THR C 220 35.22 -14.03 7.77
N HIS C 221 34.67 -14.39 6.61
CA HIS C 221 33.23 -14.53 6.43
C HIS C 221 32.93 -16.01 6.19
N MET C 222 31.77 -16.47 6.64
CA MET C 222 31.40 -17.89 6.59
C MET C 222 29.97 -18.14 6.14
N LEU C 223 29.75 -19.34 5.58
CA LEU C 223 28.41 -19.82 5.18
C LEU C 223 27.83 -20.81 6.18
N ASN C 224 26.51 -20.86 6.25
CA ASN C 224 25.77 -21.83 7.08
C ASN C 224 26.16 -21.80 8.56
N VAL C 225 26.35 -20.61 9.10
CA VAL C 225 26.55 -20.45 10.53
C VAL C 225 25.16 -20.54 11.19
N LYS C 226 24.99 -21.56 12.03
CA LYS C 226 23.80 -21.72 12.85
C LYS C 226 23.59 -20.50 13.76
N SER C 227 22.34 -20.12 13.96
CA SER C 227 21.98 -19.09 14.93
C SER C 227 22.12 -19.61 16.36
N TYR C 228 22.24 -18.69 17.32
CA TYR C 228 22.34 -19.04 18.74
C TYR C 228 21.09 -19.76 19.24
N GLU C 229 19.91 -19.37 18.74
CA GLU C 229 18.64 -19.97 19.17
C GLU C 229 18.53 -21.44 18.75
N ASP C 230 18.93 -21.74 17.51
CA ASP C 230 18.96 -23.13 17.03
C ASP C 230 20.11 -23.94 17.61
N ALA C 231 21.28 -23.32 17.74
CA ALA C 231 22.52 -24.03 18.15
C ALA C 231 22.68 -24.27 19.65
N LEU C 232 22.19 -23.35 20.48
CA LEU C 232 22.49 -23.37 21.92
C LEU C 232 21.29 -23.29 22.85
N ALA C 233 20.50 -22.22 22.74
CA ALA C 233 19.31 -22.05 23.60
C ALA C 233 18.33 -20.99 23.10
N PRO C 234 17.02 -21.30 23.09
CA PRO C 234 15.99 -20.36 22.61
C PRO C 234 15.65 -19.22 23.59
N LEU C 235 14.80 -18.31 23.14
CA LEU C 235 14.38 -17.15 23.95
C LEU C 235 13.62 -17.53 25.22
N SER C 236 12.90 -18.64 25.17
CA SER C 236 12.19 -19.19 26.31
C SER C 236 13.12 -19.65 27.42
N ARG C 237 14.28 -20.20 27.04
CA ARG C 237 15.34 -20.62 27.97
C ARG C 237 16.12 -19.41 28.51
N THR C 238 16.72 -18.63 27.61
CA THR C 238 17.58 -17.50 27.99
C THR C 238 16.85 -16.32 28.63
N ARG C 239 15.56 -16.20 28.36
CA ARG C 239 14.71 -15.06 28.80
C ARG C 239 15.15 -13.71 28.22
N SER C 240 15.83 -13.74 27.07
CA SER C 240 16.27 -12.52 26.41
C SER C 240 15.08 -11.84 25.72
N PRO C 241 14.95 -10.50 25.83
CA PRO C 241 13.90 -9.80 25.10
C PRO C 241 14.18 -9.64 23.59
N ILE C 242 15.39 -9.95 23.15
CA ILE C 242 15.75 -9.97 21.72
C ILE C 242 16.41 -11.28 21.31
N GLU C 243 16.29 -11.62 20.03
CA GLU C 243 16.98 -12.79 19.48
C GLU C 243 18.47 -12.51 19.35
N LEU C 244 19.30 -13.42 19.88
CA LEU C 244 20.75 -13.29 19.79
C LEU C 244 21.28 -13.45 18.37
N PHE C 245 20.48 -14.10 17.52
CA PHE C 245 20.66 -14.10 16.07
C PHE C 245 20.60 -12.67 15.50
N LYS C 246 19.63 -11.89 15.95
CA LYS C 246 19.49 -10.47 15.58
C LYS C 246 20.30 -9.53 16.51
N SER C 247 21.54 -9.90 16.80
CA SER C 247 22.40 -9.13 17.71
C SER C 247 23.85 -9.34 17.33
N THR C 248 24.72 -8.44 17.81
CA THR C 248 26.17 -8.63 17.71
C THR C 248 26.57 -9.53 18.87
N LEU C 249 26.92 -10.78 18.56
CA LEU C 249 27.18 -11.80 19.57
C LEU C 249 28.65 -11.87 19.91
N HIS C 250 28.97 -11.63 21.19
CA HIS C 250 30.33 -11.71 21.70
C HIS C 250 30.49 -12.94 22.60
N HIS C 251 31.16 -13.98 22.09
CA HIS C 251 31.53 -15.12 22.91
C HIS C 251 32.81 -14.78 23.65
N ILE C 252 32.71 -14.61 24.96
CA ILE C 252 33.85 -14.14 25.78
C ILE C 252 34.37 -15.25 26.70
N PHE C 253 35.67 -15.19 26.94
CA PHE C 253 36.39 -16.18 27.75
C PHE C 253 37.71 -15.60 28.24
N GLU C 254 38.32 -16.27 29.21
CA GLU C 254 39.50 -15.77 29.92
C GLU C 254 40.57 -15.13 29.01
N GLU C 255 40.93 -15.84 27.94
CA GLU C 255 42.08 -15.45 27.10
C GLU C 255 41.71 -14.65 25.84
N GLY C 256 40.42 -14.41 25.62
CA GLY C 256 40.00 -13.63 24.47
C GLY C 256 38.52 -13.69 24.17
N TRP C 257 38.16 -13.36 22.95
CA TRP C 257 36.77 -13.43 22.53
C TRP C 257 36.60 -13.73 21.05
N LEU C 258 35.36 -14.09 20.69
CA LEU C 258 34.98 -14.50 19.34
C LEU C 258 33.65 -13.81 18.97
N TRP C 259 33.56 -13.28 17.75
CA TRP C 259 32.35 -12.58 17.32
C TRP C 259 31.52 -13.37 16.32
N VAL C 260 30.21 -13.22 16.41
CA VAL C 260 29.26 -13.73 15.43
C VAL C 260 28.36 -12.56 15.00
N ILE C 261 28.60 -12.09 13.79
CA ILE C 261 27.94 -10.93 13.21
C ILE C 261 27.26 -11.43 11.93
N PRO C 262 25.98 -11.83 12.01
CA PRO C 262 25.31 -12.30 10.81
C PRO C 262 24.89 -11.18 9.90
N PHE C 263 25.02 -11.41 8.59
CA PHE C 263 24.38 -10.58 7.57
C PHE C 263 23.09 -11.22 7.08
N ASN C 264 22.87 -12.49 7.43
CA ASN C 264 21.70 -13.26 6.96
C ASN C 264 20.52 -13.33 7.96
N ASN C 265 20.36 -12.30 8.79
CA ASN C 265 19.32 -12.27 9.84
C ASN C 265 18.19 -11.25 9.61
N HIS C 266 18.28 -10.48 8.52
CA HIS C 266 17.24 -9.52 8.15
C HIS C 266 16.16 -10.23 7.31
N PRO C 267 14.86 -9.98 7.60
CA PRO C 267 13.79 -10.67 6.86
C PRO C 267 13.72 -10.35 5.35
N GLN C 268 13.82 -9.07 5.00
CA GLN C 268 13.89 -8.62 3.59
C GLN C 268 15.31 -8.62 2.96
N GLY C 269 16.26 -9.32 3.59
CA GLY C 269 17.64 -9.37 3.11
C GLY C 269 18.02 -10.65 2.37
N THR C 270 19.08 -10.56 1.57
CA THR C 270 19.53 -11.63 0.66
C THR C 270 20.97 -12.13 0.86
N ASN C 271 21.74 -11.44 1.71
CA ASN C 271 23.09 -11.86 2.04
C ASN C 271 23.06 -13.18 2.81
N GLN C 272 23.92 -14.12 2.44
CA GLN C 272 23.97 -15.44 3.10
C GLN C 272 25.09 -15.57 4.14
N LEU C 273 25.96 -14.57 4.21
CA LEU C 273 27.17 -14.67 5.00
C LEU C 273 26.99 -14.25 6.44
N CYS C 274 27.99 -14.62 7.25
CA CYS C 274 28.10 -14.24 8.64
C CYS C 274 29.56 -14.00 8.93
N SER C 275 29.89 -12.81 9.40
CA SER C 275 31.26 -12.46 9.74
C SER C 275 31.66 -13.16 11.05
N ILE C 276 32.81 -13.79 11.03
CA ILE C 276 33.36 -14.46 12.20
C ILE C 276 34.77 -13.95 12.43
N GLY C 277 35.08 -13.61 13.68
CA GLY C 277 36.43 -13.29 14.07
C GLY C 277 36.71 -13.77 15.49
N PHE C 278 37.95 -14.16 15.76
CA PHE C 278 38.38 -14.38 17.14
C PHE C 278 39.71 -13.71 17.47
N GLN C 279 39.76 -13.11 18.65
CA GLN C 279 40.91 -12.32 19.10
C GLN C 279 41.44 -12.90 20.40
N PHE C 280 42.75 -12.84 20.58
CA PHE C 280 43.37 -13.30 21.82
C PHE C 280 44.14 -12.19 22.51
N ASN C 281 44.15 -12.25 23.83
CA ASN C 281 45.04 -11.45 24.68
C ASN C 281 46.43 -12.10 24.66
N ASN C 282 47.39 -11.47 24.00
CA ASN C 282 48.73 -12.09 23.81
C ASN C 282 49.54 -12.32 25.09
N ALA C 283 49.21 -11.58 26.15
CA ALA C 283 49.78 -11.81 27.48
C ALA C 283 49.27 -13.10 28.12
N LYS C 284 48.16 -13.65 27.62
CA LYS C 284 47.58 -14.91 28.10
C LYS C 284 47.70 -16.10 27.13
N TYR C 285 47.55 -15.86 25.82
CA TYR C 285 47.67 -16.90 24.82
C TYR C 285 48.23 -16.35 23.49
N ARG C 286 49.35 -16.92 23.04
CA ARG C 286 49.91 -16.65 21.71
C ARG C 286 49.63 -17.84 20.79
N PRO C 287 48.93 -17.61 19.66
CA PRO C 287 48.71 -18.70 18.72
C PRO C 287 50.00 -19.05 17.96
N THR C 288 50.18 -20.32 17.66
CA THR C 288 51.40 -20.85 17.00
C THR C 288 51.18 -21.46 15.60
N GLU C 289 49.94 -21.83 15.29
CA GLU C 289 49.60 -22.60 14.09
C GLU C 289 48.72 -21.78 13.12
N ALA C 290 48.41 -22.38 11.96
CA ALA C 290 47.60 -21.71 10.93
C ALA C 290 46.16 -21.46 11.43
N PRO C 291 45.49 -20.41 10.89
CA PRO C 291 44.15 -20.03 11.33
C PRO C 291 43.11 -21.14 11.45
N GLU C 292 43.05 -22.03 10.45
CA GLU C 292 42.14 -23.18 10.47
C GLU C 292 42.37 -24.10 11.68
N ILE C 293 43.64 -24.35 12.00
CA ILE C 293 44.03 -25.18 13.15
C ILE C 293 43.71 -24.46 14.46
N GLU C 294 44.08 -23.18 14.57
CA GLU C 294 43.73 -22.34 15.72
C GLU C 294 42.22 -22.26 15.95
N PHE C 295 41.45 -22.24 14.87
CA PHE C 295 39.99 -22.23 14.96
C PHE C 295 39.45 -23.54 15.53
N ARG C 296 39.98 -24.67 15.06
CA ARG C 296 39.57 -25.99 15.57
C ARG C 296 39.98 -26.21 17.03
N LYS C 297 41.16 -25.72 17.42
CA LYS C 297 41.62 -25.76 18.82
C LYS C 297 40.74 -24.94 19.77
N LEU C 298 40.16 -23.85 19.25
CA LEU C 298 39.26 -23.00 20.01
C LEU C 298 37.91 -23.68 20.26
N LEU C 299 37.34 -24.27 19.21
CA LEU C 299 36.07 -25.00 19.33
C LEU C 299 36.20 -26.29 20.15
N LYS C 300 37.42 -26.83 20.24
CA LYS C 300 37.76 -27.94 21.15
C LYS C 300 37.70 -27.47 22.60
N LYS C 301 38.40 -26.37 22.91
CA LYS C 301 38.36 -25.71 24.23
C LYS C 301 36.94 -25.31 24.69
N TYR C 302 36.10 -24.87 23.75
CA TYR C 302 34.77 -24.37 24.05
C TYR C 302 33.74 -25.00 23.10
N PRO C 303 33.32 -26.26 23.36
CA PRO C 303 32.35 -26.93 22.49
C PRO C 303 31.04 -26.16 22.25
N ALA C 304 30.59 -25.42 23.26
CA ALA C 304 29.39 -24.59 23.13
C ALA C 304 29.49 -23.59 21.97
N ILE C 305 30.65 -22.98 21.81
CA ILE C 305 30.93 -22.09 20.67
C ILE C 305 30.86 -22.89 19.36
N GLY C 306 31.44 -24.08 19.36
CA GLY C 306 31.44 -24.99 18.20
C GLY C 306 30.10 -25.44 17.61
N GLU C 307 29.03 -25.38 18.40
CA GLU C 307 27.66 -25.65 17.92
C GLU C 307 27.21 -24.73 16.76
N HIS C 308 27.79 -23.53 16.70
CA HIS C 308 27.56 -22.61 15.59
C HIS C 308 28.08 -23.12 14.26
N PHE C 309 29.18 -23.87 14.30
CA PHE C 309 30.00 -24.19 13.13
C PHE C 309 29.97 -25.66 12.66
N LYS C 310 28.94 -26.41 13.04
CA LYS C 310 28.83 -27.83 12.70
C LYS C 310 28.77 -28.06 11.17
N ASP C 311 27.82 -27.38 10.54
CA ASP C 311 27.60 -27.48 9.08
C ASP C 311 28.22 -26.32 8.28
N ALA C 312 29.00 -25.47 8.95
CA ALA C 312 29.54 -24.24 8.36
C ALA C 312 30.71 -24.52 7.42
N VAL C 313 30.87 -23.63 6.45
CA VAL C 313 32.02 -23.64 5.54
C VAL C 313 32.55 -22.22 5.36
N ASN C 314 33.86 -22.11 5.20
CA ASN C 314 34.55 -20.84 5.07
C ASN C 314 34.40 -20.27 3.65
N ALA C 315 33.99 -19.00 3.55
CA ALA C 315 33.72 -18.33 2.26
C ALA C 315 34.93 -17.58 1.71
N ARG C 316 35.86 -17.21 2.59
CA ARG C 316 37.12 -16.56 2.19
C ARG C 316 38.28 -17.19 2.95
N GLU C 317 39.48 -16.73 2.67
CA GLU C 317 40.64 -17.09 3.49
C GLU C 317 40.57 -16.31 4.79
N TRP C 318 40.96 -16.97 5.88
CA TRP C 318 41.19 -16.31 7.16
C TRP C 318 42.31 -15.28 6.96
N ILE C 319 42.09 -14.06 7.43
CA ILE C 319 43.15 -13.05 7.57
C ILE C 319 43.70 -13.15 9.00
N TYR C 320 45.02 -13.04 9.16
CA TYR C 320 45.65 -13.04 10.48
C TYR C 320 46.53 -11.81 10.72
N ALA C 321 46.12 -10.98 11.68
CA ALA C 321 46.85 -9.81 12.15
C ALA C 321 47.46 -10.12 13.52
N PRO C 322 48.81 -10.24 13.60
CA PRO C 322 49.45 -10.67 14.86
C PRO C 322 49.40 -9.62 15.98
N ARG C 323 49.48 -8.34 15.63
CA ARG C 323 49.20 -7.28 16.60
C ARG C 323 48.38 -6.14 15.97
N ILE C 324 47.11 -6.08 16.37
CA ILE C 324 46.17 -5.09 15.85
C ILE C 324 46.25 -3.71 16.52
N ASN C 325 46.95 -3.61 17.65
CA ASN C 325 46.92 -2.40 18.50
C ASN C 325 48.02 -1.41 18.15
N TYR C 326 47.64 -0.15 17.99
CA TYR C 326 48.61 0.95 17.86
C TYR C 326 47.99 2.29 18.17
N ARG C 327 48.85 3.28 18.41
CA ARG C 327 48.44 4.68 18.57
C ARG C 327 49.46 5.60 17.94
N SER C 328 49.15 6.88 17.90
CA SER C 328 50.08 7.90 17.42
C SER C 328 50.32 9.02 18.43
N VAL C 329 51.51 9.62 18.34
CA VAL C 329 51.92 10.71 19.23
C VAL C 329 51.28 12.04 18.79
N GLN C 330 51.12 12.21 17.48
CA GLN C 330 50.37 13.32 16.89
C GLN C 330 49.58 12.82 15.70
N ASN C 331 48.59 13.59 15.27
CA ASN C 331 47.86 13.29 14.03
C ASN C 331 47.45 14.49 13.15
N VAL C 332 47.95 15.68 13.44
CA VAL C 332 47.77 16.84 12.53
C VAL C 332 49.06 17.64 12.38
N GLY C 333 49.17 18.31 11.24
CA GLY C 333 50.23 19.28 10.99
C GLY C 333 49.65 20.46 10.26
N ASP C 334 50.51 21.28 9.69
CA ASP C 334 50.09 22.46 8.91
C ASP C 334 49.27 22.04 7.69
N ARG C 335 49.71 20.94 7.06
CA ARG C 335 49.21 20.51 5.75
C ARG C 335 48.60 19.10 5.72
N PHE C 336 48.38 18.49 6.89
CA PHE C 336 47.77 17.15 6.93
C PHE C 336 46.92 16.87 8.16
N CYS C 337 46.03 15.89 8.01
CA CYS C 337 45.34 15.25 9.13
C CYS C 337 45.19 13.76 8.86
N LEU C 338 45.53 12.95 9.86
CA LEU C 338 45.23 11.53 9.86
C LEU C 338 43.89 11.36 10.54
N LEU C 339 42.98 10.60 9.91
CA LEU C 339 41.72 10.21 10.54
C LEU C 339 42.02 9.07 11.52
N PRO C 340 41.13 8.84 12.50
CA PRO C 340 41.30 7.82 13.55
C PRO C 340 41.85 6.45 13.17
N GLN C 341 41.37 5.85 12.10
CA GLN C 341 41.88 4.52 11.69
C GLN C 341 43.38 4.55 11.35
N ALA C 342 43.84 5.66 10.79
CA ALA C 342 45.27 5.88 10.49
C ALA C 342 46.08 6.25 11.73
N THR C 343 45.44 6.95 12.66
CA THR C 343 46.04 7.39 13.91
C THR C 343 46.26 6.25 14.91
N GLY C 344 45.18 5.55 15.25
CA GLY C 344 45.22 4.48 16.22
C GLY C 344 44.09 3.49 16.08
N PHE C 345 44.36 2.24 16.46
CA PHE C 345 43.34 1.20 16.57
C PHE C 345 43.65 0.38 17.81
N ILE C 346 42.61 -0.09 18.49
CA ILE C 346 42.74 -0.79 19.76
C ILE C 346 42.22 -2.21 19.62
N ASP C 347 40.92 -2.34 19.35
CA ASP C 347 40.26 -3.65 19.26
C ASP C 347 38.90 -3.46 18.60
N PRO C 348 38.38 -4.49 17.90
CA PRO C 348 36.99 -4.40 17.41
C PRO C 348 35.89 -4.43 18.50
N LEU C 349 36.26 -4.82 19.72
CA LEU C 349 35.33 -4.89 20.85
C LEU C 349 34.70 -3.54 21.19
N PHE C 350 33.37 -3.54 21.26
CA PHE C 350 32.51 -2.34 21.44
C PHE C 350 32.43 -1.41 20.23
N SER C 351 33.13 -1.77 19.15
CA SER C 351 33.04 -1.09 17.86
C SER C 351 33.24 0.44 17.94
N ARG C 352 34.20 0.85 18.74
CA ARG C 352 34.52 2.26 18.99
C ARG C 352 35.23 2.94 17.83
N GLY C 353 35.89 2.15 16.97
CA GLY C 353 36.62 2.66 15.79
C GLY C 353 35.79 3.57 14.88
N LEU C 354 34.64 3.08 14.44
CA LEU C 354 33.70 3.85 13.59
C LEU C 354 33.20 5.14 14.23
N ILE C 355 32.87 5.06 15.53
CA ILE C 355 32.37 6.21 16.29
C ILE C 355 33.38 7.35 16.26
N THR C 356 34.61 7.03 16.63
CA THR C 356 35.73 7.96 16.61
C THR C 356 35.97 8.55 15.22
N THR C 357 35.93 7.70 14.19
CA THR C 357 36.07 8.12 12.79
C THR C 357 35.03 9.15 12.34
N PHE C 358 33.75 8.90 12.62
CA PHE C 358 32.68 9.83 12.20
C PHE C 358 32.68 11.14 12.98
N GLU C 359 32.99 11.08 14.27
CA GLU C 359 33.14 12.30 15.07
C GLU C 359 34.31 13.15 14.56
N SER C 360 35.40 12.48 14.20
CA SER C 360 36.59 13.16 13.70
C SER C 360 36.34 13.92 12.39
N ILE C 361 35.64 13.28 11.46
CA ILE C 361 35.24 13.90 10.18
C ILE C 361 34.33 15.11 10.44
N LEU C 362 33.45 14.97 11.41
CA LEU C 362 32.48 16.00 11.75
C LEU C 362 33.18 17.23 12.34
N ARG C 363 34.22 16.99 13.14
CA ARG C 363 35.07 18.05 13.69
C ARG C 363 36.02 18.65 12.65
N LEU C 364 36.66 17.81 11.85
CA LEU C 364 37.67 18.24 10.88
C LEU C 364 37.12 19.05 9.70
N ALA C 365 36.05 18.57 9.08
CA ALA C 365 35.54 19.18 7.85
C ALA C 365 35.28 20.71 7.93
N PRO C 366 34.56 21.19 8.96
CA PRO C 366 34.36 22.66 9.10
C PRO C 366 35.63 23.50 9.24
N LYS C 367 36.66 22.90 9.85
CA LYS C 367 37.97 23.55 10.02
C LYS C 367 38.80 23.57 8.73
N VAL C 368 38.63 22.53 7.91
CA VAL C 368 39.26 22.45 6.59
C VAL C 368 38.59 23.44 5.62
N LEU C 369 37.27 23.59 5.75
CA LEU C 369 36.54 24.60 4.98
C LEU C 369 37.03 26.02 5.27
N ASP C 370 37.22 26.33 6.55
CA ASP C 370 37.69 27.66 6.95
C ASP C 370 39.14 27.92 6.51
N ALA C 371 39.96 26.87 6.53
CA ALA C 371 41.35 26.94 6.04
C ALA C 371 41.44 27.21 4.53
N ALA C 372 40.62 26.47 3.78
CA ALA C 372 40.53 26.64 2.33
C ALA C 372 40.00 28.02 1.93
N ARG C 373 39.07 28.54 2.73
CA ARG C 373 38.41 29.82 2.42
C ARG C 373 39.28 31.05 2.72
N SER C 374 39.99 31.01 3.85
CA SER C 374 40.90 32.09 4.25
C SER C 374 42.37 31.88 3.84
N ASN C 375 42.69 30.72 3.26
CA ASN C 375 44.07 30.34 2.87
C ASN C 375 45.09 30.24 4.04
N ARG C 376 44.59 29.93 5.23
CA ARG C 376 45.43 29.79 6.43
C ARG C 376 45.57 28.31 6.78
N TRP C 377 46.78 27.77 6.66
CA TRP C 377 47.06 26.36 6.87
C TRP C 377 48.14 26.16 7.94
N GLN C 378 47.70 26.20 9.21
CA GLN C 378 48.57 26.07 10.38
C GLN C 378 48.11 24.91 11.26
N ARG C 379 49.06 24.24 11.91
CA ARG C 379 48.77 23.13 12.83
C ARG C 379 47.76 23.50 13.93
N GLU C 380 47.90 24.69 14.53
CA GLU C 380 47.07 25.13 15.66
C GLU C 380 45.56 25.15 15.38
N GLN C 381 45.19 25.40 14.13
CA GLN C 381 43.78 25.43 13.72
C GLN C 381 43.07 24.08 13.90
N PHE C 382 43.82 22.99 13.73
CA PHE C 382 43.29 21.63 13.79
C PHE C 382 43.59 20.88 15.10
N ILE C 383 43.88 21.62 16.18
CA ILE C 383 44.37 21.01 17.43
C ILE C 383 43.27 20.27 18.19
N GLU C 384 42.03 20.73 18.07
CA GLU C 384 40.88 20.05 18.67
C GLU C 384 40.50 18.73 17.98
N VAL C 385 40.90 18.56 16.72
CA VAL C 385 40.78 17.27 16.04
C VAL C 385 41.77 16.28 16.65
N GLU C 386 42.98 16.73 16.93
CA GLU C 386 44.00 15.91 17.58
C GLU C 386 43.65 15.56 19.03
N ARG C 387 43.17 16.55 19.77
CA ARG C 387 42.77 16.35 21.16
C ARG C 387 41.68 15.28 21.26
N HIS C 388 40.62 15.40 20.46
CA HIS C 388 39.57 14.38 20.38
C HIS C 388 40.10 12.99 20.03
N CYS C 389 40.95 12.93 19.00
CA CYS C 389 41.41 11.66 18.45
C CYS C 389 42.37 10.92 19.38
N LEU C 390 43.34 11.62 19.95
CA LEU C 390 44.28 11.02 20.90
C LEU C 390 43.60 10.56 22.20
N ASN C 391 42.67 11.37 22.70
CA ASN C 391 41.88 11.01 23.88
C ASN C 391 41.01 9.79 23.62
N ALA C 392 40.35 9.75 22.47
CA ALA C 392 39.43 8.66 22.13
C ALA C 392 40.14 7.31 22.13
N VAL C 393 41.31 7.26 21.49
CA VAL C 393 42.18 6.07 21.47
C VAL C 393 42.70 5.68 22.86
N ALA C 394 43.01 6.67 23.70
CA ALA C 394 43.41 6.44 25.09
C ALA C 394 42.28 5.84 25.93
N THR C 395 41.09 6.44 25.81
CA THR C 395 39.87 5.92 26.44
C THR C 395 39.54 4.53 25.94
N ASN C 396 39.64 4.36 24.62
CA ASN C 396 39.41 3.08 23.98
C ASN C 396 40.36 2.00 24.54
N ASP C 397 41.60 2.39 24.80
CA ASP C 397 42.61 1.48 25.35
C ASP C 397 42.29 1.05 26.79
N GLN C 398 41.84 2.00 27.61
CA GLN C 398 41.43 1.71 28.98
C GLN C 398 40.16 0.86 28.99
N LEU C 399 39.18 1.23 28.17
CA LEU C 399 37.92 0.49 28.05
C LEU C 399 38.12 -1.00 27.71
N VAL C 400 39.02 -1.27 26.78
CA VAL C 400 39.22 -2.61 26.25
C VAL C 400 40.13 -3.45 27.15
N SER C 401 41.26 -2.91 27.57
CA SER C 401 42.20 -3.69 28.42
C SER C 401 41.54 -4.16 29.73
N CYS C 402 40.72 -3.29 30.32
CA CYS C 402 39.94 -3.65 31.50
C CYS C 402 38.85 -4.69 31.20
N SER C 403 38.24 -4.60 30.02
CA SER C 403 37.27 -5.59 29.56
C SER C 403 37.87 -7.00 29.38
N TYR C 404 39.05 -7.08 28.77
CA TYR C 404 39.79 -8.34 28.64
C TYR C 404 40.13 -9.00 29.99
N GLU C 405 40.33 -8.19 31.03
CA GLU C 405 40.50 -8.69 32.40
C GLU C 405 39.18 -9.18 33.02
N ALA C 406 38.07 -8.50 32.68
CA ALA C 406 36.74 -8.90 33.10
C ALA C 406 36.22 -10.20 32.47
N PHE C 407 36.83 -10.66 31.38
CA PHE C 407 36.45 -11.94 30.77
C PHE C 407 36.69 -13.18 31.66
N SER C 408 37.51 -13.05 32.70
CA SER C 408 37.84 -14.20 33.58
C SER C 408 36.67 -14.78 34.39
N ASP C 409 35.61 -14.00 34.61
CA ASP C 409 34.43 -14.44 35.37
C ASP C 409 33.16 -13.79 34.83
N PHE C 410 32.05 -14.54 34.81
CA PHE C 410 30.79 -14.01 34.29
C PHE C 410 30.21 -12.92 35.18
N HIS C 411 30.13 -13.19 36.47
CA HIS C 411 29.58 -12.23 37.42
C HIS C 411 30.37 -10.91 37.35
N LEU C 412 31.69 -11.01 37.19
CA LEU C 412 32.55 -9.83 37.02
C LEU C 412 32.20 -9.09 35.73
N TRP C 413 32.02 -9.84 34.65
CA TRP C 413 31.61 -9.25 33.38
C TRP C 413 30.26 -8.58 33.52
N ASN C 414 29.32 -9.27 34.16
CA ASN C 414 27.98 -8.75 34.39
C ASN C 414 28.02 -7.37 35.04
N VAL C 415 28.81 -7.24 36.10
CA VAL C 415 28.99 -5.94 36.77
C VAL C 415 29.75 -4.95 35.86
N TRP C 416 30.86 -5.39 35.26
CA TRP C 416 31.70 -4.53 34.42
C TRP C 416 31.00 -3.94 33.21
N HIS C 417 30.18 -4.72 32.52
CA HIS C 417 29.54 -4.26 31.29
C HIS C 417 28.58 -3.08 31.51
N ARG C 418 28.09 -2.90 32.75
CA ARG C 418 27.29 -1.73 33.11
C ARG C 418 28.09 -0.42 33.11
N VAL C 419 29.40 -0.51 33.34
CA VAL C 419 30.30 0.65 33.25
C VAL C 419 30.34 1.16 31.81
N TRP C 420 30.57 0.26 30.86
CA TRP C 420 30.52 0.60 29.43
C TRP C 420 29.12 1.12 29.03
N LEU C 421 28.09 0.39 29.41
CA LEU C 421 26.74 0.67 28.93
C LEU C 421 26.26 2.07 29.31
N SER C 422 26.39 2.40 30.58
CA SER C 422 25.99 3.70 31.09
C SER C 422 26.71 4.88 30.44
N GLY C 423 27.97 4.68 30.08
CA GLY C 423 28.74 5.68 29.33
C GLY C 423 28.31 5.83 27.89
N SER C 424 28.10 4.69 27.22
CA SER C 424 27.59 4.64 25.87
C SER C 424 26.20 5.29 25.78
N ASN C 425 25.30 4.89 26.68
CA ASN C 425 23.97 5.51 26.79
C ASN C 425 23.99 7.02 26.97
N LEU C 426 24.85 7.50 27.87
CA LEU C 426 25.03 8.95 28.07
C LEU C 426 25.55 9.64 26.83
N GLY C 427 26.51 9.01 26.16
CA GLY C 427 27.07 9.52 24.90
C GLY C 427 26.07 9.59 23.78
N SER C 428 25.29 8.52 23.62
CA SER C 428 24.20 8.46 22.66
C SER C 428 23.21 9.61 22.87
N ALA C 429 22.74 9.76 24.11
CA ALA C 429 21.78 10.79 24.49
C ALA C 429 22.27 12.20 24.17
N PHE C 430 23.54 12.47 24.43
CA PHE C 430 24.13 13.78 24.13
C PHE C 430 24.16 14.08 22.62
N LEU C 431 24.54 13.09 21.80
CA LEU C 431 24.56 13.24 20.33
C LEU C 431 23.15 13.40 19.72
N GLN C 432 22.17 12.76 20.32
CA GLN C 432 20.76 12.92 19.95
C GLN C 432 20.25 14.33 20.28
N LYS C 433 20.68 14.86 21.42
CA LYS C 433 20.35 16.23 21.84
C LYS C 433 20.98 17.25 20.88
N LEU C 434 22.23 17.04 20.49
CA LEU C 434 22.91 17.89 19.50
C LEU C 434 22.21 17.86 18.14
N LEU C 435 21.80 16.67 17.72
CA LEU C 435 21.08 16.48 16.46
C LEU C 435 19.72 17.18 16.45
N HIS C 436 18.94 16.97 17.52
CA HIS C 436 17.62 17.62 17.67
C HIS C 436 17.70 19.14 17.55
N ASP C 437 18.74 19.73 18.14
CA ASP C 437 18.96 21.19 18.05
C ASP C 437 19.37 21.64 16.66
N LEU C 438 20.19 20.85 15.99
CA LEU C 438 20.64 21.15 14.63
C LEU C 438 19.52 21.03 13.60
N GLU C 439 18.67 20.03 13.75
CA GLU C 439 17.54 19.81 12.84
C GLU C 439 16.53 20.96 12.90
N HIS C 440 16.22 21.44 14.10
CA HIS C 440 15.18 22.45 14.30
C HIS C 440 15.67 23.90 14.17
N SER C 441 16.89 24.18 14.64
CA SER C 441 17.48 25.52 14.45
C SER C 441 18.09 25.72 13.04
N GLY C 442 18.61 24.65 12.45
CA GLY C 442 19.36 24.74 11.19
C GLY C 442 20.68 25.51 11.30
N ASP C 443 21.20 25.64 12.52
CA ASP C 443 22.37 26.48 12.82
C ASP C 443 23.64 25.62 12.90
N ALA C 444 24.42 25.64 11.82
CA ALA C 444 25.62 24.83 11.68
C ALA C 444 26.82 25.35 12.49
N ARG C 445 26.91 26.67 12.65
CA ARG C 445 27.96 27.31 13.44
C ARG C 445 27.87 26.96 14.94
N GLN C 446 26.65 27.01 15.46
CA GLN C 446 26.36 26.66 16.85
C GLN C 446 26.70 25.21 17.17
N PHE C 447 26.25 24.29 16.32
CA PHE C 447 26.55 22.85 16.46
C PHE C 447 28.04 22.56 16.60
N ASP C 448 28.84 23.17 15.73
CA ASP C 448 30.29 22.97 15.73
C ASP C 448 30.92 23.41 17.05
N ALA C 449 30.45 24.53 17.59
CA ALA C 449 30.92 25.05 18.89
C ALA C 449 30.51 24.18 20.07
N ALA C 450 29.26 23.70 20.05
CA ALA C 450 28.72 22.78 21.06
C ALA C 450 29.53 21.48 21.16
N LEU C 451 29.89 20.94 19.98
CA LEU C 451 30.71 19.72 19.88
C LEU C 451 32.16 19.99 20.29
N GLU C 452 32.66 21.19 20.03
CA GLU C 452 33.98 21.60 20.52
C GLU C 452 34.01 21.90 22.03
N ALA C 453 32.90 22.45 22.55
CA ALA C 453 32.79 22.82 23.97
C ALA C 453 32.69 21.66 24.97
N VAL C 454 32.49 20.42 24.50
CA VAL C 454 32.38 19.26 25.41
C VAL C 454 33.61 19.13 26.31
N ARG C 455 33.38 18.73 27.56
CA ARG C 455 34.43 18.75 28.57
C ARG C 455 35.36 17.54 28.50
N PHE C 456 34.89 16.43 27.96
CA PHE C 456 35.66 15.18 27.88
C PHE C 456 35.63 14.60 26.47
N PRO C 457 36.23 15.32 25.50
CA PRO C 457 36.21 14.83 24.12
C PRO C 457 37.01 13.54 24.03
N GLY C 458 36.42 12.53 23.39
CA GLY C 458 36.98 11.18 23.34
C GLY C 458 36.39 10.20 24.35
N CYS C 459 35.96 10.71 25.52
CA CYS C 459 35.35 9.87 26.58
C CYS C 459 33.93 9.47 26.15
N LEU C 460 33.41 8.40 26.76
CA LEU C 460 32.17 7.76 26.29
C LEU C 460 30.92 8.62 26.52
N SER C 461 30.86 9.29 27.67
CA SER C 461 29.79 10.23 27.99
C SER C 461 29.84 11.52 27.18
N LEU C 462 31.07 11.94 26.82
CA LEU C 462 31.38 13.25 26.20
C LEU C 462 31.39 14.45 27.15
N ASP C 463 30.34 14.61 27.95
CA ASP C 463 30.16 15.81 28.78
C ASP C 463 29.55 15.55 30.19
N SER C 464 29.90 14.42 30.81
CA SER C 464 29.41 14.07 32.16
C SER C 464 30.58 13.87 33.13
N PRO C 465 30.83 14.84 34.05
CA PRO C 465 31.89 14.63 35.06
C PRO C 465 31.64 13.43 35.98
N ALA C 466 30.37 13.17 36.28
CA ALA C 466 29.97 12.04 37.10
C ALA C 466 30.37 10.72 36.45
N TYR C 467 30.07 10.57 35.16
CA TYR C 467 30.44 9.35 34.44
C TYR C 467 31.95 9.16 34.30
N GLU C 468 32.68 10.22 33.97
CA GLU C 468 34.14 10.12 33.78
C GLU C 468 34.85 9.68 35.07
N SER C 469 34.28 10.07 36.21
CA SER C 469 34.76 9.64 37.52
C SER C 469 34.52 8.16 37.74
N LEU C 470 33.29 7.70 37.46
CA LEU C 470 32.96 6.28 37.53
C LEU C 470 33.88 5.44 36.63
N PHE C 471 34.10 5.91 35.41
CA PHE C 471 34.96 5.23 34.43
C PHE C 471 36.40 5.14 34.90
N ARG C 472 36.96 6.29 35.27
CA ARG C 472 38.34 6.41 35.77
C ARG C 472 38.62 5.49 36.97
N GLN C 473 37.72 5.54 37.95
CA GLN C 473 37.86 4.71 39.16
C GLN C 473 37.65 3.23 38.88
N SER C 474 36.72 2.90 37.99
CA SER C 474 36.43 1.50 37.63
C SER C 474 37.60 0.84 36.90
N CYS C 475 38.26 1.58 36.03
CA CYS C 475 39.47 1.11 35.34
C CYS C 475 40.62 0.89 36.34
N GLN C 476 40.78 1.78 37.32
CA GLN C 476 41.77 1.62 38.40
C GLN C 476 41.54 0.34 39.21
N VAL C 477 40.28 0.03 39.52
CA VAL C 477 39.93 -1.22 40.18
C VAL C 477 40.32 -2.45 39.35
N MET C 478 40.10 -2.39 38.03
CA MET C 478 40.41 -3.52 37.14
C MET C 478 41.91 -3.72 36.91
N GLN C 479 42.66 -2.62 36.79
CA GLN C 479 44.13 -2.70 36.64
C GLN C 479 44.80 -3.22 37.91
N GLN C 480 44.33 -2.73 39.06
CA GLN C 480 44.76 -3.23 40.37
C GLN C 480 44.45 -4.73 40.54
N ALA C 481 43.30 -5.17 40.03
CA ALA C 481 42.90 -6.58 40.08
C ALA C 481 43.79 -7.50 39.22
N ARG C 482 44.19 -7.00 38.05
CA ARG C 482 45.13 -7.69 37.16
C ARG C 482 46.54 -7.72 37.77
N GLU C 483 47.07 -6.53 38.07
CA GLU C 483 48.44 -6.36 38.59
C GLU C 483 48.70 -7.21 39.84
N GLN C 484 47.70 -7.29 40.72
CA GLN C 484 47.83 -7.98 42.01
C GLN C 484 47.10 -9.34 42.11
N ALA C 485 46.54 -9.81 40.99
CA ALA C 485 45.86 -11.12 40.91
C ALA C 485 44.78 -11.30 41.99
N ARG C 486 43.95 -10.27 42.15
CA ARG C 486 42.93 -10.23 43.19
C ARG C 486 41.81 -11.24 42.90
N PRO C 487 41.04 -11.63 43.94
CA PRO C 487 39.87 -12.49 43.69
C PRO C 487 38.74 -11.74 42.98
N VAL C 488 38.07 -12.44 42.08
CA VAL C 488 37.04 -11.81 41.22
C VAL C 488 35.81 -11.32 41.99
N ALA C 489 35.42 -12.03 43.04
CA ALA C 489 34.27 -11.65 43.89
C ALA C 489 34.47 -10.27 44.52
N GLU C 490 35.69 -10.01 45.01
CA GLU C 490 36.08 -8.71 45.54
C GLU C 490 36.04 -7.61 44.45
N THR C 491 36.71 -7.87 43.34
CA THR C 491 36.80 -6.92 42.22
C THR C 491 35.41 -6.53 41.70
N ALA C 492 34.57 -7.54 41.45
CA ALA C 492 33.17 -7.36 41.10
C ALA C 492 32.43 -6.48 42.10
N ASN C 493 32.59 -6.81 43.39
CA ASN C 493 31.94 -6.06 44.46
C ASN C 493 32.38 -4.59 44.56
N ALA C 494 33.65 -4.34 44.28
CA ALA C 494 34.19 -2.99 44.28
C ALA C 494 33.64 -2.15 43.13
N LEU C 495 33.36 -2.79 41.99
CA LEU C 495 32.71 -2.12 40.85
C LEU C 495 31.22 -1.82 41.15
N HIS C 496 30.57 -2.74 41.85
CA HIS C 496 29.18 -2.57 42.24
C HIS C 496 28.98 -1.34 43.10
N GLU C 497 29.83 -1.18 44.12
CA GLU C 497 29.78 -0.01 45.02
C GLU C 497 29.97 1.31 44.26
N LEU C 498 30.94 1.34 43.35
CA LEU C 498 31.17 2.49 42.48
C LEU C 498 29.95 2.84 41.65
N ILE C 499 29.28 1.83 41.09
CA ILE C 499 28.08 2.04 40.27
C ILE C 499 26.97 2.67 41.10
N LYS C 500 26.76 2.17 42.32
CA LYS C 500 25.75 2.73 43.23
C LYS C 500 26.08 4.14 43.70
N GLU C 501 27.36 4.42 43.93
CA GLU C 501 27.82 5.77 44.26
C GLU C 501 27.42 6.81 43.21
N HIS C 502 27.57 6.46 41.92
CA HIS C 502 27.37 7.40 40.80
C HIS C 502 26.00 7.28 40.09
N GLU C 503 25.23 6.26 40.44
CA GLU C 503 23.99 5.89 39.71
C GLU C 503 22.98 7.02 39.53
N ALA C 504 22.88 7.90 40.51
CA ALA C 504 21.96 9.04 40.45
C ALA C 504 22.28 10.07 39.35
N GLU C 505 23.53 10.10 38.91
CA GLU C 505 23.99 11.02 37.86
C GLU C 505 24.08 10.38 36.45
N LEU C 506 23.64 9.12 36.35
CA LEU C 506 23.48 8.41 35.08
C LEU C 506 22.01 8.46 34.63
N LEU C 507 21.69 7.76 33.55
CA LEU C 507 20.29 7.59 33.13
C LEU C 507 19.64 6.52 34.03
N PRO C 508 18.32 6.65 34.31
CA PRO C 508 17.66 5.82 35.31
C PRO C 508 17.22 4.44 34.77
N LEU C 509 18.21 3.62 34.40
CA LEU C 509 17.99 2.32 33.75
C LEU C 509 18.10 1.12 34.69
N GLY C 510 18.65 1.34 35.89
CA GLY C 510 18.77 0.30 36.91
C GLY C 510 20.07 -0.47 36.76
N TYR C 511 21.17 0.25 36.57
CA TYR C 511 22.49 -0.35 36.29
C TYR C 511 23.03 -1.18 37.46
N SER C 512 22.73 -0.76 38.69
CA SER C 512 23.16 -1.48 39.89
C SER C 512 22.39 -2.77 40.19
N ARG C 513 21.29 -3.02 39.49
CA ARG C 513 20.54 -4.28 39.63
C ARG C 513 21.18 -5.42 38.81
N ILE C 514 22.11 -6.11 39.48
CA ILE C 514 23.01 -7.07 38.84
C ILE C 514 22.29 -8.33 38.35
N SER C 515 21.26 -8.78 39.09
CA SER C 515 20.47 -9.94 38.70
C SER C 515 19.67 -9.72 37.40
N ASN C 516 19.30 -8.47 37.12
CA ASN C 516 18.72 -8.11 35.81
C ASN C 516 19.83 -8.03 34.75
N ARG C 517 19.94 -9.08 33.95
CA ARG C 517 20.98 -9.21 32.92
C ARG C 517 20.62 -8.65 31.54
N PHE C 518 19.41 -8.11 31.40
CA PHE C 518 18.94 -7.50 30.16
C PHE C 518 18.38 -6.13 30.47
N ILE C 519 19.26 -5.14 30.45
CA ILE C 519 18.91 -3.77 30.85
C ILE C 519 18.11 -3.08 29.74
N LEU C 520 16.80 -2.96 29.98
CA LEU C 520 15.88 -2.29 29.06
C LEU C 520 16.05 -0.78 29.10
N LYS C 521 15.60 -0.13 28.03
CA LYS C 521 15.60 1.35 27.95
C LYS C 521 14.36 1.96 28.63
N VAL C 522 14.37 3.29 28.73
CA VAL C 522 13.36 4.09 29.46
C VAL C 522 13.46 3.80 30.95
N ASN D 22 -50.11 35.72 0.06
CA ASN D 22 -49.96 34.33 -0.48
C ASN D 22 -48.74 34.21 -1.41
N GLN D 23 -47.59 33.84 -0.84
CA GLN D 23 -46.36 33.61 -1.61
C GLN D 23 -46.41 32.27 -2.35
N TYR D 24 -47.19 31.32 -1.80
CA TYR D 24 -47.42 30.03 -2.44
C TYR D 24 -48.89 29.82 -2.74
N ASP D 25 -49.16 28.85 -3.60
CA ASP D 25 -50.52 28.47 -3.94
C ASP D 25 -50.99 27.36 -3.01
N VAL D 26 -50.18 26.33 -2.89
CA VAL D 26 -50.47 25.17 -2.04
C VAL D 26 -49.32 24.90 -1.05
N ILE D 27 -49.69 24.61 0.19
CA ILE D 27 -48.76 24.12 1.20
C ILE D 27 -49.10 22.64 1.42
N ILE D 28 -48.07 21.80 1.52
CA ILE D 28 -48.23 20.38 1.79
C ILE D 28 -47.44 20.08 3.04
N ILE D 29 -48.09 19.44 4.01
CA ILE D 29 -47.42 18.96 5.23
C ILE D 29 -47.08 17.50 5.03
N GLY D 30 -45.84 17.13 5.32
CA GLY D 30 -45.34 15.77 5.15
C GLY D 30 -44.71 15.63 3.77
N SER D 31 -43.46 15.19 3.75
CA SER D 31 -42.69 15.04 2.50
C SER D 31 -42.39 13.57 2.16
N GLY D 32 -43.23 12.65 2.64
CA GLY D 32 -43.17 11.25 2.22
C GLY D 32 -43.72 11.08 0.81
N ILE D 33 -44.03 9.85 0.43
CA ILE D 33 -44.45 9.57 -0.94
C ILE D 33 -45.75 10.29 -1.31
N ALA D 34 -46.75 10.27 -0.42
CA ALA D 34 -48.03 10.91 -0.69
C ALA D 34 -47.85 12.39 -0.92
N GLY D 35 -47.18 13.04 0.03
CA GLY D 35 -46.92 14.47 -0.03
C GLY D 35 -46.11 14.89 -1.24
N ALA D 36 -45.00 14.18 -1.48
CA ALA D 36 -44.10 14.48 -2.59
C ALA D 36 -44.74 14.24 -3.96
N LEU D 37 -45.53 13.17 -4.09
CA LEU D 37 -46.28 12.90 -5.33
C LEU D 37 -47.40 13.93 -5.58
N THR D 38 -48.12 14.32 -4.54
CA THR D 38 -49.08 15.42 -4.64
C THR D 38 -48.35 16.70 -5.06
N GLY D 39 -47.25 16.98 -4.38
CA GLY D 39 -46.40 18.13 -4.70
C GLY D 39 -45.90 18.16 -6.14
N ALA D 40 -45.55 16.99 -6.67
CA ALA D 40 -45.05 16.87 -8.03
C ALA D 40 -46.14 17.22 -9.06
N VAL D 41 -47.31 16.62 -8.92
CA VAL D 41 -48.39 16.82 -9.90
C VAL D 41 -48.84 18.28 -9.93
N LEU D 42 -48.97 18.89 -8.75
CA LEU D 42 -49.36 20.29 -8.63
C LEU D 42 -48.30 21.26 -9.16
N ALA D 43 -47.03 20.98 -8.87
CA ALA D 43 -45.93 21.81 -9.37
C ALA D 43 -45.83 21.75 -10.89
N LYS D 44 -45.86 20.54 -11.43
CA LYS D 44 -45.90 20.28 -12.87
C LYS D 44 -47.05 20.99 -13.58
N SER D 45 -48.21 21.03 -12.92
CA SER D 45 -49.40 21.69 -13.47
C SER D 45 -49.42 23.22 -13.34
N GLY D 46 -48.41 23.81 -12.69
CA GLY D 46 -48.19 25.27 -12.67
C GLY D 46 -48.40 26.02 -11.36
N LEU D 47 -48.70 25.30 -10.27
CA LEU D 47 -48.82 25.92 -8.96
C LEU D 47 -47.44 26.10 -8.31
N ASN D 48 -47.29 27.15 -7.51
CA ASN D 48 -46.14 27.32 -6.62
C ASN D 48 -46.43 26.56 -5.34
N VAL D 49 -45.65 25.50 -5.10
CA VAL D 49 -45.92 24.53 -4.05
C VAL D 49 -44.85 24.58 -2.99
N LEU D 50 -45.27 24.55 -1.73
CA LEU D 50 -44.35 24.46 -0.59
C LEU D 50 -44.64 23.19 0.20
N ILE D 51 -43.66 22.30 0.27
CA ILE D 51 -43.73 21.09 1.09
C ILE D 51 -43.01 21.34 2.42
N LEU D 52 -43.73 21.17 3.54
CA LEU D 52 -43.18 21.32 4.88
C LEU D 52 -43.11 19.98 5.57
N ASP D 53 -42.15 19.82 6.50
CA ASP D 53 -42.02 18.58 7.26
C ASP D 53 -41.23 18.78 8.54
N SER D 54 -41.73 18.18 9.62
CA SER D 54 -41.04 18.22 10.91
C SER D 54 -39.86 17.25 10.93
N ALA D 55 -40.05 16.11 10.27
CA ALA D 55 -38.97 15.14 10.06
C ALA D 55 -38.05 15.63 8.94
N GLN D 56 -37.04 14.81 8.63
CA GLN D 56 -36.19 15.05 7.47
C GLN D 56 -35.71 13.73 6.87
N HIS D 57 -35.48 13.74 5.56
CA HIS D 57 -34.93 12.58 4.85
C HIS D 57 -33.43 12.48 5.12
N PRO D 58 -32.86 11.27 5.16
CA PRO D 58 -33.57 10.00 5.02
C PRO D 58 -34.31 9.65 6.30
N ARG D 59 -35.48 9.01 6.18
CA ARG D 59 -36.21 8.53 7.34
C ARG D 59 -36.93 7.21 7.07
N PHE D 60 -36.99 6.38 8.10
CA PHE D 60 -37.67 5.09 8.06
C PHE D 60 -39.18 5.29 7.98
N SER D 61 -39.83 4.37 7.27
CA SER D 61 -41.29 4.36 7.18
C SER D 61 -41.76 2.96 6.77
N VAL D 62 -43.00 2.64 7.14
CA VAL D 62 -43.65 1.37 6.79
C VAL D 62 -44.79 1.68 5.80
N GLY D 63 -45.48 0.63 5.35
CA GLY D 63 -46.43 0.71 4.22
C GLY D 63 -45.64 0.26 3.00
N GLU D 64 -45.16 -0.98 3.08
CA GLU D 64 -44.12 -1.51 2.19
C GLU D 64 -44.62 -2.41 1.05
N ALA D 65 -45.74 -3.09 1.25
CA ALA D 65 -46.26 -4.03 0.25
C ALA D 65 -47.12 -3.35 -0.84
N ALA D 66 -46.60 -3.30 -2.06
CA ALA D 66 -47.35 -2.79 -3.20
C ALA D 66 -48.43 -3.78 -3.64
N THR D 67 -49.48 -3.26 -4.25
CA THR D 67 -50.54 -4.08 -4.83
C THR D 67 -50.65 -3.78 -6.33
N PRO D 68 -51.41 -4.62 -7.08
CA PRO D 68 -51.67 -4.27 -8.48
C PRO D 68 -52.52 -3.01 -8.64
N GLU D 69 -53.47 -2.81 -7.74
CA GLU D 69 -54.23 -1.56 -7.66
C GLU D 69 -53.32 -0.33 -7.45
N SER D 70 -52.34 -0.46 -6.55
CA SER D 70 -51.38 0.62 -6.29
C SER D 70 -50.47 0.91 -7.49
N GLY D 71 -50.09 -0.13 -8.21
CA GLY D 71 -49.26 0.00 -9.40
C GLY D 71 -49.97 0.68 -10.55
N PHE D 72 -51.23 0.30 -10.79
CA PHE D 72 -52.06 0.94 -11.82
C PHE D 72 -52.35 2.42 -11.49
N LEU D 73 -52.61 2.70 -10.21
CA LEU D 73 -52.82 4.08 -9.76
C LEU D 73 -51.59 4.97 -9.94
N LEU D 74 -50.40 4.39 -9.77
CA LEU D 74 -49.13 5.09 -10.06
C LEU D 74 -48.95 5.37 -11.56
N ARG D 75 -49.27 4.40 -12.40
CA ARG D 75 -49.20 4.56 -13.86
C ARG D 75 -50.24 5.54 -14.37
N LEU D 76 -51.39 5.61 -13.67
CA LEU D 76 -52.43 6.60 -13.96
C LEU D 76 -52.01 8.02 -13.59
N LEU D 77 -51.48 8.22 -12.37
CA LEU D 77 -50.88 9.50 -11.98
C LEU D 77 -49.82 10.00 -12.96
N SER D 78 -49.00 9.06 -13.44
CA SER D 78 -47.92 9.35 -14.37
C SER D 78 -48.42 9.83 -15.74
N LYS D 79 -49.42 9.15 -16.28
CA LYS D 79 -50.01 9.51 -17.59
C LYS D 79 -50.92 10.74 -17.50
N ARG D 80 -51.71 10.82 -16.43
CA ARG D 80 -52.66 11.92 -16.21
C ARG D 80 -52.01 13.30 -16.10
N PHE D 81 -50.80 13.35 -15.50
CA PHE D 81 -50.06 14.61 -15.31
C PHE D 81 -48.76 14.69 -16.11
N ASP D 82 -48.52 13.69 -16.95
CA ASP D 82 -47.30 13.57 -17.78
C ASP D 82 -46.01 13.73 -16.97
N ILE D 83 -45.86 12.88 -15.96
CA ILE D 83 -44.62 12.74 -15.20
C ILE D 83 -44.18 11.27 -15.29
N PRO D 84 -43.37 10.93 -16.32
CA PRO D 84 -42.88 9.55 -16.54
C PRO D 84 -42.19 8.87 -15.35
N GLU D 85 -41.46 9.63 -14.53
CA GLU D 85 -40.72 9.05 -13.39
C GLU D 85 -41.61 8.40 -12.32
N ILE D 86 -42.86 8.86 -12.19
CA ILE D 86 -43.82 8.26 -11.23
C ILE D 86 -44.16 6.81 -11.59
N ALA D 87 -44.19 6.49 -12.89
CA ALA D 87 -44.42 5.13 -13.36
C ALA D 87 -43.29 4.17 -12.96
N TYR D 88 -42.07 4.68 -12.81
CA TYR D 88 -40.93 3.84 -12.38
C TYR D 88 -41.16 3.16 -11.03
N LEU D 89 -41.93 3.79 -10.15
CA LEU D 89 -42.24 3.26 -8.82
C LEU D 89 -43.29 2.13 -8.79
N SER D 90 -43.92 1.83 -9.92
CA SER D 90 -44.93 0.76 -10.02
C SER D 90 -44.38 -0.65 -10.25
N HIS D 91 -43.15 -0.76 -10.73
CA HIS D 91 -42.56 -2.06 -11.12
C HIS D 91 -41.14 -2.24 -10.54
N PRO D 92 -40.87 -3.40 -9.89
CA PRO D 92 -39.58 -3.60 -9.19
C PRO D 92 -38.32 -3.51 -10.05
N ASP D 93 -38.36 -3.97 -11.29
CA ASP D 93 -37.21 -3.84 -12.21
C ASP D 93 -36.88 -2.37 -12.52
N LYS D 94 -37.91 -1.56 -12.76
CA LYS D 94 -37.74 -0.11 -12.95
C LYS D 94 -37.23 0.60 -11.68
N ILE D 95 -37.66 0.13 -10.52
CA ILE D 95 -37.17 0.64 -9.23
C ILE D 95 -35.67 0.37 -9.10
N ILE D 96 -35.25 -0.86 -9.37
CA ILE D 96 -33.83 -1.22 -9.29
C ILE D 96 -32.98 -0.34 -10.25
N GLN D 97 -33.47 -0.14 -11.45
CA GLN D 97 -32.74 0.57 -12.51
C GLN D 97 -32.61 2.09 -12.28
N HIS D 98 -33.68 2.74 -11.83
CA HIS D 98 -33.76 4.21 -11.74
C HIS D 98 -33.63 4.80 -10.34
N VAL D 99 -34.19 4.13 -9.34
CA VAL D 99 -34.12 4.60 -7.95
C VAL D 99 -32.83 4.15 -7.28
N GLY D 100 -32.62 2.83 -7.28
CA GLY D 100 -31.51 2.24 -6.56
C GLY D 100 -31.69 0.75 -6.36
N SER D 101 -30.57 0.03 -6.31
CA SER D 101 -30.57 -1.41 -6.19
C SER D 101 -30.91 -1.92 -4.79
N SER D 102 -30.92 -1.02 -3.80
CA SER D 102 -31.41 -1.33 -2.45
C SER D 102 -32.88 -0.93 -2.22
N ALA D 103 -33.54 -0.39 -3.24
CA ALA D 103 -34.80 0.36 -3.07
C ALA D 103 -36.05 -0.50 -2.96
N CYS D 104 -35.95 -1.78 -3.30
CA CYS D 104 -37.06 -2.70 -3.14
C CYS D 104 -36.64 -4.15 -3.19
N GLY D 105 -37.49 -5.00 -2.63
CA GLY D 105 -37.49 -6.43 -2.92
C GLY D 105 -38.55 -6.70 -3.97
N ILE D 106 -38.73 -7.97 -4.32
CA ILE D 106 -39.76 -8.39 -5.28
C ILE D 106 -40.88 -9.17 -4.59
N LYS D 107 -42.11 -8.96 -5.05
CA LYS D 107 -43.24 -9.80 -4.61
C LYS D 107 -44.01 -10.37 -5.83
N LEU D 108 -44.27 -11.67 -5.75
CA LEU D 108 -45.01 -12.42 -6.75
C LEU D 108 -46.41 -12.84 -6.23
N GLY D 109 -46.82 -12.24 -5.11
CA GLY D 109 -48.17 -12.43 -4.56
C GLY D 109 -48.21 -12.26 -3.05
N PHE D 110 -49.44 -12.28 -2.54
CA PHE D 110 -49.69 -12.42 -1.11
C PHE D 110 -49.74 -13.90 -0.79
N SER D 111 -49.09 -14.31 0.29
CA SER D 111 -49.16 -15.69 0.80
C SER D 111 -49.58 -15.68 2.26
N PHE D 112 -50.40 -16.65 2.65
CA PHE D 112 -50.91 -16.74 4.01
C PHE D 112 -50.69 -18.14 4.57
N ALA D 113 -49.94 -18.24 5.66
CA ALA D 113 -49.75 -19.52 6.39
C ALA D 113 -50.50 -19.47 7.72
N TRP D 114 -51.34 -20.47 7.97
CA TRP D 114 -52.16 -20.52 9.20
C TRP D 114 -51.55 -21.44 10.24
N HIS D 115 -51.67 -21.02 11.49
CA HIS D 115 -51.10 -21.72 12.65
C HIS D 115 -52.10 -21.71 13.82
N GLN D 116 -51.89 -22.62 14.76
CA GLN D 116 -52.64 -22.60 16.02
C GLN D 116 -51.75 -22.99 17.20
N GLU D 117 -52.13 -22.48 18.36
CA GLU D 117 -51.47 -22.83 19.62
C GLU D 117 -51.70 -24.31 19.92
N ASN D 118 -50.66 -24.96 20.43
CA ASN D 118 -50.75 -26.35 20.88
C ASN D 118 -51.07 -27.35 19.75
N ALA D 119 -50.51 -27.10 18.58
CA ALA D 119 -50.51 -28.06 17.49
C ALA D 119 -49.40 -27.70 16.50
N PRO D 120 -48.71 -28.72 15.95
CA PRO D 120 -47.67 -28.44 14.96
C PRO D 120 -48.27 -27.91 13.65
N SER D 121 -47.61 -26.93 13.07
CA SER D 121 -48.11 -26.30 11.85
C SER D 121 -47.90 -27.20 10.63
N SER D 122 -48.82 -27.09 9.69
CA SER D 122 -48.88 -27.94 8.51
C SER D 122 -48.60 -27.09 7.29
N PRO D 123 -47.70 -27.53 6.39
CA PRO D 123 -47.48 -26.81 5.11
C PRO D 123 -48.66 -26.82 4.10
N ASP D 124 -49.69 -27.64 4.33
CA ASP D 124 -50.92 -27.61 3.52
C ASP D 124 -51.94 -26.55 3.96
N HIS D 125 -51.70 -25.91 5.10
CA HIS D 125 -52.52 -24.80 5.59
C HIS D 125 -51.98 -23.48 5.08
N LEU D 126 -52.05 -23.31 3.77
CA LEU D 126 -51.34 -22.23 3.11
C LEU D 126 -52.09 -21.87 1.85
N VAL D 127 -52.34 -20.56 1.66
CA VAL D 127 -52.95 -20.03 0.44
C VAL D 127 -52.07 -18.94 -0.15
N ALA D 128 -51.92 -18.92 -1.46
CA ALA D 128 -51.06 -17.93 -2.12
C ALA D 128 -51.48 -17.68 -3.57
N PRO D 129 -52.41 -16.73 -3.79
CA PRO D 129 -52.75 -16.38 -5.18
C PRO D 129 -51.61 -15.63 -5.86
N PRO D 130 -50.96 -16.25 -6.87
CA PRO D 130 -49.83 -15.56 -7.50
C PRO D 130 -50.29 -14.47 -8.47
N LEU D 131 -49.44 -13.47 -8.67
CA LEU D 131 -49.66 -12.42 -9.66
C LEU D 131 -49.05 -12.87 -10.98
N LYS D 132 -49.46 -12.24 -12.07
CA LYS D 132 -48.80 -12.42 -13.38
C LYS D 132 -47.61 -11.47 -13.52
N VAL D 133 -47.83 -10.20 -13.22
CA VAL D 133 -46.80 -9.15 -13.29
C VAL D 133 -46.21 -8.94 -11.88
N PRO D 134 -44.87 -9.02 -11.73
CA PRO D 134 -44.30 -8.82 -10.41
C PRO D 134 -44.46 -7.41 -9.86
N GLU D 135 -44.37 -7.30 -8.53
CA GLU D 135 -44.52 -6.05 -7.82
C GLU D 135 -43.41 -5.90 -6.79
N ALA D 136 -43.36 -4.71 -6.18
CA ALA D 136 -42.30 -4.35 -5.25
C ALA D 136 -42.69 -4.52 -3.77
N HIS D 137 -41.69 -4.88 -2.98
CA HIS D 137 -41.67 -4.59 -1.57
C HIS D 137 -40.85 -3.33 -1.42
N LEU D 138 -41.52 -2.22 -1.15
CA LEU D 138 -40.92 -0.89 -1.21
C LEU D 138 -40.12 -0.55 0.05
N PHE D 139 -38.82 -0.32 -0.14
CA PHE D 139 -37.93 0.17 0.94
C PHE D 139 -38.12 1.67 1.06
N ARG D 140 -39.04 2.07 1.94
CA ARG D 140 -39.62 3.42 1.90
C ARG D 140 -38.65 4.59 2.09
N GLN D 141 -37.55 4.40 2.82
CA GLN D 141 -36.54 5.45 2.99
C GLN D 141 -35.99 5.95 1.63
N ASP D 142 -35.82 5.02 0.68
CA ASP D 142 -35.28 5.34 -0.66
C ASP D 142 -36.32 5.68 -1.71
N ILE D 143 -37.53 5.15 -1.54
CA ILE D 143 -38.66 5.47 -2.42
C ILE D 143 -39.14 6.88 -2.13
N ASP D 144 -39.39 7.18 -0.86
CA ASP D 144 -39.86 8.51 -0.47
C ASP D 144 -38.87 9.61 -0.83
N TYR D 145 -37.57 9.32 -0.71
CA TYR D 145 -36.53 10.30 -1.05
C TYR D 145 -36.51 10.54 -2.57
N PHE D 146 -36.60 9.46 -3.35
CA PHE D 146 -36.73 9.56 -4.80
C PHE D 146 -37.97 10.36 -5.22
N ALA D 147 -39.09 10.12 -4.57
CA ALA D 147 -40.33 10.85 -4.83
C ALA D 147 -40.19 12.34 -4.55
N LEU D 148 -39.43 12.68 -3.51
CA LEU D 148 -39.19 14.07 -3.17
C LEU D 148 -38.41 14.77 -4.27
N MET D 149 -37.40 14.08 -4.81
CA MET D 149 -36.61 14.60 -5.94
C MET D 149 -37.50 14.98 -7.13
N ILE D 150 -38.44 14.10 -7.47
CA ILE D 150 -39.43 14.36 -8.52
C ILE D 150 -40.15 15.70 -8.29
N ALA D 151 -40.58 15.95 -7.04
CA ALA D 151 -41.24 17.20 -6.69
C ALA D 151 -40.33 18.41 -6.90
N LEU D 152 -39.11 18.31 -6.37
CA LEU D 152 -38.12 19.38 -6.48
C LEU D 152 -37.71 19.68 -7.93
N LYS D 153 -37.56 18.64 -8.74
CA LYS D 153 -37.23 18.81 -10.16
C LYS D 153 -38.34 19.49 -10.99
N HIS D 154 -39.59 19.40 -10.53
CA HIS D 154 -40.72 20.05 -11.21
C HIS D 154 -41.11 21.42 -10.65
N GLY D 155 -40.34 21.94 -9.69
CA GLY D 155 -40.45 23.32 -9.22
C GLY D 155 -40.91 23.52 -7.79
N ALA D 156 -41.31 22.44 -7.12
CA ALA D 156 -41.78 22.50 -5.74
C ALA D 156 -40.62 22.82 -4.81
N GLU D 157 -40.92 23.60 -3.77
CA GLU D 157 -39.95 23.96 -2.76
C GLU D 157 -40.17 23.11 -1.52
N SER D 158 -39.09 22.71 -0.87
CA SER D 158 -39.16 21.90 0.35
C SER D 158 -38.38 22.53 1.49
N ARG D 159 -39.00 22.52 2.67
CA ARG D 159 -38.37 22.93 3.91
C ARG D 159 -38.54 21.78 4.88
N GLN D 160 -37.42 21.12 5.17
CA GLN D 160 -37.39 20.00 6.09
C GLN D 160 -36.87 20.45 7.44
N ASN D 161 -37.19 19.64 8.45
CA ASN D 161 -36.75 19.85 9.83
C ASN D 161 -37.23 21.19 10.43
N ILE D 162 -38.39 21.64 9.98
CA ILE D 162 -39.04 22.86 10.52
C ILE D 162 -40.02 22.49 11.62
N LYS D 163 -40.38 23.49 12.42
CA LYS D 163 -41.36 23.34 13.49
C LYS D 163 -42.55 24.24 13.18
N ILE D 164 -43.74 23.67 13.18
CA ILE D 164 -44.98 24.41 12.94
C ILE D 164 -45.55 24.90 14.28
N GLU D 165 -45.56 26.22 14.47
CA GLU D 165 -46.14 26.86 15.64
C GLU D 165 -47.67 26.88 15.61
N SER D 166 -48.25 27.17 14.43
CA SER D 166 -49.72 27.21 14.26
C SER D 166 -50.14 27.20 12.80
N ILE D 167 -51.39 26.79 12.56
CA ILE D 167 -52.03 26.83 11.25
C ILE D 167 -53.38 27.57 11.38
N SER D 168 -53.56 28.60 10.56
CA SER D 168 -54.77 29.45 10.56
C SER D 168 -55.49 29.29 9.22
N LEU D 169 -56.79 29.02 9.29
CA LEU D 169 -57.61 28.79 8.10
C LEU D 169 -58.58 29.96 7.93
N ASN D 170 -58.16 30.96 7.17
CA ASN D 170 -58.95 32.18 6.96
C ASN D 170 -59.82 32.03 5.71
N ASP D 171 -60.79 32.92 5.56
CA ASP D 171 -61.67 32.91 4.37
C ASP D 171 -60.99 33.39 3.07
N ASP D 172 -59.78 33.94 3.18
CA ASP D 172 -58.96 34.35 2.00
C ASP D 172 -57.69 33.50 1.78
N GLY D 173 -57.34 32.62 2.70
CA GLY D 173 -56.19 31.73 2.54
C GLY D 173 -55.81 30.94 3.77
N VAL D 174 -54.59 30.45 3.79
CA VAL D 174 -54.01 29.70 4.91
C VAL D 174 -52.74 30.42 5.35
N GLU D 175 -52.44 30.37 6.65
CA GLU D 175 -51.22 30.96 7.20
C GLU D 175 -50.60 29.97 8.17
N VAL D 176 -49.37 29.56 7.86
CA VAL D 176 -48.59 28.63 8.70
C VAL D 176 -47.48 29.42 9.36
N ALA D 177 -47.49 29.45 10.69
CA ALA D 177 -46.45 30.10 11.48
C ALA D 177 -45.31 29.11 11.75
N LEU D 178 -44.09 29.60 11.62
CA LEU D 178 -42.88 28.77 11.72
C LEU D 178 -41.92 29.31 12.79
N SER D 179 -41.24 28.41 13.48
CA SER D 179 -40.23 28.77 14.47
C SER D 179 -38.94 29.25 13.79
N ASN D 180 -38.41 30.39 14.25
CA ASN D 180 -37.19 31.00 13.70
C ASN D 180 -37.25 31.27 12.19
N ALA D 181 -38.41 31.72 11.73
CA ALA D 181 -38.64 32.06 10.32
C ALA D 181 -39.94 32.84 10.15
N ALA D 182 -40.06 33.56 9.04
CA ALA D 182 -41.26 34.31 8.71
C ALA D 182 -42.44 33.37 8.40
N PRO D 183 -43.68 33.77 8.78
CA PRO D 183 -44.83 32.94 8.46
C PRO D 183 -45.05 32.82 6.94
N VAL D 184 -45.56 31.67 6.51
CA VAL D 184 -45.81 31.40 5.10
C VAL D 184 -47.30 31.29 4.84
N LYS D 185 -47.70 31.69 3.64
CA LYS D 185 -49.10 31.89 3.27
C LYS D 185 -49.40 31.21 1.95
N ALA D 186 -50.65 30.77 1.80
CA ALA D 186 -51.07 30.03 0.62
C ALA D 186 -52.59 29.99 0.51
N ALA D 187 -53.06 29.67 -0.70
CA ALA D 187 -54.48 29.53 -0.98
C ALA D 187 -55.10 28.26 -0.37
N PHE D 188 -54.31 27.20 -0.23
CA PHE D 188 -54.81 25.88 0.15
C PHE D 188 -53.72 25.14 0.90
N ILE D 189 -54.12 24.26 1.82
CA ILE D 189 -53.17 23.40 2.52
C ILE D 189 -53.60 21.93 2.48
N ILE D 190 -52.63 21.05 2.23
CA ILE D 190 -52.86 19.61 2.20
C ILE D 190 -52.06 18.92 3.31
N ASP D 191 -52.70 18.00 4.04
CA ASP D 191 -52.01 17.21 5.05
C ASP D 191 -51.65 15.85 4.46
N ALA D 192 -50.38 15.69 4.07
CA ALA D 192 -49.84 14.42 3.57
C ALA D 192 -49.09 13.61 4.63
N ALA D 193 -49.22 13.99 5.90
CA ALA D 193 -48.60 13.28 7.01
C ALA D 193 -49.46 12.09 7.46
N ALA D 194 -48.87 11.26 8.31
CA ALA D 194 -49.50 10.03 8.83
C ALA D 194 -50.19 10.30 10.21
N GLN D 195 -49.90 9.50 11.25
CA GLN D 195 -50.56 9.65 12.56
C GLN D 195 -50.25 11.00 13.19
N GLY D 196 -49.03 11.50 12.98
CA GLY D 196 -48.63 12.83 13.42
C GLY D 196 -49.16 13.90 12.49
N SER D 197 -50.48 14.06 12.49
CA SER D 197 -51.18 14.97 11.61
C SER D 197 -51.60 16.22 12.39
N PRO D 198 -50.89 17.35 12.22
CA PRO D 198 -51.28 18.55 12.99
C PRO D 198 -52.67 19.09 12.62
N LEU D 199 -53.03 18.99 11.34
CA LEU D 199 -54.31 19.49 10.85
C LEU D 199 -55.49 18.66 11.38
N SER D 200 -55.33 17.34 11.47
CA SER D 200 -56.34 16.47 12.08
C SER D 200 -56.53 16.77 13.58
N ARG D 201 -55.41 16.99 14.28
CA ARG D 201 -55.40 17.36 15.70
C ARG D 201 -56.21 18.64 16.02
N GLN D 202 -55.90 19.73 15.32
CA GLN D 202 -56.50 21.04 15.61
C GLN D 202 -57.97 21.18 15.15
N LEU D 203 -58.37 20.42 14.14
CA LEU D 203 -59.75 20.46 13.63
C LEU D 203 -60.75 19.57 14.39
N GLY D 204 -60.24 18.65 15.20
CA GLY D 204 -61.09 17.79 16.04
C GLY D 204 -61.84 16.74 15.26
N LEU D 205 -61.25 16.32 14.15
CA LEU D 205 -61.92 15.43 13.20
C LEU D 205 -61.67 13.95 13.44
N ARG D 206 -60.59 13.62 14.15
CA ARG D 206 -60.20 12.23 14.39
C ARG D 206 -61.01 11.58 15.51
N THR D 207 -61.28 10.28 15.34
CA THR D 207 -62.01 9.49 16.34
C THR D 207 -61.77 7.98 16.13
N THR D 208 -62.11 7.21 17.16
CA THR D 208 -62.16 5.73 17.08
C THR D 208 -63.56 5.15 17.30
N GLU D 209 -64.56 5.99 17.53
CA GLU D 209 -65.95 5.56 17.73
C GLU D 209 -66.45 4.84 16.48
N GLY D 210 -67.10 3.70 16.67
CA GLY D 210 -67.70 2.94 15.58
C GLY D 210 -66.83 1.88 14.90
N LEU D 211 -65.51 2.01 14.99
CA LEU D 211 -64.58 1.06 14.34
C LEU D 211 -64.69 -0.35 14.91
N ALA D 212 -64.94 -1.30 14.02
CA ALA D 212 -64.89 -2.74 14.36
C ALA D 212 -63.47 -3.22 14.67
N THR D 213 -62.49 -2.69 13.95
CA THR D 213 -61.08 -3.08 14.12
C THR D 213 -60.45 -2.37 15.31
N ASP D 214 -59.91 -3.15 16.25
CA ASP D 214 -59.17 -2.66 17.43
C ASP D 214 -57.88 -3.49 17.57
N THR D 215 -56.79 -2.98 17.02
CA THR D 215 -55.53 -3.71 16.89
C THR D 215 -54.31 -2.86 17.23
N CYS D 216 -53.29 -3.51 17.78
CA CYS D 216 -52.00 -2.89 18.07
C CYS D 216 -50.97 -3.40 17.06
N SER D 217 -49.75 -2.90 17.13
CA SER D 217 -48.69 -3.29 16.18
C SER D 217 -47.27 -3.12 16.71
N PHE D 218 -46.46 -4.17 16.54
CA PHE D 218 -45.01 -4.16 16.78
C PHE D 218 -44.33 -4.34 15.44
N PHE D 219 -43.39 -3.48 15.08
CA PHE D 219 -42.69 -3.61 13.78
C PHE D 219 -41.23 -3.13 13.75
N THR D 220 -40.45 -3.73 12.85
CA THR D 220 -39.01 -3.48 12.75
C THR D 220 -38.44 -4.01 11.44
N HIS D 221 -37.14 -3.79 11.25
CA HIS D 221 -36.35 -4.42 10.17
C HIS D 221 -35.30 -5.33 10.79
N MET D 222 -34.99 -6.44 10.11
CA MET D 222 -34.09 -7.47 10.63
C MET D 222 -33.17 -8.07 9.56
N LEU D 223 -32.01 -8.56 10.01
CA LEU D 223 -31.08 -9.32 9.17
C LEU D 223 -31.19 -10.82 9.38
N ASN D 224 -30.65 -11.58 8.42
CA ASN D 224 -30.59 -13.04 8.47
C ASN D 224 -31.92 -13.69 8.90
N VAL D 225 -33.00 -13.24 8.30
CA VAL D 225 -34.30 -13.88 8.44
C VAL D 225 -34.33 -14.97 7.37
N LYS D 226 -34.35 -16.23 7.79
CA LYS D 226 -34.44 -17.36 6.84
C LYS D 226 -35.73 -17.31 6.01
N SER D 227 -35.61 -17.68 4.73
CA SER D 227 -36.77 -17.78 3.83
C SER D 227 -37.77 -18.82 4.34
N TYR D 228 -39.02 -18.71 3.91
CA TYR D 228 -40.02 -19.75 4.21
C TYR D 228 -39.56 -21.13 3.72
N GLU D 229 -38.96 -21.16 2.52
CA GLU D 229 -38.53 -22.42 1.89
C GLU D 229 -37.45 -23.13 2.70
N ASP D 230 -36.44 -22.39 3.12
CA ASP D 230 -35.31 -22.94 3.89
C ASP D 230 -35.67 -23.25 5.34
N ALA D 231 -36.61 -22.50 5.92
CA ALA D 231 -36.95 -22.62 7.33
C ALA D 231 -38.04 -23.66 7.59
N LEU D 232 -39.12 -23.61 6.80
CA LEU D 232 -40.33 -24.39 7.08
C LEU D 232 -40.61 -25.58 6.14
N ALA D 233 -40.65 -25.32 4.83
CA ALA D 233 -41.00 -26.36 3.85
C ALA D 233 -40.66 -25.92 2.43
N PRO D 234 -40.00 -26.80 1.64
CA PRO D 234 -39.64 -26.43 0.27
C PRO D 234 -40.83 -26.44 -0.69
N LEU D 235 -40.60 -25.97 -1.92
CA LEU D 235 -41.62 -25.95 -2.98
C LEU D 235 -42.19 -27.33 -3.31
N SER D 236 -41.35 -28.37 -3.21
CA SER D 236 -41.78 -29.75 -3.48
C SER D 236 -42.83 -30.25 -2.46
N ARG D 237 -42.76 -29.74 -1.24
CA ARG D 237 -43.75 -30.07 -0.19
C ARG D 237 -45.00 -29.20 -0.30
N THR D 238 -44.83 -27.88 -0.38
CA THR D 238 -45.97 -26.94 -0.41
C THR D 238 -46.76 -26.98 -1.72
N ARG D 239 -46.06 -27.26 -2.82
CA ARG D 239 -46.62 -27.25 -4.18
C ARG D 239 -47.15 -25.87 -4.60
N SER D 240 -46.52 -24.82 -4.07
CA SER D 240 -46.88 -23.44 -4.42
C SER D 240 -46.28 -23.08 -5.79
N PRO D 241 -47.04 -22.36 -6.64
CA PRO D 241 -46.45 -21.88 -7.90
C PRO D 241 -45.42 -20.74 -7.76
N ILE D 242 -45.28 -20.20 -6.54
CA ILE D 242 -44.31 -19.14 -6.24
C ILE D 242 -43.50 -19.50 -4.99
N GLU D 243 -42.27 -19.02 -4.91
CA GLU D 243 -41.50 -19.03 -3.66
C GLU D 243 -42.19 -18.07 -2.70
N LEU D 244 -42.49 -18.54 -1.49
CA LEU D 244 -43.03 -17.66 -0.45
C LEU D 244 -42.02 -16.61 0.03
N PHE D 245 -40.73 -16.92 -0.16
CA PHE D 245 -39.66 -15.93 0.00
C PHE D 245 -39.85 -14.71 -0.91
N LYS D 246 -40.31 -14.93 -2.14
CA LYS D 246 -40.62 -13.87 -3.10
C LYS D 246 -42.10 -13.43 -3.05
N SER D 247 -42.70 -13.47 -1.88
CA SER D 247 -44.09 -13.06 -1.68
C SER D 247 -44.20 -12.27 -0.39
N THR D 248 -45.28 -11.51 -0.26
CA THR D 248 -45.65 -10.88 1.00
C THR D 248 -46.26 -11.98 1.86
N LEU D 249 -45.48 -12.48 2.82
CA LEU D 249 -45.89 -13.60 3.66
C LEU D 249 -46.62 -13.11 4.92
N HIS D 250 -47.84 -13.62 5.14
CA HIS D 250 -48.65 -13.33 6.32
C HIS D 250 -48.77 -14.62 7.15
N HIS D 251 -48.22 -14.63 8.34
CA HIS D 251 -48.43 -15.73 9.29
C HIS D 251 -49.65 -15.42 10.14
N ILE D 252 -50.73 -16.17 9.97
CA ILE D 252 -51.99 -15.86 10.61
C ILE D 252 -52.34 -16.88 11.71
N PHE D 253 -53.10 -16.39 12.69
CA PHE D 253 -53.52 -17.18 13.86
C PHE D 253 -54.64 -16.45 14.63
N GLU D 254 -55.28 -17.16 15.56
CA GLU D 254 -56.55 -16.69 16.16
C GLU D 254 -56.51 -15.24 16.62
N GLU D 255 -55.46 -14.89 17.37
CA GLU D 255 -55.38 -13.59 18.05
C GLU D 255 -54.63 -12.49 17.28
N GLY D 256 -54.18 -12.77 16.07
CA GLY D 256 -53.43 -11.77 15.29
C GLY D 256 -52.65 -12.35 14.13
N TRP D 257 -51.67 -11.59 13.65
CA TRP D 257 -50.83 -12.03 12.52
C TRP D 257 -49.44 -11.40 12.51
N LEU D 258 -48.55 -12.00 11.74
CA LEU D 258 -47.16 -11.55 11.61
C LEU D 258 -46.78 -11.50 10.15
N TRP D 259 -46.23 -10.36 9.72
CA TRP D 259 -45.78 -10.19 8.34
C TRP D 259 -44.28 -10.45 8.18
N VAL D 260 -43.90 -10.96 7.01
CA VAL D 260 -42.51 -11.21 6.63
C VAL D 260 -42.36 -10.68 5.20
N ILE D 261 -41.73 -9.50 5.08
CA ILE D 261 -41.67 -8.75 3.83
C ILE D 261 -40.17 -8.53 3.51
N PRO D 262 -39.54 -9.48 2.79
CA PRO D 262 -38.12 -9.34 2.44
C PRO D 262 -37.85 -8.25 1.41
N PHE D 263 -36.77 -7.50 1.62
CA PHE D 263 -36.18 -6.62 0.61
C PHE D 263 -34.99 -7.30 -0.08
N ASN D 264 -34.61 -8.48 0.40
CA ASN D 264 -33.42 -9.19 -0.06
C ASN D 264 -33.71 -10.42 -0.94
N ASN D 265 -34.84 -10.37 -1.64
CA ASN D 265 -35.31 -11.50 -2.47
C ASN D 265 -35.26 -11.22 -3.97
N HIS D 266 -34.75 -10.04 -4.35
CA HIS D 266 -34.59 -9.67 -5.76
C HIS D 266 -33.20 -10.14 -6.22
N PRO D 267 -33.08 -10.70 -7.44
CA PRO D 267 -31.75 -11.14 -7.92
C PRO D 267 -30.72 -10.00 -8.15
N GLN D 268 -31.14 -8.93 -8.82
CA GLN D 268 -30.33 -7.69 -8.97
C GLN D 268 -30.26 -6.75 -7.73
N GLY D 269 -31.03 -7.03 -6.69
CA GLY D 269 -31.07 -6.20 -5.48
C GLY D 269 -29.90 -6.38 -4.52
N THR D 270 -29.65 -5.35 -3.72
CA THR D 270 -28.52 -5.31 -2.75
C THR D 270 -28.94 -5.13 -1.29
N ASN D 271 -30.22 -4.83 -1.05
CA ASN D 271 -30.76 -4.70 0.30
C ASN D 271 -30.69 -6.05 1.01
N GLN D 272 -30.28 -6.03 2.27
CA GLN D 272 -30.09 -7.23 3.10
C GLN D 272 -31.16 -7.37 4.20
N LEU D 273 -32.05 -6.40 4.31
CA LEU D 273 -33.03 -6.38 5.37
C LEU D 273 -34.33 -7.05 4.96
N CYS D 274 -35.12 -7.37 5.96
CA CYS D 274 -36.44 -7.97 5.80
C CYS D 274 -37.34 -7.31 6.85
N SER D 275 -38.44 -6.72 6.40
CA SER D 275 -39.36 -6.06 7.29
C SER D 275 -40.21 -7.09 8.02
N ILE D 276 -40.29 -6.94 9.34
CA ILE D 276 -41.10 -7.82 10.19
C ILE D 276 -42.00 -6.96 11.06
N GLY D 277 -43.28 -7.33 11.10
CA GLY D 277 -44.24 -6.73 12.03
C GLY D 277 -45.28 -7.74 12.52
N PHE D 278 -45.74 -7.59 13.75
CA PHE D 278 -46.84 -8.42 14.26
C PHE D 278 -47.92 -7.61 14.97
N GLN D 279 -49.16 -7.97 14.72
CA GLN D 279 -50.34 -7.24 15.16
C GLN D 279 -51.17 -8.18 16.00
N PHE D 280 -51.81 -7.66 17.04
CA PHE D 280 -52.76 -8.42 17.85
C PHE D 280 -54.15 -7.80 17.81
N ASN D 281 -55.18 -8.63 17.82
CA ASN D 281 -56.55 -8.20 18.04
C ASN D 281 -56.66 -7.88 19.52
N ASN D 282 -56.86 -6.61 19.85
CA ASN D 282 -56.89 -6.17 21.26
C ASN D 282 -58.05 -6.75 22.08
N ALA D 283 -59.12 -7.18 21.42
CA ALA D 283 -60.19 -7.95 22.07
C ALA D 283 -59.79 -9.36 22.49
N LYS D 284 -58.84 -9.99 21.80
CA LYS D 284 -58.37 -11.36 22.11
C LYS D 284 -57.07 -11.44 22.91
N TYR D 285 -56.14 -10.53 22.63
CA TYR D 285 -54.86 -10.45 23.35
C TYR D 285 -54.35 -9.03 23.40
N ARG D 286 -54.05 -8.56 24.61
CA ARG D 286 -53.38 -7.28 24.85
C ARG D 286 -51.98 -7.58 25.38
N PRO D 287 -50.93 -7.05 24.69
CA PRO D 287 -49.57 -7.27 25.19
C PRO D 287 -49.33 -6.43 26.44
N THR D 288 -48.63 -7.00 27.41
CA THR D 288 -48.30 -6.32 28.68
C THR D 288 -46.83 -5.94 28.84
N GLU D 289 -45.95 -6.51 27.99
CA GLU D 289 -44.50 -6.41 28.16
C GLU D 289 -43.80 -5.79 26.95
N ALA D 290 -42.50 -5.54 27.12
CA ALA D 290 -41.67 -4.88 26.10
C ALA D 290 -41.65 -5.66 24.78
N PRO D 291 -41.44 -4.97 23.64
CA PRO D 291 -41.50 -5.61 22.30
C PRO D 291 -40.73 -6.91 22.13
N GLU D 292 -39.47 -6.93 22.53
CA GLU D 292 -38.60 -8.09 22.33
C GLU D 292 -39.02 -9.32 23.17
N ILE D 293 -39.59 -9.08 24.35
CA ILE D 293 -40.15 -10.15 25.19
C ILE D 293 -41.46 -10.66 24.59
N GLU D 294 -42.32 -9.75 24.17
CA GLU D 294 -43.56 -10.08 23.43
C GLU D 294 -43.30 -10.87 22.16
N PHE D 295 -42.22 -10.55 21.46
CA PHE D 295 -41.83 -11.27 20.25
C PHE D 295 -41.44 -12.72 20.58
N ARG D 296 -40.52 -12.89 21.52
CA ARG D 296 -40.09 -14.22 21.96
C ARG D 296 -41.26 -15.08 22.49
N LYS D 297 -42.17 -14.45 23.23
CA LYS D 297 -43.42 -15.11 23.68
C LYS D 297 -44.25 -15.62 22.50
N LEU D 298 -44.35 -14.81 21.45
CA LEU D 298 -45.07 -15.19 20.23
C LEU D 298 -44.42 -16.41 19.57
N LEU D 299 -43.11 -16.37 19.40
CA LEU D 299 -42.37 -17.48 18.78
C LEU D 299 -42.40 -18.78 19.59
N LYS D 300 -42.53 -18.68 20.91
CA LYS D 300 -42.70 -19.87 21.76
C LYS D 300 -44.10 -20.48 21.57
N LYS D 301 -45.09 -19.61 21.42
CA LYS D 301 -46.48 -19.99 21.15
C LYS D 301 -46.66 -20.64 19.76
N TYR D 302 -45.90 -20.17 18.78
CA TYR D 302 -45.95 -20.67 17.41
C TYR D 302 -44.53 -20.99 16.88
N PRO D 303 -43.91 -22.10 17.34
CA PRO D 303 -42.50 -22.39 16.98
C PRO D 303 -42.19 -22.52 15.48
N ALA D 304 -43.20 -22.76 14.66
CA ALA D 304 -43.05 -22.78 13.22
C ALA D 304 -42.74 -21.37 12.66
N ILE D 305 -43.36 -20.34 13.23
CA ILE D 305 -43.02 -18.95 12.89
C ILE D 305 -41.56 -18.67 13.31
N GLY D 306 -41.18 -19.15 14.49
CA GLY D 306 -39.82 -19.00 15.04
C GLY D 306 -38.65 -19.57 14.23
N GLU D 307 -38.92 -20.48 13.30
CA GLU D 307 -37.90 -21.03 12.40
C GLU D 307 -37.30 -20.01 11.42
N HIS D 308 -38.02 -18.90 11.20
CA HIS D 308 -37.49 -17.74 10.47
C HIS D 308 -36.34 -17.05 11.20
N PHE D 309 -36.42 -17.04 12.53
CA PHE D 309 -35.69 -16.11 13.40
C PHE D 309 -34.59 -16.70 14.27
N LYS D 310 -34.14 -17.92 13.98
CA LYS D 310 -33.13 -18.60 14.81
C LYS D 310 -31.82 -17.80 14.90
N ASP D 311 -31.34 -17.36 13.74
CA ASP D 311 -30.07 -16.61 13.64
C ASP D 311 -30.28 -15.15 13.19
N ALA D 312 -31.47 -14.63 13.44
CA ALA D 312 -31.84 -13.29 12.99
C ALA D 312 -31.48 -12.25 14.06
N VAL D 313 -31.10 -11.06 13.59
CA VAL D 313 -30.74 -9.95 14.47
C VAL D 313 -31.54 -8.71 14.11
N ASN D 314 -32.05 -8.02 15.12
CA ASN D 314 -32.83 -6.81 14.95
C ASN D 314 -31.93 -5.62 14.56
N ALA D 315 -32.22 -5.03 13.40
CA ALA D 315 -31.43 -3.92 12.82
C ALA D 315 -31.96 -2.53 13.19
N ARG D 316 -33.10 -2.47 13.89
CA ARG D 316 -33.67 -1.22 14.40
C ARG D 316 -34.26 -1.44 15.79
N GLU D 317 -34.67 -0.34 16.40
CA GLU D 317 -35.55 -0.40 17.57
C GLU D 317 -36.92 -0.91 17.10
N TRP D 318 -37.53 -1.78 17.91
CA TRP D 318 -38.92 -2.17 17.71
C TRP D 318 -39.73 -0.93 18.02
N ILE D 319 -40.77 -0.72 17.22
CA ILE D 319 -41.74 0.33 17.47
C ILE D 319 -43.03 -0.36 17.88
N TYR D 320 -43.61 0.09 18.98
CA TYR D 320 -44.91 -0.37 19.46
C TYR D 320 -45.93 0.74 19.26
N ALA D 321 -47.14 0.35 18.88
CA ALA D 321 -48.26 1.27 18.73
C ALA D 321 -49.47 0.57 19.36
N PRO D 322 -50.00 1.11 20.48
CA PRO D 322 -51.07 0.40 21.21
C PRO D 322 -52.43 0.36 20.50
N ARG D 323 -52.71 1.38 19.70
CA ARG D 323 -53.88 1.36 18.82
C ARG D 323 -53.61 2.07 17.49
N ILE D 324 -53.42 1.30 16.42
CA ILE D 324 -53.17 1.86 15.07
C ILE D 324 -54.43 2.38 14.35
N ASN D 325 -55.61 2.04 14.84
CA ASN D 325 -56.86 2.32 14.12
C ASN D 325 -57.45 3.67 14.49
N TYR D 326 -57.92 4.38 13.47
CA TYR D 326 -58.75 5.58 13.64
C TYR D 326 -59.39 5.95 12.30
N ARG D 327 -60.39 6.82 12.36
CA ARG D 327 -61.00 7.42 11.17
C ARG D 327 -61.27 8.91 11.44
N SER D 328 -61.89 9.58 10.47
CA SER D 328 -62.32 10.97 10.64
C SER D 328 -63.72 11.18 10.12
N VAL D 329 -64.46 12.09 10.77
CA VAL D 329 -65.85 12.39 10.41
C VAL D 329 -65.95 13.25 9.14
N GLN D 330 -64.97 14.14 8.95
CA GLN D 330 -64.77 14.89 7.72
C GLN D 330 -63.30 14.94 7.41
N ASN D 331 -62.95 15.28 6.17
CA ASN D 331 -61.55 15.51 5.80
C ASN D 331 -61.27 16.62 4.78
N VAL D 332 -62.26 17.44 4.46
CA VAL D 332 -62.09 18.58 3.56
C VAL D 332 -62.85 19.80 4.07
N GLY D 333 -62.27 20.97 3.83
CA GLY D 333 -62.94 22.24 4.06
C GLY D 333 -62.73 23.12 2.86
N ASP D 334 -63.03 24.41 3.03
CA ASP D 334 -62.85 25.41 1.97
C ASP D 334 -61.39 25.47 1.54
N ARG D 335 -60.51 25.43 2.53
CA ARG D 335 -59.09 25.72 2.35
C ARG D 335 -58.14 24.57 2.73
N PHE D 336 -58.68 23.39 3.00
CA PHE D 336 -57.85 22.22 3.35
C PHE D 336 -58.40 20.90 2.82
N CYS D 337 -57.48 19.96 2.68
CA CYS D 337 -57.83 18.56 2.42
C CYS D 337 -56.81 17.67 3.12
N LEU D 338 -57.30 16.83 4.03
CA LEU D 338 -56.51 15.73 4.56
C LEU D 338 -56.46 14.61 3.52
N LEU D 339 -55.26 14.09 3.27
CA LEU D 339 -55.09 12.88 2.47
C LEU D 339 -55.40 11.67 3.38
N PRO D 340 -55.71 10.50 2.78
CA PRO D 340 -56.16 9.32 3.52
C PRO D 340 -55.37 8.88 4.77
N GLN D 341 -54.05 8.92 4.73
CA GLN D 341 -53.25 8.53 5.91
C GLN D 341 -53.52 9.46 7.08
N ALA D 342 -53.75 10.74 6.81
CA ALA D 342 -54.12 11.71 7.85
C ALA D 342 -55.57 11.54 8.30
N THR D 343 -56.42 11.09 7.38
CA THR D 343 -57.86 10.94 7.64
C THR D 343 -58.16 9.69 8.45
N GLY D 344 -57.68 8.55 7.96
CA GLY D 344 -57.98 7.26 8.57
C GLY D 344 -56.93 6.21 8.28
N PHE D 345 -56.89 5.21 9.15
CA PHE D 345 -56.06 4.03 8.95
C PHE D 345 -56.65 2.88 9.74
N ILE D 346 -56.60 1.69 9.16
CA ILE D 346 -57.16 0.48 9.76
C ILE D 346 -56.06 -0.49 10.19
N ASP D 347 -55.30 -0.98 9.22
CA ASP D 347 -54.36 -2.08 9.44
C ASP D 347 -53.49 -2.27 8.19
N PRO D 348 -52.23 -2.71 8.34
CA PRO D 348 -51.42 -3.07 7.16
C PRO D 348 -51.94 -4.23 6.30
N LEU D 349 -52.74 -5.11 6.91
CA LEU D 349 -53.32 -6.30 6.26
C LEU D 349 -54.05 -5.96 4.96
N PHE D 350 -53.62 -6.59 3.87
CA PHE D 350 -54.07 -6.30 2.49
C PHE D 350 -53.58 -4.98 1.88
N SER D 351 -52.87 -4.17 2.67
CA SER D 351 -52.16 -2.99 2.18
C SER D 351 -53.06 -1.99 1.43
N ARG D 352 -54.20 -1.69 2.05
CA ARG D 352 -55.21 -0.80 1.46
C ARG D 352 -54.86 0.68 1.57
N GLY D 353 -53.99 1.03 2.53
CA GLY D 353 -53.59 2.42 2.76
C GLY D 353 -53.05 3.13 1.54
N LEU D 354 -52.10 2.50 0.85
CA LEU D 354 -51.48 3.07 -0.36
C LEU D 354 -52.48 3.22 -1.53
N ILE D 355 -53.34 2.22 -1.68
CA ILE D 355 -54.35 2.23 -2.73
C ILE D 355 -55.22 3.48 -2.55
N THR D 356 -55.75 3.64 -1.34
CA THR D 356 -56.62 4.77 -0.99
C THR D 356 -55.90 6.11 -1.17
N THR D 357 -54.63 6.19 -0.74
CA THR D 357 -53.81 7.40 -0.85
C THR D 357 -53.64 7.86 -2.29
N PHE D 358 -53.17 6.96 -3.15
CA PHE D 358 -52.92 7.29 -4.55
C PHE D 358 -54.18 7.71 -5.29
N GLU D 359 -55.29 7.02 -5.04
CA GLU D 359 -56.59 7.36 -5.65
C GLU D 359 -57.08 8.73 -5.18
N SER D 360 -56.87 9.03 -3.90
CA SER D 360 -57.24 10.34 -3.35
C SER D 360 -56.48 11.48 -4.05
N ILE D 361 -55.19 11.29 -4.26
CA ILE D 361 -54.34 12.26 -4.97
C ILE D 361 -54.82 12.44 -6.41
N LEU D 362 -55.19 11.33 -7.01
CA LEU D 362 -55.68 11.30 -8.38
C LEU D 362 -57.05 12.02 -8.51
N ARG D 363 -57.89 11.93 -7.48
CA ARG D 363 -59.17 12.66 -7.44
C ARG D 363 -59.02 14.13 -7.05
N LEU D 364 -58.15 14.41 -6.07
CA LEU D 364 -58.01 15.74 -5.50
C LEU D 364 -57.26 16.72 -6.39
N ALA D 365 -56.16 16.26 -6.97
CA ALA D 365 -55.26 17.14 -7.73
C ALA D 365 -55.98 17.99 -8.80
N PRO D 366 -56.81 17.36 -9.68
CA PRO D 366 -57.54 18.14 -10.70
C PRO D 366 -58.51 19.18 -10.14
N LYS D 367 -59.10 18.90 -8.98
CA LYS D 367 -60.00 19.84 -8.29
C LYS D 367 -59.24 21.01 -7.67
N VAL D 368 -58.04 20.75 -7.16
CA VAL D 368 -57.15 21.83 -6.65
C VAL D 368 -56.70 22.74 -7.79
N LEU D 369 -56.43 22.15 -8.96
CA LEU D 369 -56.11 22.91 -10.16
C LEU D 369 -57.27 23.78 -10.65
N ASP D 370 -58.48 23.22 -10.67
CA ASP D 370 -59.67 23.98 -11.05
C ASP D 370 -59.94 25.17 -10.10
N ALA D 371 -59.72 24.97 -8.80
CA ALA D 371 -59.91 26.02 -7.79
C ALA D 371 -58.85 27.11 -7.88
N ALA D 372 -57.59 26.71 -8.04
CA ALA D 372 -56.48 27.64 -8.21
C ALA D 372 -56.62 28.49 -9.47
N ARG D 373 -57.26 27.92 -10.49
CA ARG D 373 -57.46 28.60 -11.77
C ARG D 373 -58.71 29.49 -11.81
N SER D 374 -59.75 29.12 -11.07
CA SER D 374 -60.99 29.89 -10.97
C SER D 374 -61.09 30.79 -9.72
N ASN D 375 -60.13 30.65 -8.80
CA ASN D 375 -60.14 31.35 -7.51
C ASN D 375 -61.42 31.13 -6.68
N ARG D 376 -62.00 29.94 -6.79
CA ARG D 376 -63.15 29.53 -5.98
C ARG D 376 -62.67 28.45 -5.02
N TRP D 377 -62.77 28.74 -3.72
CA TRP D 377 -62.35 27.79 -2.69
C TRP D 377 -63.50 27.53 -1.73
N GLN D 378 -64.31 26.52 -2.06
CA GLN D 378 -65.46 26.11 -1.25
C GLN D 378 -65.45 24.60 -1.04
N ARG D 379 -65.84 24.18 0.18
CA ARG D 379 -65.91 22.76 0.58
C ARG D 379 -66.58 21.85 -0.48
N GLU D 380 -67.69 22.32 -1.03
CA GLU D 380 -68.50 21.53 -1.96
C GLU D 380 -67.75 21.07 -3.22
N GLN D 381 -66.77 21.84 -3.67
CA GLN D 381 -65.91 21.46 -4.82
C GLN D 381 -65.13 20.16 -4.61
N PHE D 382 -64.76 19.88 -3.37
CA PHE D 382 -63.95 18.71 -3.00
C PHE D 382 -64.75 17.59 -2.31
N ILE D 383 -66.07 17.62 -2.40
CA ILE D 383 -66.91 16.67 -1.65
C ILE D 383 -66.77 15.22 -2.14
N GLU D 384 -66.47 15.02 -3.42
CA GLU D 384 -66.20 13.67 -3.94
C GLU D 384 -64.85 13.10 -3.47
N VAL D 385 -63.93 13.97 -3.05
CA VAL D 385 -62.68 13.54 -2.41
C VAL D 385 -62.99 13.01 -1.01
N GLU D 386 -63.87 13.70 -0.27
CA GLU D 386 -64.31 13.25 1.05
C GLU D 386 -65.12 11.96 1.00
N ARG D 387 -66.03 11.86 0.04
CA ARG D 387 -66.89 10.70 -0.10
C ARG D 387 -66.08 9.43 -0.33
N HIS D 388 -65.16 9.49 -1.27
CA HIS D 388 -64.24 8.39 -1.56
C HIS D 388 -63.45 7.96 -0.33
N CYS D 389 -62.88 8.94 0.36
CA CYS D 389 -61.96 8.69 1.45
C CYS D 389 -62.62 8.06 2.68
N LEU D 390 -63.78 8.57 3.05
CA LEU D 390 -64.53 8.04 4.20
C LEU D 390 -65.10 6.65 3.93
N ASN D 391 -65.60 6.44 2.72
CA ASN D 391 -66.04 5.11 2.27
C ASN D 391 -64.93 4.07 2.28
N ALA D 392 -63.76 4.45 1.77
CA ALA D 392 -62.62 3.53 1.69
C ALA D 392 -62.16 3.07 3.06
N VAL D 393 -62.19 3.98 4.04
CA VAL D 393 -61.84 3.65 5.44
C VAL D 393 -62.92 2.77 6.10
N ALA D 394 -64.18 2.98 5.73
CA ALA D 394 -65.28 2.16 6.23
C ALA D 394 -65.19 0.73 5.68
N THR D 395 -64.97 0.62 4.37
CA THR D 395 -64.77 -0.67 3.70
C THR D 395 -63.55 -1.39 4.25
N ASN D 396 -62.44 -0.66 4.33
CA ASN D 396 -61.20 -1.18 4.90
C ASN D 396 -61.45 -1.78 6.30
N ASP D 397 -62.26 -1.11 7.12
CA ASP D 397 -62.61 -1.57 8.47
C ASP D 397 -63.43 -2.87 8.48
N GLN D 398 -64.37 -2.98 7.55
CA GLN D 398 -65.18 -4.20 7.41
C GLN D 398 -64.32 -5.38 6.96
N LEU D 399 -63.49 -5.15 5.95
CA LEU D 399 -62.58 -6.16 5.41
C LEU D 399 -61.60 -6.70 6.46
N VAL D 400 -61.02 -5.82 7.24
CA VAL D 400 -60.03 -6.21 8.24
C VAL D 400 -60.65 -6.93 9.44
N SER D 401 -61.66 -6.35 10.07
CA SER D 401 -62.24 -6.93 11.28
C SER D 401 -62.82 -8.33 11.04
N CYS D 402 -63.41 -8.52 9.87
CA CYS D 402 -63.92 -9.82 9.45
C CYS D 402 -62.80 -10.81 9.14
N SER D 403 -61.73 -10.31 8.52
CA SER D 403 -60.51 -11.10 8.28
C SER D 403 -59.86 -11.58 9.57
N TYR D 404 -59.79 -10.69 10.56
CA TYR D 404 -59.33 -11.04 11.91
C TYR D 404 -60.17 -12.14 12.57
N GLU D 405 -61.47 -12.16 12.27
CA GLU D 405 -62.36 -13.23 12.73
C GLU D 405 -62.13 -14.54 11.98
N ALA D 406 -61.81 -14.44 10.69
CA ALA D 406 -61.48 -15.60 9.86
C ALA D 406 -60.12 -16.25 10.15
N PHE D 407 -59.29 -15.62 10.98
CA PHE D 407 -58.04 -16.23 11.44
C PHE D 407 -58.24 -17.43 12.36
N SER D 408 -59.43 -17.63 12.91
CA SER D 408 -59.66 -18.70 13.91
C SER D 408 -59.50 -20.13 13.38
N ASP D 409 -59.75 -20.32 12.08
CA ASP D 409 -59.61 -21.64 11.44
C ASP D 409 -59.07 -21.48 10.02
N PHE D 410 -58.25 -22.43 9.57
CA PHE D 410 -57.66 -22.35 8.22
C PHE D 410 -58.69 -22.51 7.10
N HIS D 411 -59.54 -23.53 7.22
CA HIS D 411 -60.57 -23.76 6.21
C HIS D 411 -61.49 -22.54 6.09
N LEU D 412 -61.76 -21.89 7.22
CA LEU D 412 -62.54 -20.66 7.21
C LEU D 412 -61.80 -19.53 6.51
N TRP D 413 -60.51 -19.36 6.83
CA TRP D 413 -59.69 -18.37 6.15
C TRP D 413 -59.66 -18.62 4.64
N ASN D 414 -59.40 -19.87 4.27
CA ASN D 414 -59.34 -20.30 2.86
C ASN D 414 -60.55 -19.84 2.05
N VAL D 415 -61.74 -20.03 2.62
CA VAL D 415 -63.00 -19.60 1.99
C VAL D 415 -63.08 -18.08 2.00
N TRP D 416 -62.86 -17.48 3.15
CA TRP D 416 -62.91 -16.01 3.29
C TRP D 416 -61.99 -15.25 2.32
N HIS D 417 -60.77 -15.73 2.10
CA HIS D 417 -59.79 -14.97 1.31
C HIS D 417 -60.23 -14.78 -0.15
N ARG D 418 -61.04 -15.71 -0.66
CA ARG D 418 -61.64 -15.58 -1.99
C ARG D 418 -62.56 -14.36 -2.12
N VAL D 419 -63.19 -13.97 -1.02
CA VAL D 419 -64.04 -12.78 -1.00
C VAL D 419 -63.18 -11.53 -1.21
N TRP D 420 -62.07 -11.44 -0.48
CA TRP D 420 -61.09 -10.36 -0.69
C TRP D 420 -60.55 -10.38 -2.12
N LEU D 421 -60.05 -11.54 -2.53
CA LEU D 421 -59.36 -11.68 -3.83
C LEU D 421 -60.23 -11.28 -5.03
N SER D 422 -61.49 -11.75 -5.04
CA SER D 422 -62.43 -11.47 -6.13
C SER D 422 -62.76 -9.99 -6.26
N GLY D 423 -62.93 -9.32 -5.12
CA GLY D 423 -63.07 -7.86 -5.09
C GLY D 423 -61.85 -7.11 -5.57
N SER D 424 -60.68 -7.52 -5.09
CA SER D 424 -59.41 -6.95 -5.50
C SER D 424 -59.14 -7.14 -7.00
N ASN D 425 -59.43 -8.33 -7.52
CA ASN D 425 -59.29 -8.62 -8.95
C ASN D 425 -60.16 -7.72 -9.82
N LEU D 426 -61.43 -7.57 -9.45
CA LEU D 426 -62.35 -6.65 -10.15
C LEU D 426 -61.94 -5.18 -10.06
N GLY D 427 -61.37 -4.78 -8.91
CA GLY D 427 -60.82 -3.44 -8.75
C GLY D 427 -59.66 -3.17 -9.67
N SER D 428 -58.69 -4.08 -9.70
CA SER D 428 -57.51 -3.99 -10.58
C SER D 428 -57.86 -3.84 -12.06
N ALA D 429 -58.79 -4.68 -12.50
CA ALA D 429 -59.29 -4.68 -13.88
C ALA D 429 -59.98 -3.38 -14.28
N PHE D 430 -60.76 -2.81 -13.37
CA PHE D 430 -61.39 -1.51 -13.59
C PHE D 430 -60.37 -0.37 -13.73
N LEU D 431 -59.34 -0.37 -12.87
CA LEU D 431 -58.24 0.58 -12.98
C LEU D 431 -57.43 0.34 -14.25
N GLN D 432 -57.26 -0.93 -14.61
CA GLN D 432 -56.61 -1.35 -15.86
C GLN D 432 -57.36 -0.79 -17.07
N LYS D 433 -58.70 -0.89 -17.03
CA LYS D 433 -59.56 -0.36 -18.10
C LYS D 433 -59.44 1.15 -18.24
N LEU D 434 -59.49 1.86 -17.12
CA LEU D 434 -59.37 3.32 -17.11
C LEU D 434 -58.02 3.79 -17.67
N LEU D 435 -56.95 3.07 -17.29
CA LEU D 435 -55.59 3.32 -17.83
C LEU D 435 -55.49 3.13 -19.35
N HIS D 436 -56.13 2.08 -19.87
CA HIS D 436 -56.15 1.81 -21.30
C HIS D 436 -56.89 2.91 -22.08
N ASP D 437 -58.07 3.31 -21.57
CA ASP D 437 -58.90 4.37 -22.19
C ASP D 437 -58.17 5.70 -22.28
N LEU D 438 -57.52 6.07 -21.18
CA LEU D 438 -56.78 7.32 -21.09
C LEU D 438 -55.53 7.32 -21.98
N GLU D 439 -54.85 6.19 -22.08
CA GLU D 439 -53.65 6.08 -22.95
C GLU D 439 -53.97 6.15 -24.44
N HIS D 440 -55.14 5.64 -24.85
CA HIS D 440 -55.55 5.67 -26.26
C HIS D 440 -56.26 6.96 -26.68
N SER D 441 -57.10 7.51 -25.81
CA SER D 441 -57.79 8.78 -26.11
C SER D 441 -56.90 10.00 -25.81
N GLY D 442 -56.17 9.95 -24.70
CA GLY D 442 -55.43 11.11 -24.19
C GLY D 442 -56.32 12.14 -23.52
N ASP D 443 -57.56 11.73 -23.18
CA ASP D 443 -58.61 12.64 -22.68
C ASP D 443 -58.63 12.63 -21.14
N ALA D 444 -57.90 13.57 -20.55
CA ALA D 444 -57.78 13.72 -19.10
C ALA D 444 -59.09 14.05 -18.40
N ARG D 445 -59.94 14.82 -19.04
CA ARG D 445 -61.21 15.26 -18.46
C ARG D 445 -62.27 14.14 -18.40
N GLN D 446 -62.28 13.26 -19.40
CA GLN D 446 -63.18 12.08 -19.38
C GLN D 446 -62.67 11.00 -18.41
N PHE D 447 -61.36 10.98 -18.15
CA PHE D 447 -60.83 10.09 -17.12
C PHE D 447 -61.32 10.47 -15.71
N ASP D 448 -61.23 11.76 -15.39
CA ASP D 448 -61.65 12.30 -14.10
C ASP D 448 -63.15 12.10 -13.85
N ALA D 449 -63.95 12.27 -14.91
CA ALA D 449 -65.40 12.02 -14.83
C ALA D 449 -65.70 10.53 -14.65
N ALA D 450 -65.03 9.68 -15.44
CA ALA D 450 -65.16 8.22 -15.35
C ALA D 450 -64.77 7.67 -13.98
N LEU D 451 -63.72 8.23 -13.41
CA LEU D 451 -63.28 7.87 -12.07
C LEU D 451 -64.28 8.39 -11.01
N GLU D 452 -64.77 9.61 -11.20
CA GLU D 452 -65.79 10.17 -10.32
C GLU D 452 -67.15 9.45 -10.42
N ALA D 453 -67.46 8.90 -11.58
CA ALA D 453 -68.77 8.26 -11.86
C ALA D 453 -68.95 6.82 -11.32
N VAL D 454 -67.89 6.23 -10.76
CA VAL D 454 -67.96 4.85 -10.24
C VAL D 454 -69.03 4.73 -9.15
N ARG D 455 -69.77 3.63 -9.20
CA ARG D 455 -70.98 3.45 -8.38
C ARG D 455 -70.70 3.20 -6.90
N PHE D 456 -69.51 2.69 -6.60
CA PHE D 456 -69.11 2.36 -5.23
C PHE D 456 -67.68 2.84 -4.97
N PRO D 457 -67.49 4.17 -4.89
CA PRO D 457 -66.15 4.71 -4.64
C PRO D 457 -65.65 4.33 -3.24
N GLY D 458 -64.42 3.82 -3.18
CA GLY D 458 -63.83 3.33 -1.94
C GLY D 458 -63.94 1.83 -1.72
N CYS D 459 -64.94 1.19 -2.31
CA CYS D 459 -65.11 -0.26 -2.18
C CYS D 459 -64.11 -1.00 -3.10
N LEU D 460 -63.97 -2.31 -2.92
CA LEU D 460 -62.89 -3.08 -3.57
C LEU D 460 -63.02 -3.23 -5.09
N SER D 461 -64.22 -3.58 -5.56
CA SER D 461 -64.50 -3.72 -6.98
C SER D 461 -64.59 -2.37 -7.73
N LEU D 462 -64.93 -1.31 -7.01
CA LEU D 462 -65.13 0.07 -7.52
C LEU D 462 -66.50 0.30 -8.19
N ASP D 463 -66.90 -0.60 -9.10
CA ASP D 463 -68.11 -0.39 -9.91
C ASP D 463 -69.04 -1.60 -10.06
N SER D 464 -68.82 -2.68 -9.30
CA SER D 464 -69.58 -3.93 -9.50
C SER D 464 -70.63 -4.18 -8.40
N PRO D 465 -71.94 -3.99 -8.73
CA PRO D 465 -72.97 -4.19 -7.69
C PRO D 465 -73.11 -5.64 -7.21
N ALA D 466 -72.87 -6.59 -8.11
CA ALA D 466 -72.87 -8.01 -7.75
C ALA D 466 -71.79 -8.34 -6.71
N TYR D 467 -70.56 -7.84 -6.92
CA TYR D 467 -69.48 -8.09 -5.95
C TYR D 467 -69.78 -7.50 -4.58
N GLU D 468 -70.24 -6.25 -4.54
CA GLU D 468 -70.53 -5.57 -3.27
C GLU D 468 -71.67 -6.23 -2.50
N SER D 469 -72.59 -6.87 -3.21
CA SER D 469 -73.59 -7.75 -2.60
C SER D 469 -72.89 -8.93 -1.87
N LEU D 470 -71.97 -9.61 -2.56
CA LEU D 470 -71.18 -10.69 -1.96
C LEU D 470 -70.38 -10.22 -0.74
N PHE D 471 -69.68 -9.11 -0.90
CA PHE D 471 -68.87 -8.53 0.17
C PHE D 471 -69.66 -8.21 1.43
N ARG D 472 -70.77 -7.49 1.27
CA ARG D 472 -71.58 -7.06 2.41
C ARG D 472 -72.25 -8.21 3.14
N GLN D 473 -72.79 -9.16 2.38
CA GLN D 473 -73.41 -10.35 2.95
C GLN D 473 -72.39 -11.22 3.66
N SER D 474 -71.19 -11.35 3.09
CA SER D 474 -70.08 -12.09 3.70
C SER D 474 -69.65 -11.49 5.03
N CYS D 475 -69.47 -10.16 5.04
CA CYS D 475 -69.12 -9.41 6.24
C CYS D 475 -70.18 -9.56 7.33
N GLN D 476 -71.45 -9.52 6.92
CA GLN D 476 -72.57 -9.73 7.84
C GLN D 476 -72.57 -11.14 8.45
N VAL D 477 -72.15 -12.15 7.68
CA VAL D 477 -71.95 -13.51 8.19
C VAL D 477 -70.80 -13.60 9.21
N MET D 478 -69.70 -12.89 8.93
CA MET D 478 -68.53 -12.90 9.82
C MET D 478 -68.77 -12.18 11.14
N GLN D 479 -69.53 -11.08 11.13
CA GLN D 479 -69.84 -10.34 12.35
C GLN D 479 -70.79 -11.13 13.26
N GLN D 480 -71.75 -11.84 12.67
CA GLN D 480 -72.63 -12.75 13.42
C GLN D 480 -71.89 -13.97 13.98
N ALA D 481 -70.88 -14.45 13.25
CA ALA D 481 -70.01 -15.53 13.75
C ALA D 481 -69.23 -15.11 15.00
N ARG D 482 -68.83 -13.84 15.05
CA ARG D 482 -68.16 -13.27 16.21
C ARG D 482 -69.14 -13.13 17.39
N GLU D 483 -70.22 -12.39 17.16
CA GLU D 483 -71.22 -12.07 18.21
C GLU D 483 -71.87 -13.30 18.85
N GLN D 484 -72.19 -14.29 18.03
CA GLN D 484 -72.90 -15.51 18.46
C GLN D 484 -71.96 -16.67 18.77
N ALA D 485 -70.67 -16.55 18.41
CA ALA D 485 -69.67 -17.62 18.54
C ALA D 485 -70.07 -18.89 17.77
N ARG D 486 -70.47 -18.72 16.51
CA ARG D 486 -70.90 -19.83 15.66
C ARG D 486 -69.75 -20.79 15.41
N PRO D 487 -70.06 -22.08 15.11
CA PRO D 487 -68.97 -22.99 14.69
C PRO D 487 -68.32 -22.56 13.38
N VAL D 488 -67.00 -22.69 13.32
CA VAL D 488 -66.22 -22.32 12.13
C VAL D 488 -66.63 -23.07 10.85
N ALA D 489 -67.13 -24.30 11.00
CA ALA D 489 -67.62 -25.11 9.86
C ALA D 489 -68.88 -24.50 9.23
N GLU D 490 -69.85 -24.19 10.08
CA GLU D 490 -71.09 -23.52 9.67
C GLU D 490 -70.81 -22.20 8.95
N THR D 491 -69.97 -21.37 9.55
CA THR D 491 -69.57 -20.08 8.97
C THR D 491 -68.87 -20.24 7.61
N ALA D 492 -67.95 -21.20 7.52
CA ALA D 492 -67.22 -21.47 6.28
C ALA D 492 -68.14 -21.93 5.15
N ASN D 493 -69.06 -22.82 5.47
CA ASN D 493 -70.08 -23.27 4.53
C ASN D 493 -71.02 -22.14 4.09
N ALA D 494 -71.40 -21.27 5.03
CA ALA D 494 -72.24 -20.12 4.71
C ALA D 494 -71.57 -19.15 3.71
N LEU D 495 -70.29 -18.88 3.90
CA LEU D 495 -69.52 -18.05 2.97
C LEU D 495 -69.38 -18.72 1.61
N HIS D 496 -69.22 -20.05 1.64
CA HIS D 496 -69.07 -20.85 0.42
C HIS D 496 -70.31 -20.78 -0.48
N GLU D 497 -71.49 -20.85 0.14
CA GLU D 497 -72.76 -20.72 -0.57
C GLU D 497 -72.92 -19.34 -1.23
N LEU D 498 -72.50 -18.28 -0.52
CA LEU D 498 -72.53 -16.92 -1.07
C LEU D 498 -71.60 -16.75 -2.27
N ILE D 499 -70.38 -17.29 -2.20
CA ILE D 499 -69.44 -17.29 -3.33
C ILE D 499 -70.05 -17.97 -4.56
N LYS D 500 -70.60 -19.17 -4.37
CA LYS D 500 -71.29 -19.90 -5.44
C LYS D 500 -72.48 -19.15 -6.05
N GLU D 501 -73.33 -18.60 -5.18
CA GLU D 501 -74.47 -17.76 -5.61
C GLU D 501 -74.06 -16.54 -6.46
N HIS D 502 -72.92 -15.92 -6.13
CA HIS D 502 -72.44 -14.70 -6.80
C HIS D 502 -71.38 -14.93 -7.88
N GLU D 503 -70.83 -16.14 -7.96
CA GLU D 503 -69.65 -16.45 -8.80
C GLU D 503 -69.77 -16.07 -10.29
N ALA D 504 -70.98 -16.18 -10.83
CA ALA D 504 -71.25 -15.89 -12.23
C ALA D 504 -70.92 -14.46 -12.64
N GLU D 505 -71.16 -13.50 -11.75
CA GLU D 505 -70.84 -12.08 -12.00
C GLU D 505 -69.38 -11.71 -11.72
N LEU D 506 -68.65 -12.58 -11.03
CA LEU D 506 -67.22 -12.42 -10.79
C LEU D 506 -66.40 -12.92 -11.98
N LEU D 507 -65.11 -12.59 -11.98
CA LEU D 507 -64.21 -13.04 -13.05
C LEU D 507 -64.02 -14.56 -13.00
N PRO D 508 -63.91 -15.24 -14.16
CA PRO D 508 -63.90 -16.71 -14.20
C PRO D 508 -62.56 -17.35 -13.80
N LEU D 509 -62.21 -17.21 -12.53
CA LEU D 509 -60.98 -17.77 -11.94
C LEU D 509 -61.21 -19.04 -11.10
N GLY D 510 -62.46 -19.34 -10.77
CA GLY D 510 -62.80 -20.53 -9.98
C GLY D 510 -62.66 -20.29 -8.49
N TYR D 511 -63.25 -19.20 -8.00
CA TYR D 511 -63.18 -18.82 -6.60
C TYR D 511 -63.84 -19.83 -5.67
N SER D 512 -64.87 -20.52 -6.16
CA SER D 512 -65.57 -21.54 -5.38
C SER D 512 -64.83 -22.87 -5.23
N ARG D 513 -63.82 -23.11 -6.06
CA ARG D 513 -63.03 -24.35 -5.96
C ARG D 513 -62.07 -24.33 -4.75
N ILE D 514 -62.59 -24.79 -3.61
CA ILE D 514 -61.90 -24.67 -2.31
C ILE D 514 -60.62 -25.52 -2.22
N SER D 515 -60.59 -26.64 -2.93
CA SER D 515 -59.39 -27.49 -3.00
C SER D 515 -58.18 -26.78 -3.63
N ASN D 516 -58.44 -25.84 -4.55
CA ASN D 516 -57.38 -25.01 -5.15
C ASN D 516 -57.00 -23.85 -4.22
N ARG D 517 -55.87 -24.00 -3.54
CA ARG D 517 -55.38 -22.99 -2.60
C ARG D 517 -54.47 -21.91 -3.23
N PHE D 518 -54.14 -22.08 -4.50
CA PHE D 518 -53.29 -21.14 -5.24
C PHE D 518 -54.03 -20.64 -6.50
N ILE D 519 -55.01 -19.76 -6.28
CA ILE D 519 -55.89 -19.29 -7.35
C ILE D 519 -55.09 -18.51 -8.40
N LEU D 520 -54.83 -19.16 -9.54
CA LEU D 520 -54.03 -18.58 -10.63
C LEU D 520 -54.85 -17.59 -11.46
N LYS D 521 -54.15 -16.82 -12.30
CA LYS D 521 -54.76 -15.80 -13.16
C LYS D 521 -54.77 -16.20 -14.63
#